data_2K3D
#
_entry.id   2K3D
#
_entity_poly.entity_id   1
_entity_poly.type   'polypeptide(L)'
_entity_poly.pdbx_seq_one_letter_code
;AFFNEQKEKVTLYLKHNIPDFNTVTFTNEEFNPIGISIDGYINNDKNLSFTAGKDVKIFSSSEELDKMFQEPRKGYDEIL
EHHHHHH
;
_entity_poly.pdbx_strand_id   A
#
# COMPACT_ATOMS: atom_id res chain seq x y z
N ALA A 1 -0.81 -17.55 0.50
CA ALA A 1 -1.24 -17.35 1.92
C ALA A 1 -1.92 -15.99 2.06
N PHE A 2 -2.71 -15.82 3.09
CA PHE A 2 -3.42 -14.54 3.31
C PHE A 2 -2.41 -13.40 3.47
N PHE A 3 -1.36 -13.64 4.22
CA PHE A 3 -0.32 -12.58 4.43
C PHE A 3 0.34 -12.26 3.08
N ASN A 4 0.60 -13.27 2.30
CA ASN A 4 1.25 -13.05 0.97
C ASN A 4 0.34 -12.21 0.09
N GLU A 5 -0.94 -12.46 0.13
CA GLU A 5 -1.90 -11.68 -0.72
C GLU A 5 -1.90 -10.22 -0.28
N GLN A 6 -1.86 -9.97 1.00
CA GLN A 6 -1.86 -8.57 1.49
C GLN A 6 -0.61 -7.85 0.98
N LYS A 7 0.52 -8.52 1.00
CA LYS A 7 1.77 -7.89 0.52
C LYS A 7 1.64 -7.58 -0.97
N GLU A 8 1.08 -8.48 -1.72
CA GLU A 8 0.93 -8.27 -3.19
C GLU A 8 -0.03 -7.10 -3.44
N LYS A 9 -1.11 -7.03 -2.72
CA LYS A 9 -2.09 -5.94 -2.92
C LYS A 9 -1.44 -4.60 -2.55
N VAL A 10 -0.74 -4.55 -1.45
CA VAL A 10 -0.09 -3.28 -1.02
C VAL A 10 0.97 -2.86 -2.04
N THR A 11 1.79 -3.79 -2.48
CA THR A 11 2.85 -3.43 -3.46
C THR A 11 2.21 -2.94 -4.74
N LEU A 12 1.24 -3.65 -5.24
CA LEU A 12 0.56 -3.24 -6.51
C LEU A 12 -0.15 -1.90 -6.30
N TYR A 13 -0.80 -1.76 -5.18
CA TYR A 13 -1.53 -0.49 -4.90
C TYR A 13 -0.55 0.68 -4.81
N LEU A 14 0.59 0.46 -4.19
CA LEU A 14 1.57 1.57 -4.04
C LEU A 14 2.04 2.06 -5.40
N LYS A 15 2.38 1.16 -6.29
CA LYS A 15 2.87 1.59 -7.63
C LYS A 15 1.73 2.22 -8.43
N HIS A 16 0.51 1.82 -8.19
CA HIS A 16 -0.64 2.38 -8.94
C HIS A 16 -0.84 3.84 -8.56
N ASN A 17 -0.69 4.16 -7.30
CA ASN A 17 -0.89 5.58 -6.87
C ASN A 17 0.47 6.27 -6.84
N ILE A 18 1.51 5.53 -7.12
CA ILE A 18 2.88 6.12 -7.12
C ILE A 18 3.67 5.56 -8.32
N PRO A 19 3.67 6.24 -9.45
CA PRO A 19 4.39 5.76 -10.67
C PRO A 19 5.91 5.83 -10.47
N ASP A 20 6.34 6.57 -9.48
CA ASP A 20 7.80 6.71 -9.21
C ASP A 20 8.21 5.60 -8.23
N PHE A 21 7.30 4.72 -7.90
CA PHE A 21 7.62 3.62 -6.95
C PHE A 21 8.80 2.79 -7.48
N ASN A 22 9.74 2.51 -6.61
CA ASN A 22 10.93 1.70 -7.02
C ASN A 22 10.86 0.33 -6.34
N THR A 23 10.80 0.30 -5.03
CA THR A 23 10.73 -1.00 -4.31
C THR A 23 10.04 -0.82 -2.97
N VAL A 24 9.54 -1.90 -2.40
CA VAL A 24 8.84 -1.82 -1.07
C VAL A 24 9.51 -2.80 -0.10
N THR A 25 9.77 -2.36 1.11
CA THR A 25 10.43 -3.24 2.12
C THR A 25 9.55 -3.34 3.36
N PHE A 26 9.22 -4.53 3.77
CA PHE A 26 8.36 -4.72 4.98
C PHE A 26 9.26 -5.00 6.18
N THR A 27 8.88 -4.52 7.33
CA THR A 27 9.70 -4.76 8.55
C THR A 27 8.84 -4.50 9.79
N ASN A 28 7.78 -5.25 9.94
CA ASN A 28 6.88 -5.09 11.13
C ASN A 28 6.03 -6.35 11.27
N GLU A 29 4.95 -6.43 10.53
CA GLU A 29 4.05 -7.62 10.62
C GLU A 29 3.60 -7.82 12.07
N GLU A 30 2.70 -7.00 12.53
CA GLU A 30 2.21 -7.10 13.94
C GLU A 30 0.70 -7.35 13.93
N PHE A 31 0.20 -8.03 14.93
CA PHE A 31 -1.26 -8.32 15.01
C PHE A 31 -1.95 -7.23 15.80
N ASN A 32 -2.88 -6.54 15.19
CA ASN A 32 -3.62 -5.46 15.89
C ASN A 32 -5.02 -5.96 16.29
N PRO A 33 -5.62 -5.38 17.30
CA PRO A 33 -6.99 -5.78 17.74
C PRO A 33 -7.97 -5.91 16.57
N ILE A 34 -7.87 -5.04 15.59
CA ILE A 34 -8.78 -5.11 14.42
C ILE A 34 -8.45 -6.36 13.61
N GLY A 35 -7.21 -6.69 13.50
CA GLY A 35 -6.80 -7.89 12.72
C GLY A 35 -5.28 -7.91 12.55
N ILE A 36 -4.80 -7.46 11.42
CA ILE A 36 -3.33 -7.45 11.17
C ILE A 36 -2.86 -6.03 10.82
N SER A 37 -1.60 -5.78 11.01
CA SER A 37 -1.04 -4.42 10.70
C SER A 37 0.33 -4.60 10.06
N ILE A 38 0.51 -4.05 8.87
CA ILE A 38 1.81 -4.17 8.15
C ILE A 38 2.41 -2.78 7.95
N ASP A 39 3.67 -2.61 8.24
CA ASP A 39 4.32 -1.28 8.07
C ASP A 39 5.64 -1.46 7.31
N GLY A 40 6.01 -0.49 6.52
CA GLY A 40 7.28 -0.61 5.75
C GLY A 40 7.57 0.72 5.05
N TYR A 41 8.54 0.75 4.18
CA TYR A 41 8.88 2.01 3.47
C TYR A 41 9.25 1.71 2.02
N ILE A 42 9.28 2.73 1.19
CA ILE A 42 9.61 2.55 -0.25
C ILE A 42 10.84 3.37 -0.66
N ASN A 43 11.43 3.03 -1.78
CA ASN A 43 12.63 3.77 -2.27
C ASN A 43 13.75 3.73 -1.23
N ASN A 44 13.83 2.65 -0.49
CA ASN A 44 14.91 2.52 0.55
C ASN A 44 14.98 3.77 1.40
N ASP A 45 13.88 4.49 1.53
CA ASP A 45 13.86 5.73 2.36
C ASP A 45 13.07 5.49 3.64
N LYS A 46 13.74 5.41 4.75
CA LYS A 46 13.05 5.17 6.05
C LYS A 46 12.02 6.28 6.30
N ASN A 47 12.29 7.46 5.84
CA ASN A 47 11.34 8.59 6.04
C ASN A 47 10.01 8.27 5.33
N LEU A 48 10.09 7.69 4.16
CA LEU A 48 8.85 7.37 3.41
C LEU A 48 8.27 6.05 3.93
N SER A 49 7.58 6.11 5.05
CA SER A 49 6.99 4.88 5.66
C SER A 49 5.48 4.83 5.41
N PHE A 50 4.93 3.64 5.38
CA PHE A 50 3.46 3.48 5.15
C PHE A 50 2.92 2.38 6.07
N THR A 51 1.67 2.48 6.44
CA THR A 51 1.05 1.46 7.34
C THR A 51 -0.31 1.04 6.80
N ALA A 52 -0.59 -0.23 6.80
CA ALA A 52 -1.91 -0.71 6.30
C ALA A 52 -2.29 -1.99 7.06
N GLY A 53 -3.57 -2.27 7.13
CA GLY A 53 -4.05 -3.48 7.86
C GLY A 53 -4.82 -4.39 6.91
N LYS A 54 -5.99 -4.82 7.30
CA LYS A 54 -6.79 -5.74 6.44
C LYS A 54 -7.08 -5.09 5.09
N ASP A 55 -6.79 -5.80 4.03
CA ASP A 55 -7.04 -5.26 2.66
C ASP A 55 -6.57 -3.82 2.55
N VAL A 56 -6.84 -3.18 1.44
CA VAL A 56 -6.41 -1.77 1.25
C VAL A 56 -7.56 -0.83 1.65
N LYS A 57 -8.48 -1.32 2.45
CA LYS A 57 -9.62 -0.46 2.88
C LYS A 57 -9.09 0.70 3.70
N ILE A 58 -8.14 0.45 4.57
CA ILE A 58 -7.55 1.53 5.41
C ILE A 58 -6.07 1.65 5.09
N PHE A 59 -5.63 2.84 4.75
CA PHE A 59 -4.19 3.04 4.41
C PHE A 59 -3.69 4.33 5.07
N SER A 60 -2.52 4.29 5.68
CA SER A 60 -1.98 5.50 6.35
C SER A 60 -0.51 5.67 5.98
N SER A 61 -0.06 6.89 5.84
CA SER A 61 1.35 7.13 5.45
C SER A 61 1.83 8.49 5.98
N SER A 62 3.12 8.68 6.01
CA SER A 62 3.68 9.96 6.52
C SER A 62 3.33 11.12 5.58
N GLU A 63 3.53 12.33 6.02
CA GLU A 63 3.22 13.51 5.17
C GLU A 63 4.16 13.54 3.96
N GLU A 64 5.40 13.16 4.17
CA GLU A 64 6.38 13.16 3.05
C GLU A 64 5.97 12.11 2.02
N LEU A 65 5.37 11.04 2.45
CA LEU A 65 4.95 9.96 1.51
C LEU A 65 3.53 10.25 1.03
N ASP A 66 2.80 11.08 1.75
CA ASP A 66 1.41 11.41 1.35
C ASP A 66 1.42 12.32 0.13
N LYS A 67 2.30 13.29 0.10
CA LYS A 67 2.36 14.24 -1.04
C LYS A 67 2.74 13.49 -2.31
N MET A 68 3.34 12.34 -2.18
CA MET A 68 3.74 11.56 -3.37
C MET A 68 2.49 11.12 -4.13
N PHE A 69 1.44 10.82 -3.43
CA PHE A 69 0.20 10.37 -4.10
C PHE A 69 -0.36 11.49 -4.97
N GLN A 70 -0.71 11.17 -6.18
CA GLN A 70 -1.28 12.17 -7.12
C GLN A 70 -2.74 11.80 -7.39
N GLU A 71 -3.10 10.58 -7.08
CA GLU A 71 -4.50 10.11 -7.31
C GLU A 71 -5.14 9.70 -5.98
N PRO A 72 -6.45 9.78 -5.89
CA PRO A 72 -7.21 9.40 -4.65
C PRO A 72 -7.11 7.91 -4.31
N ARG A 73 -7.33 7.57 -3.08
CA ARG A 73 -7.23 6.15 -2.65
C ARG A 73 -8.35 5.32 -3.27
N LYS A 74 -8.03 4.11 -3.66
CA LYS A 74 -9.05 3.20 -4.27
C LYS A 74 -8.82 1.78 -3.76
N GLY A 75 -9.86 1.01 -3.69
CA GLY A 75 -9.74 -0.40 -3.19
C GLY A 75 -8.94 -1.25 -4.18
N TYR A 76 -8.39 -2.33 -3.70
CA TYR A 76 -7.59 -3.25 -4.57
C TYR A 76 -8.48 -3.78 -5.70
N ASP A 77 -9.68 -4.18 -5.37
CA ASP A 77 -10.60 -4.72 -6.41
C ASP A 77 -10.97 -3.60 -7.40
N GLU A 78 -11.09 -2.39 -6.92
CA GLU A 78 -11.47 -1.25 -7.82
C GLU A 78 -10.40 -1.07 -8.89
N ILE A 79 -9.16 -1.00 -8.49
CA ILE A 79 -8.05 -0.80 -9.47
C ILE A 79 -7.95 -2.05 -10.36
N LEU A 80 -8.14 -3.21 -9.79
CA LEU A 80 -8.04 -4.46 -10.60
C LEU A 80 -9.10 -4.45 -11.69
N GLU A 81 -10.31 -4.07 -11.35
CA GLU A 81 -11.40 -4.04 -12.36
C GLU A 81 -11.16 -2.91 -13.36
N HIS A 82 -10.67 -1.79 -12.88
CA HIS A 82 -10.41 -0.63 -13.78
C HIS A 82 -11.66 -0.32 -14.60
N HIS A 83 -12.82 -0.71 -14.11
CA HIS A 83 -14.09 -0.45 -14.85
C HIS A 83 -13.99 -1.04 -16.26
N HIS A 84 -13.05 -1.92 -16.46
CA HIS A 84 -12.88 -2.54 -17.81
C HIS A 84 -13.61 -3.87 -17.86
N HIS A 85 -14.52 -4.02 -18.78
CA HIS A 85 -15.28 -5.30 -18.89
C HIS A 85 -15.80 -5.46 -20.32
N HIS A 86 -16.28 -6.63 -20.66
CA HIS A 86 -16.78 -6.88 -22.03
C HIS A 86 -18.19 -6.29 -22.19
N HIS A 87 -18.51 -5.83 -23.38
CA HIS A 87 -19.86 -5.24 -23.62
C HIS A 87 -20.18 -5.38 -25.12
N ALA A 1 1.05 -19.08 4.31
CA ALA A 1 1.14 -17.79 5.06
C ALA A 1 0.28 -16.72 4.37
N PHE A 2 -0.84 -16.42 4.94
CA PHE A 2 -1.75 -15.39 4.36
C PHE A 2 -1.04 -14.03 4.35
N PHE A 3 -0.01 -13.88 5.13
CA PHE A 3 0.73 -12.58 5.19
C PHE A 3 1.38 -12.30 3.82
N ASN A 4 1.84 -13.33 3.16
CA ASN A 4 2.49 -13.14 1.83
C ASN A 4 1.47 -12.59 0.82
N GLU A 5 0.28 -13.10 0.86
CA GLU A 5 -0.77 -12.63 -0.09
C GLU A 5 -1.15 -11.19 0.21
N GLN A 6 -1.24 -10.85 1.47
CA GLN A 6 -1.61 -9.46 1.84
C GLN A 6 -0.47 -8.51 1.46
N LYS A 7 0.74 -8.96 1.60
CA LYS A 7 1.92 -8.12 1.26
C LYS A 7 1.87 -7.77 -0.24
N GLU A 8 1.55 -8.74 -1.05
CA GLU A 8 1.48 -8.50 -2.53
C GLU A 8 0.34 -7.51 -2.85
N LYS A 9 -0.76 -7.64 -2.18
CA LYS A 9 -1.92 -6.73 -2.44
C LYS A 9 -1.53 -5.28 -2.09
N VAL A 10 -0.87 -5.10 -0.99
CA VAL A 10 -0.45 -3.73 -0.58
C VAL A 10 0.55 -3.19 -1.59
N THR A 11 1.47 -4.00 -2.01
CA THR A 11 2.49 -3.56 -2.99
C THR A 11 1.79 -3.13 -4.28
N LEU A 12 0.85 -3.91 -4.72
CA LEU A 12 0.10 -3.55 -5.96
C LEU A 12 -0.68 -2.26 -5.71
N TYR A 13 -1.28 -2.15 -4.57
CA TYR A 13 -2.06 -0.92 -4.24
C TYR A 13 -1.12 0.29 -4.25
N LEU A 14 0.01 0.15 -3.61
CA LEU A 14 0.99 1.28 -3.57
C LEU A 14 1.52 1.54 -4.99
N LYS A 15 1.75 0.51 -5.74
CA LYS A 15 2.28 0.68 -7.12
C LYS A 15 1.31 1.55 -7.95
N HIS A 16 0.04 1.25 -7.91
CA HIS A 16 -0.95 2.05 -8.70
C HIS A 16 -1.18 3.41 -8.02
N ASN A 17 -1.30 3.42 -6.72
CA ASN A 17 -1.52 4.71 -5.99
C ASN A 17 -0.30 5.60 -6.15
N ILE A 18 0.87 5.01 -6.09
CA ILE A 18 2.13 5.81 -6.22
C ILE A 18 2.75 5.59 -7.60
N PRO A 19 2.71 6.57 -8.47
CA PRO A 19 3.27 6.43 -9.86
C PRO A 19 4.80 6.40 -9.83
N ASP A 20 5.38 6.83 -8.75
CA ASP A 20 6.87 6.84 -8.62
C ASP A 20 7.32 5.58 -7.88
N PHE A 21 6.44 4.62 -7.73
CA PHE A 21 6.80 3.37 -7.01
C PHE A 21 7.99 2.69 -7.69
N ASN A 22 8.99 2.36 -6.92
CA ASN A 22 10.20 1.69 -7.47
C ASN A 22 10.46 0.38 -6.70
N THR A 23 10.54 0.47 -5.40
CA THR A 23 10.78 -0.77 -4.58
C THR A 23 10.05 -0.66 -3.25
N VAL A 24 9.80 -1.78 -2.63
CA VAL A 24 9.08 -1.79 -1.31
C VAL A 24 9.74 -2.80 -0.37
N THR A 25 9.89 -2.43 0.88
CA THR A 25 10.52 -3.35 1.88
C THR A 25 9.65 -3.43 3.13
N PHE A 26 9.25 -4.62 3.49
CA PHE A 26 8.40 -4.82 4.69
C PHE A 26 9.25 -5.30 5.87
N THR A 27 9.31 -4.52 6.91
CA THR A 27 10.12 -4.90 8.10
C THR A 27 9.56 -4.21 9.35
N ASN A 28 8.27 -3.97 9.36
CA ASN A 28 7.63 -3.30 10.53
C ASN A 28 6.20 -3.84 10.69
N GLU A 29 5.91 -4.94 10.06
CA GLU A 29 4.54 -5.53 10.16
C GLU A 29 4.16 -5.79 11.61
N GLU A 30 2.93 -5.55 11.94
CA GLU A 30 2.45 -5.77 13.36
C GLU A 30 0.99 -6.22 13.34
N PHE A 31 0.59 -6.92 14.37
CA PHE A 31 -0.82 -7.42 14.45
C PHE A 31 -1.75 -6.27 14.80
N ASN A 32 -2.90 -6.25 14.19
CA ASN A 32 -3.88 -5.17 14.47
C ASN A 32 -5.11 -5.76 15.20
N PRO A 33 -5.65 -5.06 16.17
CA PRO A 33 -6.86 -5.53 16.91
C PRO A 33 -7.96 -6.00 15.95
N ILE A 34 -8.10 -5.34 14.83
CA ILE A 34 -9.14 -5.73 13.84
C ILE A 34 -8.57 -6.81 12.92
N GLY A 35 -7.31 -7.10 13.04
CA GLY A 35 -6.68 -8.14 12.18
C GLY A 35 -5.17 -7.93 12.11
N ILE A 36 -4.67 -7.62 10.94
CA ILE A 36 -3.20 -7.41 10.76
C ILE A 36 -2.93 -6.06 10.11
N SER A 37 -1.75 -5.54 10.29
CA SER A 37 -1.39 -4.22 9.68
C SER A 37 -0.07 -4.36 8.92
N ILE A 38 -0.05 -3.87 7.72
CA ILE A 38 1.19 -3.95 6.88
C ILE A 38 1.94 -2.63 6.94
N ASP A 39 3.15 -2.66 7.43
CA ASP A 39 3.97 -1.43 7.54
C ASP A 39 5.28 -1.62 6.79
N GLY A 40 5.74 -0.58 6.14
CA GLY A 40 7.01 -0.69 5.39
C GLY A 40 7.34 0.65 4.73
N TYR A 41 8.31 0.65 3.84
CA TYR A 41 8.70 1.92 3.15
C TYR A 41 9.13 1.61 1.72
N ILE A 42 9.21 2.62 0.91
CA ILE A 42 9.61 2.44 -0.53
C ILE A 42 10.83 3.28 -0.86
N ASN A 43 11.45 2.97 -1.97
CA ASN A 43 12.67 3.71 -2.40
C ASN A 43 13.76 3.61 -1.33
N ASN A 44 13.78 2.51 -0.62
CA ASN A 44 14.79 2.29 0.45
C ASN A 44 14.90 3.53 1.34
N ASP A 45 13.82 4.25 1.49
CA ASP A 45 13.84 5.49 2.33
C ASP A 45 12.96 5.27 3.57
N LYS A 46 13.59 5.19 4.72
CA LYS A 46 12.82 4.98 5.98
C LYS A 46 11.81 6.11 6.17
N ASN A 47 12.15 7.29 5.71
CA ASN A 47 11.22 8.45 5.86
C ASN A 47 9.93 8.17 5.07
N LEU A 48 10.06 7.57 3.92
CA LEU A 48 8.85 7.27 3.09
C LEU A 48 8.20 5.97 3.59
N SER A 49 7.51 6.05 4.70
CA SER A 49 6.85 4.84 5.26
C SER A 49 5.36 4.83 4.92
N PHE A 50 4.76 3.67 4.99
CA PHE A 50 3.30 3.56 4.66
C PHE A 50 2.66 2.48 5.53
N THR A 51 1.39 2.64 5.82
CA THR A 51 0.67 1.64 6.66
C THR A 51 -0.65 1.26 6.00
N ALA A 52 -0.97 -0.01 5.97
CA ALA A 52 -2.24 -0.47 5.34
C ALA A 52 -2.94 -1.46 6.28
N GLY A 53 -4.24 -1.44 6.26
CA GLY A 53 -5.02 -2.37 7.14
C GLY A 53 -5.40 -3.62 6.36
N LYS A 54 -4.82 -4.74 6.76
CA LYS A 54 -5.10 -6.05 6.09
C LYS A 54 -5.54 -5.85 4.64
N ASP A 55 -6.80 -6.05 4.38
CA ASP A 55 -7.32 -5.90 2.99
C ASP A 55 -7.29 -4.41 2.59
N VAL A 56 -6.24 -3.73 2.93
CA VAL A 56 -6.11 -2.29 2.58
C VAL A 56 -7.36 -1.54 3.02
N LYS A 57 -7.90 -1.92 4.15
CA LYS A 57 -9.11 -1.23 4.68
C LYS A 57 -8.78 0.23 4.98
N ILE A 58 -7.64 0.47 5.56
CA ILE A 58 -7.23 1.87 5.88
C ILE A 58 -5.78 2.09 5.47
N PHE A 59 -5.51 3.15 4.77
CA PHE A 59 -4.12 3.45 4.32
C PHE A 59 -3.69 4.83 4.79
N SER A 60 -2.51 4.93 5.35
CA SER A 60 -1.98 6.22 5.86
C SER A 60 -0.59 6.47 5.27
N SER A 61 -0.22 7.72 5.14
CA SER A 61 1.11 8.08 4.57
C SER A 61 1.82 9.09 5.48
N SER A 62 3.13 9.07 5.45
CA SER A 62 3.92 10.00 6.30
C SER A 62 3.96 11.40 5.68
N GLU A 63 4.49 12.33 6.40
CA GLU A 63 4.58 13.74 5.90
C GLU A 63 5.38 13.77 4.59
N GLU A 64 6.47 13.06 4.55
CA GLU A 64 7.31 13.04 3.31
C GLU A 64 6.57 12.26 2.21
N LEU A 65 5.88 11.23 2.59
CA LEU A 65 5.13 10.41 1.59
C LEU A 65 3.80 11.10 1.25
N ASP A 66 3.39 12.02 2.09
CA ASP A 66 2.09 12.72 1.85
C ASP A 66 2.11 13.48 0.51
N LYS A 67 3.17 14.21 0.26
CA LYS A 67 3.26 14.98 -1.01
C LYS A 67 3.20 14.04 -2.22
N MET A 68 3.91 12.95 -2.18
CA MET A 68 3.89 11.99 -3.32
C MET A 68 2.50 11.37 -3.46
N PHE A 69 1.87 11.07 -2.35
CA PHE A 69 0.52 10.45 -2.42
C PHE A 69 -0.52 11.49 -2.80
N GLN A 70 -1.03 11.40 -3.99
CA GLN A 70 -2.06 12.37 -4.47
C GLN A 70 -3.04 11.62 -5.38
N GLU A 71 -2.90 10.32 -5.46
CA GLU A 71 -3.81 9.50 -6.32
C GLU A 71 -4.51 8.45 -5.45
N PRO A 72 -5.57 8.82 -4.79
CA PRO A 72 -6.33 7.91 -3.90
C PRO A 72 -7.36 7.05 -4.64
N ARG A 73 -7.18 5.76 -4.58
CA ARG A 73 -8.10 4.82 -5.28
C ARG A 73 -9.36 4.60 -4.43
N LYS A 74 -10.35 4.02 -5.04
CA LYS A 74 -11.64 3.76 -4.32
C LYS A 74 -11.57 2.39 -3.63
N GLY A 75 -10.51 1.65 -3.85
CA GLY A 75 -10.38 0.32 -3.18
C GLY A 75 -9.48 -0.61 -4.00
N TYR A 76 -9.05 -1.69 -3.40
CA TYR A 76 -8.18 -2.67 -4.10
C TYR A 76 -8.94 -3.26 -5.29
N ASP A 77 -10.25 -3.22 -5.24
CA ASP A 77 -11.06 -3.76 -6.36
C ASP A 77 -11.15 -2.74 -7.51
N GLU A 78 -11.02 -1.49 -7.20
CA GLU A 78 -11.09 -0.44 -8.25
C GLU A 78 -9.83 -0.46 -9.12
N ILE A 79 -8.69 -0.63 -8.49
CA ILE A 79 -7.40 -0.65 -9.27
C ILE A 79 -7.41 -1.78 -10.30
N LEU A 80 -8.20 -2.79 -10.06
CA LEU A 80 -8.27 -3.94 -11.02
C LEU A 80 -8.87 -3.47 -12.36
N GLU A 81 -9.78 -2.53 -12.30
CA GLU A 81 -10.42 -2.02 -13.55
C GLU A 81 -9.35 -1.56 -14.55
N HIS A 82 -8.15 -1.34 -14.08
CA HIS A 82 -7.06 -0.89 -14.99
C HIS A 82 -6.87 -1.92 -16.11
N HIS A 83 -6.97 -3.18 -15.80
CA HIS A 83 -6.80 -4.25 -16.83
C HIS A 83 -8.18 -4.71 -17.31
N HIS A 84 -8.85 -3.87 -18.04
CA HIS A 84 -10.21 -4.23 -18.57
C HIS A 84 -10.05 -5.13 -19.80
N HIS A 85 -8.83 -5.34 -20.22
CA HIS A 85 -8.57 -6.19 -21.42
C HIS A 85 -9.25 -7.56 -21.22
N HIS A 86 -8.66 -8.41 -20.41
CA HIS A 86 -9.24 -9.75 -20.16
C HIS A 86 -10.63 -9.61 -19.54
N HIS A 87 -10.75 -8.72 -18.58
CA HIS A 87 -12.07 -8.53 -17.91
C HIS A 87 -12.02 -7.24 -17.08
N ALA A 1 1.57 -18.42 2.47
CA ALA A 1 0.94 -17.79 1.29
C ALA A 1 -0.07 -16.74 1.77
N PHE A 2 -0.51 -16.87 3.00
CA PHE A 2 -1.51 -15.92 3.57
C PHE A 2 -0.91 -14.51 3.60
N PHE A 3 0.32 -14.40 4.01
CA PHE A 3 0.98 -13.07 4.10
C PHE A 3 1.58 -12.71 2.74
N ASN A 4 1.92 -13.69 1.95
CA ASN A 4 2.54 -13.44 0.61
C ASN A 4 1.55 -12.69 -0.27
N GLU A 5 0.32 -13.11 -0.28
CA GLU A 5 -0.72 -12.44 -1.13
C GLU A 5 -0.95 -11.02 -0.63
N GLN A 6 -0.92 -10.84 0.66
CA GLN A 6 -1.16 -9.48 1.24
C GLN A 6 -0.06 -8.52 0.78
N LYS A 7 1.17 -8.96 0.79
CA LYS A 7 2.30 -8.08 0.37
C LYS A 7 2.18 -7.71 -1.11
N GLU A 8 1.78 -8.66 -1.93
CA GLU A 8 1.65 -8.38 -3.39
C GLU A 8 0.58 -7.30 -3.61
N LYS A 9 -0.49 -7.37 -2.87
CA LYS A 9 -1.59 -6.36 -3.02
C LYS A 9 -1.06 -4.97 -2.66
N VAL A 10 -0.28 -4.88 -1.62
CA VAL A 10 0.27 -3.57 -1.18
C VAL A 10 1.21 -3.03 -2.25
N THR A 11 2.03 -3.88 -2.80
CA THR A 11 3.00 -3.44 -3.85
C THR A 11 2.24 -2.92 -5.07
N LEU A 12 1.20 -3.61 -5.46
CA LEU A 12 0.41 -3.19 -6.65
C LEU A 12 -0.21 -1.81 -6.38
N TYR A 13 -0.71 -1.60 -5.19
CA TYR A 13 -1.34 -0.30 -4.84
C TYR A 13 -0.31 0.83 -5.00
N LEU A 14 0.88 0.63 -4.49
CA LEU A 14 1.93 1.66 -4.58
C LEU A 14 2.30 1.92 -6.05
N LYS A 15 2.40 0.88 -6.81
CA LYS A 15 2.81 1.03 -8.24
C LYS A 15 1.78 1.89 -8.98
N HIS A 16 0.53 1.67 -8.71
CA HIS A 16 -0.54 2.44 -9.41
C HIS A 16 -0.82 3.76 -8.69
N ASN A 17 -0.53 3.84 -7.42
CA ASN A 17 -0.79 5.10 -6.65
C ASN A 17 0.51 5.91 -6.57
N ILE A 18 1.61 5.30 -6.93
CA ILE A 18 2.93 6.00 -6.90
C ILE A 18 3.81 5.45 -8.03
N PRO A 19 3.71 6.03 -9.21
CA PRO A 19 4.52 5.59 -10.38
C PRO A 19 6.02 5.57 -10.09
N ASP A 20 6.47 6.43 -9.22
CA ASP A 20 7.92 6.49 -8.88
C ASP A 20 8.25 5.36 -7.90
N PHE A 21 7.30 4.50 -7.64
CA PHE A 21 7.53 3.37 -6.70
C PHE A 21 8.63 2.46 -7.22
N ASN A 22 9.58 2.16 -6.38
CA ASN A 22 10.71 1.27 -6.78
C ASN A 22 10.53 -0.09 -6.10
N THR A 23 10.43 -0.09 -4.80
CA THR A 23 10.25 -1.37 -4.05
C THR A 23 9.70 -1.09 -2.65
N VAL A 24 9.23 -2.12 -1.99
CA VAL A 24 8.67 -1.95 -0.61
C VAL A 24 9.33 -2.94 0.34
N THR A 25 9.67 -2.47 1.52
CA THR A 25 10.34 -3.35 2.54
C THR A 25 9.46 -3.44 3.78
N PHE A 26 9.11 -4.65 4.16
CA PHE A 26 8.26 -4.85 5.37
C PHE A 26 9.11 -5.42 6.50
N THR A 27 9.17 -4.70 7.59
CA THR A 27 9.97 -5.15 8.76
C THR A 27 9.25 -4.71 10.05
N ASN A 28 8.60 -3.57 10.00
CA ASN A 28 7.88 -3.04 11.21
C ASN A 28 6.65 -3.93 11.50
N GLU A 29 5.63 -3.80 10.70
CA GLU A 29 4.37 -4.60 10.88
C GLU A 29 3.80 -4.43 12.28
N GLU A 30 2.51 -4.56 12.40
CA GLU A 30 1.84 -4.42 13.71
C GLU A 30 0.46 -5.06 13.67
N PHE A 31 0.05 -5.65 14.77
CA PHE A 31 -1.28 -6.32 14.85
C PHE A 31 -2.32 -5.34 15.38
N ASN A 32 -3.50 -5.38 14.82
CA ASN A 32 -4.60 -4.48 15.26
C ASN A 32 -5.87 -5.30 15.50
N PRO A 33 -6.71 -4.86 16.41
CA PRO A 33 -8.00 -5.55 16.73
C PRO A 33 -8.81 -5.86 15.47
N ILE A 34 -8.76 -5.00 14.50
CA ILE A 34 -9.52 -5.20 13.24
C ILE A 34 -8.87 -6.32 12.42
N GLY A 35 -7.74 -6.81 12.88
CA GLY A 35 -7.04 -7.90 12.15
C GLY A 35 -5.53 -7.67 12.18
N ILE A 36 -4.95 -7.50 11.03
CA ILE A 36 -3.47 -7.27 10.94
C ILE A 36 -3.19 -6.02 10.13
N SER A 37 -2.06 -5.41 10.37
CA SER A 37 -1.67 -4.18 9.63
C SER A 37 -0.20 -4.27 9.22
N ILE A 38 0.06 -3.98 7.97
CA ILE A 38 1.46 -4.04 7.44
C ILE A 38 2.09 -2.66 7.52
N ASP A 39 3.25 -2.59 8.12
CA ASP A 39 3.96 -1.29 8.27
C ASP A 39 5.39 -1.42 7.75
N GLY A 40 5.84 -0.43 7.01
CA GLY A 40 7.22 -0.46 6.45
C GLY A 40 7.51 0.84 5.70
N TYR A 41 8.38 0.74 4.72
CA TYR A 41 8.76 1.95 3.92
C TYR A 41 9.03 1.57 2.47
N ILE A 42 8.99 2.55 1.59
CA ILE A 42 9.21 2.28 0.14
C ILE A 42 10.40 3.08 -0.39
N ASN A 43 10.89 2.68 -1.54
CA ASN A 43 12.06 3.36 -2.18
C ASN A 43 13.26 3.33 -1.23
N ASN A 44 13.37 2.26 -0.47
CA ASN A 44 14.50 2.09 0.50
C ASN A 44 14.74 3.37 1.28
N ASP A 45 13.70 4.15 1.49
CA ASP A 45 13.84 5.42 2.26
C ASP A 45 13.09 5.29 3.59
N LYS A 46 13.84 5.23 4.66
CA LYS A 46 13.25 5.09 6.01
C LYS A 46 12.31 6.26 6.29
N ASN A 47 12.62 7.41 5.79
CA ASN A 47 11.76 8.61 6.01
C ASN A 47 10.38 8.35 5.39
N LEU A 48 10.35 7.73 4.24
CA LEU A 48 9.05 7.45 3.54
C LEU A 48 8.41 6.19 4.13
N SER A 49 7.64 6.37 5.18
CA SER A 49 6.98 5.22 5.85
C SER A 49 5.71 4.81 5.09
N PHE A 50 5.22 3.63 5.37
CA PHE A 50 3.99 3.12 4.71
C PHE A 50 3.24 2.18 5.65
N THR A 51 1.96 2.41 5.79
CA THR A 51 1.11 1.56 6.68
C THR A 51 -0.21 1.23 6.00
N ALA A 52 -0.58 -0.01 6.02
CA ALA A 52 -1.87 -0.45 5.39
C ALA A 52 -2.56 -1.48 6.29
N GLY A 53 -3.86 -1.41 6.36
CA GLY A 53 -4.65 -2.35 7.21
C GLY A 53 -5.24 -3.47 6.36
N LYS A 54 -5.01 -4.69 6.78
CA LYS A 54 -5.53 -5.88 6.05
C LYS A 54 -5.50 -5.63 4.55
N ASP A 55 -6.63 -5.74 3.90
CA ASP A 55 -6.70 -5.53 2.43
C ASP A 55 -6.79 -4.04 2.13
N VAL A 56 -5.72 -3.33 2.32
CA VAL A 56 -5.69 -1.86 2.05
C VAL A 56 -7.00 -1.23 2.53
N LYS A 57 -7.59 -1.83 3.54
CA LYS A 57 -8.87 -1.31 4.09
C LYS A 57 -8.65 0.08 4.66
N ILE A 58 -7.54 0.28 5.35
CA ILE A 58 -7.24 1.62 5.94
C ILE A 58 -5.92 2.15 5.39
N PHE A 59 -5.97 3.34 4.86
CA PHE A 59 -4.74 3.97 4.28
C PHE A 59 -4.06 4.82 5.33
N SER A 60 -2.80 4.54 5.59
CA SER A 60 -2.03 5.31 6.60
C SER A 60 -0.60 5.51 6.10
N SER A 61 -0.20 6.75 5.95
CA SER A 61 1.17 7.06 5.47
C SER A 61 1.62 8.43 5.98
N SER A 62 2.90 8.67 5.88
CA SER A 62 3.47 9.97 6.35
C SER A 62 3.14 11.09 5.37
N GLU A 63 3.30 12.31 5.80
CA GLU A 63 3.01 13.48 4.94
C GLU A 63 4.00 13.53 3.78
N GLU A 64 5.23 13.17 4.03
CA GLU A 64 6.27 13.20 2.97
C GLU A 64 5.88 12.25 1.86
N LEU A 65 5.25 11.15 2.21
CA LEU A 65 4.83 10.15 1.19
C LEU A 65 3.40 10.47 0.74
N ASP A 66 2.67 11.20 1.54
CA ASP A 66 1.26 11.55 1.19
C ASP A 66 1.25 12.46 -0.03
N LYS A 67 2.22 13.32 -0.14
CA LYS A 67 2.27 14.27 -1.30
C LYS A 67 2.69 13.53 -2.56
N MET A 68 3.19 12.33 -2.43
CA MET A 68 3.62 11.54 -3.61
C MET A 68 2.38 11.00 -4.31
N PHE A 69 1.23 11.20 -3.71
CA PHE A 69 -0.04 10.69 -4.32
C PHE A 69 -0.61 11.76 -5.23
N GLN A 70 -0.77 11.42 -6.49
CA GLN A 70 -1.31 12.39 -7.48
C GLN A 70 -2.80 12.13 -7.65
N GLU A 71 -3.29 11.02 -7.14
CA GLU A 71 -4.73 10.70 -7.27
C GLU A 71 -5.28 10.26 -5.90
N PRO A 72 -6.54 10.51 -5.65
CA PRO A 72 -7.20 10.11 -4.37
C PRO A 72 -6.94 8.64 -4.04
N ARG A 73 -6.91 8.33 -2.76
CA ARG A 73 -6.65 6.93 -2.32
C ARG A 73 -7.78 6.02 -2.78
N LYS A 74 -7.43 4.86 -3.27
CA LYS A 74 -8.45 3.88 -3.76
C LYS A 74 -8.21 2.51 -3.14
N GLY A 75 -9.29 1.83 -2.85
CA GLY A 75 -9.21 0.47 -2.23
C GLY A 75 -8.64 -0.54 -3.23
N TYR A 76 -8.14 -1.63 -2.72
CA TYR A 76 -7.55 -2.70 -3.59
C TYR A 76 -8.60 -3.22 -4.57
N ASP A 77 -9.79 -3.48 -4.08
CA ASP A 77 -10.87 -4.01 -4.95
C ASP A 77 -11.25 -2.96 -5.99
N GLU A 78 -11.24 -1.70 -5.62
CA GLU A 78 -11.61 -0.62 -6.56
C GLU A 78 -10.65 -0.59 -7.75
N ILE A 79 -9.36 -0.62 -7.48
CA ILE A 79 -8.35 -0.59 -8.56
C ILE A 79 -8.39 -1.91 -9.34
N LEU A 80 -8.69 -2.99 -8.66
CA LEU A 80 -8.75 -4.31 -9.31
C LEU A 80 -9.87 -4.32 -10.36
N GLU A 81 -11.01 -3.79 -10.01
CA GLU A 81 -12.16 -3.77 -10.95
C GLU A 81 -11.88 -2.79 -12.08
N HIS A 82 -11.23 -1.70 -11.75
CA HIS A 82 -10.90 -0.67 -12.77
C HIS A 82 -12.16 -0.23 -13.50
N HIS A 83 -12.42 -0.82 -14.63
CA HIS A 83 -13.63 -0.45 -15.43
C HIS A 83 -14.32 -1.71 -15.96
N HIS A 84 -15.61 -1.61 -16.16
CA HIS A 84 -16.39 -2.78 -16.67
C HIS A 84 -17.59 -2.28 -17.49
N HIS A 85 -18.16 -3.17 -18.27
CA HIS A 85 -19.33 -2.80 -19.12
C HIS A 85 -19.02 -1.50 -19.88
N HIS A 86 -18.17 -1.60 -20.87
CA HIS A 86 -17.79 -0.41 -21.67
C HIS A 86 -18.90 -0.14 -22.70
N HIS A 87 -19.74 -1.11 -22.92
CA HIS A 87 -20.85 -0.96 -23.89
C HIS A 87 -21.65 0.29 -23.58
N ALA A 1 -1.94 -18.22 3.68
CA ALA A 1 -0.93 -17.28 3.11
C ALA A 1 -1.51 -15.88 3.07
N PHE A 2 -2.10 -15.45 4.15
CA PHE A 2 -2.70 -14.09 4.22
C PHE A 2 -1.59 -13.03 4.04
N PHE A 3 -0.48 -13.25 4.69
CA PHE A 3 0.64 -12.27 4.61
C PHE A 3 1.14 -12.15 3.17
N ASN A 4 1.30 -13.26 2.49
CA ASN A 4 1.80 -13.23 1.08
C ASN A 4 0.82 -12.46 0.20
N GLU A 5 -0.46 -12.68 0.37
CA GLU A 5 -1.49 -11.98 -0.46
C GLU A 5 -1.48 -10.48 -0.16
N GLN A 6 -1.33 -10.12 1.09
CA GLN A 6 -1.32 -8.67 1.46
C GLN A 6 -0.11 -7.98 0.85
N LYS A 7 1.03 -8.64 0.86
CA LYS A 7 2.26 -8.04 0.28
C LYS A 7 2.08 -7.78 -1.21
N GLU A 8 1.50 -8.72 -1.91
CA GLU A 8 1.30 -8.54 -3.37
C GLU A 8 0.27 -7.44 -3.64
N LYS A 9 -0.79 -7.42 -2.89
CA LYS A 9 -1.86 -6.39 -3.08
C LYS A 9 -1.30 -5.01 -2.73
N VAL A 10 -0.55 -4.92 -1.67
CA VAL A 10 0.02 -3.61 -1.25
C VAL A 10 1.00 -3.10 -2.30
N THR A 11 1.84 -3.97 -2.80
CA THR A 11 2.84 -3.55 -3.82
C THR A 11 2.11 -3.02 -5.05
N LEU A 12 1.14 -3.74 -5.53
CA LEU A 12 0.38 -3.30 -6.72
C LEU A 12 -0.41 -2.05 -6.38
N TYR A 13 -0.98 -2.01 -5.20
CA TYR A 13 -1.79 -0.83 -4.78
C TYR A 13 -0.90 0.41 -4.76
N LEU A 14 0.24 0.31 -4.14
CA LEU A 14 1.17 1.46 -4.06
C LEU A 14 1.67 1.82 -5.45
N LYS A 15 1.98 0.83 -6.24
CA LYS A 15 2.50 1.07 -7.62
C LYS A 15 1.51 1.88 -8.44
N HIS A 16 0.25 1.54 -8.37
CA HIS A 16 -0.77 2.27 -9.18
C HIS A 16 -0.95 3.70 -8.65
N ASN A 17 -0.89 3.87 -7.35
CA ASN A 17 -1.05 5.24 -6.76
C ASN A 17 0.30 5.93 -6.74
N ILE A 18 1.33 5.22 -7.11
CA ILE A 18 2.70 5.79 -7.13
C ILE A 18 3.44 5.33 -8.40
N PRO A 19 3.41 6.12 -9.45
CA PRO A 19 4.06 5.76 -10.74
C PRO A 19 5.60 5.84 -10.62
N ASP A 20 6.07 6.54 -9.63
CA ASP A 20 7.54 6.69 -9.44
C ASP A 20 8.04 5.60 -8.49
N PHE A 21 7.17 4.68 -8.15
CA PHE A 21 7.56 3.57 -7.23
C PHE A 21 8.79 2.85 -7.76
N ASN A 22 9.50 2.17 -6.89
CA ASN A 22 10.71 1.43 -7.31
C ASN A 22 10.84 0.16 -6.48
N THR A 23 10.79 0.28 -5.18
CA THR A 23 10.91 -0.93 -4.29
C THR A 23 10.13 -0.71 -3.00
N VAL A 24 9.67 -1.79 -2.43
CA VAL A 24 8.87 -1.71 -1.16
C VAL A 24 9.46 -2.66 -0.13
N THR A 25 9.56 -2.21 1.09
CA THR A 25 10.11 -3.06 2.19
C THR A 25 9.03 -3.28 3.24
N PHE A 26 8.58 -4.51 3.34
CA PHE A 26 7.51 -4.85 4.32
C PHE A 26 8.10 -5.03 5.72
N THR A 27 7.36 -4.65 6.73
CA THR A 27 7.85 -4.79 8.12
C THR A 27 6.65 -4.87 9.08
N ASN A 28 6.39 -6.04 9.59
CA ASN A 28 5.25 -6.26 10.53
C ASN A 28 5.28 -5.20 11.64
N GLU A 29 5.69 -5.60 12.81
CA GLU A 29 5.76 -4.67 13.97
C GLU A 29 4.39 -4.02 14.20
N GLU A 30 3.78 -4.32 15.31
CA GLU A 30 2.45 -3.73 15.66
C GLU A 30 1.34 -4.46 14.90
N PHE A 31 0.24 -4.66 15.56
CA PHE A 31 -0.91 -5.37 14.93
C PHE A 31 -2.22 -4.63 15.23
N ASN A 32 -3.16 -4.75 14.33
CA ASN A 32 -4.47 -4.07 14.52
C ASN A 32 -5.26 -4.80 15.62
N PRO A 33 -6.20 -4.11 16.24
CA PRO A 33 -7.04 -4.67 17.32
C PRO A 33 -7.41 -6.13 17.07
N ILE A 34 -8.20 -6.38 16.06
CA ILE A 34 -8.62 -7.77 15.75
C ILE A 34 -7.89 -8.23 14.48
N GLY A 35 -7.54 -7.30 13.63
CA GLY A 35 -6.83 -7.66 12.37
C GLY A 35 -5.33 -7.55 12.56
N ILE A 36 -4.60 -7.44 11.47
CA ILE A 36 -3.11 -7.33 11.55
C ILE A 36 -2.66 -6.03 10.91
N SER A 37 -1.62 -5.46 11.44
CA SER A 37 -1.07 -4.17 10.90
C SER A 37 0.27 -4.42 10.25
N ILE A 38 0.42 -3.97 9.03
CA ILE A 38 1.70 -4.15 8.30
C ILE A 38 2.35 -2.80 8.03
N ASP A 39 3.59 -2.67 8.40
CA ASP A 39 4.33 -1.38 8.19
C ASP A 39 5.45 -1.60 7.20
N GLY A 40 5.84 -0.55 6.53
CA GLY A 40 6.94 -0.66 5.53
C GLY A 40 7.21 0.71 4.90
N TYR A 41 8.08 0.74 3.93
CA TYR A 41 8.43 2.02 3.24
C TYR A 41 8.82 1.76 1.79
N ILE A 42 8.88 2.81 1.01
CA ILE A 42 9.24 2.67 -0.44
C ILE A 42 10.51 3.46 -0.76
N ASN A 43 11.16 3.09 -1.83
CA ASN A 43 12.41 3.77 -2.26
C ASN A 43 13.45 3.74 -1.14
N ASN A 44 13.50 2.64 -0.43
CA ASN A 44 14.47 2.47 0.70
C ASN A 44 14.52 3.74 1.56
N ASP A 45 13.48 4.51 1.53
CA ASP A 45 13.44 5.77 2.36
C ASP A 45 12.51 5.57 3.56
N LYS A 46 13.08 5.59 4.73
CA LYS A 46 12.27 5.41 5.97
C LYS A 46 11.23 6.52 6.07
N ASN A 47 11.53 7.68 5.55
CA ASN A 47 10.57 8.81 5.63
C ASN A 47 9.29 8.44 4.88
N LEU A 48 9.42 7.76 3.77
CA LEU A 48 8.22 7.37 2.97
C LEU A 48 7.64 6.09 3.55
N SER A 49 7.19 6.16 4.78
CA SER A 49 6.61 4.97 5.45
C SER A 49 5.10 4.86 5.19
N PHE A 50 4.57 3.69 5.39
CA PHE A 50 3.12 3.46 5.18
C PHE A 50 2.64 2.33 6.10
N THR A 51 1.40 2.37 6.49
CA THR A 51 0.84 1.31 7.39
C THR A 51 -0.52 0.86 6.87
N ALA A 52 -0.73 -0.43 6.84
CA ALA A 52 -2.03 -1.00 6.36
C ALA A 52 -2.62 -1.89 7.44
N GLY A 53 -3.90 -1.75 7.67
CA GLY A 53 -4.60 -2.56 8.72
C GLY A 53 -5.34 -3.71 8.07
N LYS A 54 -4.67 -4.83 7.91
CA LYS A 54 -5.29 -6.04 7.31
C LYS A 54 -5.82 -5.72 5.91
N ASP A 55 -6.88 -4.98 5.82
CA ASP A 55 -7.47 -4.63 4.49
C ASP A 55 -6.84 -3.33 3.95
N VAL A 56 -6.39 -3.37 2.73
CA VAL A 56 -5.76 -2.18 2.11
C VAL A 56 -6.78 -1.06 2.02
N LYS A 57 -7.98 -1.32 2.46
CA LYS A 57 -9.05 -0.29 2.43
C LYS A 57 -8.64 0.88 3.32
N ILE A 58 -8.09 0.60 4.46
CA ILE A 58 -7.65 1.66 5.41
C ILE A 58 -6.14 1.57 5.59
N PHE A 59 -5.43 2.55 5.08
CA PHE A 59 -3.95 2.55 5.20
C PHE A 59 -3.44 3.97 5.46
N SER A 60 -2.65 4.11 6.50
CA SER A 60 -2.10 5.45 6.85
C SER A 60 -0.83 5.70 6.04
N SER A 61 -0.35 6.91 6.06
CA SER A 61 0.87 7.26 5.27
C SER A 61 1.61 8.43 5.92
N SER A 62 2.89 8.51 5.66
CA SER A 62 3.72 9.61 6.24
C SER A 62 3.46 10.92 5.52
N GLU A 63 3.91 12.00 6.09
CA GLU A 63 3.69 13.34 5.49
C GLU A 63 4.39 13.41 4.12
N GLU A 64 5.60 12.93 4.04
CA GLU A 64 6.34 12.95 2.75
C GLU A 64 5.70 12.00 1.75
N LEU A 65 5.26 10.86 2.22
CA LEU A 65 4.63 9.86 1.33
C LEU A 65 3.35 10.44 0.72
N ASP A 66 2.66 11.25 1.47
CA ASP A 66 1.41 11.88 0.97
C ASP A 66 1.75 12.76 -0.24
N LYS A 67 2.91 13.36 -0.23
CA LYS A 67 3.34 14.22 -1.36
C LYS A 67 3.68 13.37 -2.58
N MET A 68 4.30 12.25 -2.37
CA MET A 68 4.70 11.37 -3.51
C MET A 68 3.47 10.82 -4.22
N PHE A 69 2.71 10.00 -3.55
CA PHE A 69 1.50 9.39 -4.18
C PHE A 69 0.53 10.48 -4.62
N GLN A 70 -0.19 10.21 -5.67
CA GLN A 70 -1.18 11.19 -6.19
C GLN A 70 -2.47 11.14 -5.37
N GLU A 71 -3.50 10.56 -5.91
CA GLU A 71 -4.81 10.49 -5.19
C GLU A 71 -5.03 9.07 -4.66
N PRO A 72 -5.70 8.95 -3.53
CA PRO A 72 -5.98 7.62 -2.91
C PRO A 72 -7.00 6.82 -3.70
N ARG A 73 -6.84 5.53 -3.72
CA ARG A 73 -7.79 4.65 -4.47
C ARG A 73 -8.98 4.29 -3.60
N LYS A 74 -10.00 3.76 -4.22
CA LYS A 74 -11.22 3.37 -3.48
C LYS A 74 -11.08 1.95 -2.96
N GLY A 75 -10.02 1.28 -3.31
CA GLY A 75 -9.80 -0.11 -2.83
C GLY A 75 -8.96 -0.91 -3.83
N TYR A 76 -8.64 -2.13 -3.47
CA TYR A 76 -7.84 -3.02 -4.35
C TYR A 76 -8.62 -3.29 -5.64
N ASP A 77 -9.92 -3.43 -5.53
CA ASP A 77 -10.75 -3.71 -6.73
C ASP A 77 -10.81 -2.45 -7.60
N GLU A 78 -10.53 -1.31 -7.03
CA GLU A 78 -10.57 -0.04 -7.80
C GLU A 78 -9.37 0.02 -8.75
N ILE A 79 -8.20 -0.25 -8.25
CA ILE A 79 -6.98 -0.21 -9.11
C ILE A 79 -7.10 -1.24 -10.24
N LEU A 80 -7.59 -2.40 -9.94
CA LEU A 80 -7.74 -3.45 -10.98
C LEU A 80 -8.78 -3.00 -12.02
N GLU A 81 -9.84 -2.39 -11.57
CA GLU A 81 -10.90 -1.93 -12.52
C GLU A 81 -10.37 -0.80 -13.38
N HIS A 82 -9.59 0.08 -12.81
CA HIS A 82 -9.01 1.22 -13.57
C HIS A 82 -10.14 2.14 -14.05
N HIS A 83 -9.92 3.42 -13.95
CA HIS A 83 -10.96 4.41 -14.37
C HIS A 83 -11.28 4.19 -15.85
N HIS A 84 -10.26 3.98 -16.64
CA HIS A 84 -10.47 3.76 -18.11
C HIS A 84 -10.36 2.28 -18.44
N HIS A 85 -10.78 1.92 -19.61
CA HIS A 85 -10.73 0.51 -20.06
C HIS A 85 -11.57 -0.35 -19.12
N HIS A 86 -12.79 0.06 -18.86
CA HIS A 86 -13.68 -0.70 -17.96
C HIS A 86 -14.31 -1.86 -18.73
N HIS A 87 -14.19 -1.84 -20.04
CA HIS A 87 -14.76 -2.93 -20.87
C HIS A 87 -13.87 -3.19 -22.08
N ALA A 1 -0.19 -19.07 2.02
CA ALA A 1 0.04 -18.03 0.97
C ALA A 1 -0.71 -16.75 1.35
N PHE A 2 -1.45 -16.79 2.44
CA PHE A 2 -2.22 -15.59 2.87
C PHE A 2 -1.27 -14.42 3.14
N PHE A 3 -0.20 -14.67 3.85
CA PHE A 3 0.78 -13.57 4.15
C PHE A 3 1.39 -13.05 2.84
N ASN A 4 1.75 -13.94 1.97
CA ASN A 4 2.36 -13.53 0.67
C ASN A 4 1.35 -12.73 -0.16
N GLU A 5 0.11 -13.16 -0.18
CA GLU A 5 -0.94 -12.44 -0.97
C GLU A 5 -1.20 -11.07 -0.35
N GLN A 6 -1.19 -10.97 0.94
CA GLN A 6 -1.47 -9.66 1.60
C GLN A 6 -0.38 -8.65 1.21
N LYS A 7 0.85 -9.07 1.20
CA LYS A 7 1.97 -8.15 0.83
C LYS A 7 1.80 -7.69 -0.62
N GLU A 8 1.41 -8.60 -1.48
CA GLU A 8 1.23 -8.24 -2.92
C GLU A 8 0.11 -7.21 -3.07
N LYS A 9 -0.96 -7.36 -2.34
CA LYS A 9 -2.10 -6.39 -2.45
C LYS A 9 -1.63 -5.00 -2.04
N VAL A 10 -0.85 -4.90 -1.01
CA VAL A 10 -0.34 -3.57 -0.55
C VAL A 10 0.58 -2.98 -1.63
N THR A 11 1.40 -3.80 -2.22
CA THR A 11 2.33 -3.31 -3.28
C THR A 11 1.52 -2.70 -4.43
N LEU A 12 0.46 -3.36 -4.82
CA LEU A 12 -0.39 -2.83 -5.94
C LEU A 12 -0.99 -1.48 -5.54
N TYR A 13 -1.42 -1.37 -4.32
CA TYR A 13 -2.03 -0.10 -3.85
C TYR A 13 -1.00 1.03 -3.97
N LEU A 14 0.18 0.81 -3.47
CA LEU A 14 1.25 1.85 -3.55
C LEU A 14 1.69 2.08 -4.99
N LYS A 15 1.83 1.03 -5.75
CA LYS A 15 2.28 1.17 -7.17
C LYS A 15 1.24 1.93 -7.99
N HIS A 16 -0.01 1.62 -7.80
CA HIS A 16 -1.08 2.30 -8.59
C HIS A 16 -1.40 3.67 -7.99
N ASN A 17 -0.99 3.91 -6.77
CA ASN A 17 -1.27 5.24 -6.11
C ASN A 17 0.01 6.06 -6.13
N ILE A 18 1.12 5.45 -6.46
CA ILE A 18 2.42 6.18 -6.50
C ILE A 18 3.27 5.64 -7.66
N PRO A 19 3.10 6.21 -8.84
CA PRO A 19 3.86 5.78 -10.04
C PRO A 19 5.38 5.79 -9.78
N ASP A 20 5.81 6.68 -8.93
CA ASP A 20 7.27 6.78 -8.61
C ASP A 20 7.68 5.58 -7.75
N PHE A 21 6.83 4.60 -7.68
CA PHE A 21 7.12 3.39 -6.85
C PHE A 21 8.38 2.69 -7.38
N ASN A 22 9.29 2.39 -6.50
CA ASN A 22 10.56 1.70 -6.91
C ASN A 22 10.63 0.35 -6.17
N THR A 23 10.68 0.39 -4.87
CA THR A 23 10.77 -0.88 -4.08
C THR A 23 10.00 -0.74 -2.78
N VAL A 24 9.73 -1.84 -2.14
CA VAL A 24 8.98 -1.83 -0.84
C VAL A 24 9.68 -2.73 0.17
N THR A 25 9.76 -2.28 1.39
CA THR A 25 10.43 -3.09 2.46
C THR A 25 9.49 -3.24 3.65
N PHE A 26 9.08 -4.44 3.92
CA PHE A 26 8.16 -4.70 5.07
C PHE A 26 8.98 -5.08 6.30
N THR A 27 8.76 -4.38 7.38
CA THR A 27 9.50 -4.69 8.64
C THR A 27 8.68 -4.19 9.84
N ASN A 28 7.79 -5.01 10.31
CA ASN A 28 6.93 -4.63 11.47
C ASN A 28 6.02 -5.81 11.84
N GLU A 29 5.14 -6.18 10.95
CA GLU A 29 4.20 -7.32 11.20
C GLU A 29 3.69 -7.26 12.64
N GLU A 30 2.66 -6.50 12.88
CA GLU A 30 2.08 -6.38 14.26
C GLU A 30 0.62 -6.79 14.25
N PHE A 31 0.17 -7.36 15.33
CA PHE A 31 -1.25 -7.81 15.45
C PHE A 31 -2.12 -6.69 15.97
N ASN A 32 -3.09 -6.28 15.21
CA ASN A 32 -4.00 -5.18 15.65
C ASN A 32 -5.36 -5.76 16.01
N PRO A 33 -6.10 -5.09 16.87
CA PRO A 33 -7.45 -5.55 17.29
C PRO A 33 -8.32 -5.99 16.10
N ILE A 34 -8.25 -5.27 15.02
CA ILE A 34 -9.06 -5.64 13.82
C ILE A 34 -8.49 -6.92 13.19
N GLY A 35 -7.20 -7.05 13.17
CA GLY A 35 -6.59 -8.29 12.56
C GLY A 35 -5.07 -8.15 12.50
N ILE A 36 -4.54 -7.96 11.33
CA ILE A 36 -3.05 -7.82 11.16
C ILE A 36 -2.71 -6.48 10.52
N SER A 37 -1.61 -5.91 10.95
CA SER A 37 -1.18 -4.58 10.41
C SER A 37 0.18 -4.71 9.75
N ILE A 38 0.32 -4.12 8.59
CA ILE A 38 1.61 -4.16 7.84
C ILE A 38 2.19 -2.76 7.73
N ASP A 39 3.44 -2.60 8.09
CA ASP A 39 4.10 -1.27 8.03
C ASP A 39 5.47 -1.40 7.38
N GLY A 40 5.85 -0.43 6.60
CA GLY A 40 7.18 -0.49 5.91
C GLY A 40 7.45 0.83 5.19
N TYR A 41 8.42 0.83 4.32
CA TYR A 41 8.77 2.07 3.55
C TYR A 41 9.15 1.72 2.12
N ILE A 42 9.19 2.72 1.28
CA ILE A 42 9.52 2.49 -0.16
C ILE A 42 10.73 3.33 -0.57
N ASN A 43 11.27 3.03 -1.72
CA ASN A 43 12.46 3.77 -2.23
C ASN A 43 13.60 3.67 -1.22
N ASN A 44 13.69 2.56 -0.55
CA ASN A 44 14.77 2.35 0.47
C ASN A 44 14.89 3.60 1.32
N ASP A 45 13.83 4.37 1.42
CA ASP A 45 13.87 5.63 2.24
C ASP A 45 13.03 5.42 3.50
N LYS A 46 13.67 5.37 4.62
CA LYS A 46 12.95 5.18 5.92
C LYS A 46 11.95 6.31 6.15
N ASN A 47 12.25 7.47 5.67
CA ASN A 47 11.33 8.63 5.84
C ASN A 47 9.99 8.32 5.17
N LEU A 48 10.02 7.70 4.02
CA LEU A 48 8.76 7.39 3.30
C LEU A 48 8.15 6.10 3.86
N SER A 49 7.55 6.20 5.02
CA SER A 49 6.93 5.00 5.66
C SER A 49 5.44 4.96 5.35
N PHE A 50 4.88 3.78 5.42
CA PHE A 50 3.42 3.60 5.14
C PHE A 50 2.87 2.46 6.01
N THR A 51 1.58 2.48 6.24
CA THR A 51 0.94 1.43 7.08
C THR A 51 -0.42 1.05 6.49
N ALA A 52 -0.73 -0.21 6.49
CA ALA A 52 -2.04 -0.70 5.94
C ALA A 52 -2.53 -1.89 6.76
N GLY A 53 -3.82 -1.98 6.93
CA GLY A 53 -4.41 -3.10 7.75
C GLY A 53 -4.91 -4.21 6.83
N LYS A 54 -4.49 -5.41 7.11
CA LYS A 54 -4.90 -6.62 6.30
C LYS A 54 -5.31 -6.22 4.88
N ASP A 55 -6.55 -6.40 4.55
CA ASP A 55 -7.03 -6.05 3.18
C ASP A 55 -7.07 -4.53 3.01
N VAL A 56 -5.91 -3.93 3.02
CA VAL A 56 -5.80 -2.45 2.85
C VAL A 56 -6.77 -1.76 3.81
N LYS A 57 -7.28 -2.49 4.76
CA LYS A 57 -8.22 -1.91 5.74
C LYS A 57 -7.52 -0.80 6.54
N ILE A 58 -7.99 0.40 6.37
CA ILE A 58 -7.40 1.56 7.08
C ILE A 58 -5.92 1.65 6.80
N PHE A 59 -5.50 2.71 6.14
CA PHE A 59 -4.05 2.87 5.80
C PHE A 59 -3.63 4.32 6.00
N SER A 60 -2.38 4.53 6.26
CA SER A 60 -1.85 5.91 6.48
C SER A 60 -0.47 6.03 5.85
N SER A 61 -0.04 7.24 5.60
CA SER A 61 1.30 7.46 4.97
C SER A 61 1.95 8.73 5.52
N SER A 62 3.24 8.79 5.46
CA SER A 62 3.98 9.97 5.97
C SER A 62 3.67 11.20 5.11
N GLU A 63 3.96 12.36 5.64
CA GLU A 63 3.68 13.63 4.90
C GLU A 63 4.40 13.61 3.55
N GLU A 64 5.66 13.30 3.57
CA GLU A 64 6.46 13.28 2.31
C GLU A 64 5.93 12.20 1.37
N LEU A 65 5.61 11.05 1.90
CA LEU A 65 5.07 9.95 1.05
C LEU A 65 3.70 10.32 0.50
N ASP A 66 2.90 10.96 1.30
CA ASP A 66 1.53 11.35 0.85
C ASP A 66 1.64 12.34 -0.31
N LYS A 67 2.65 13.17 -0.30
CA LYS A 67 2.82 14.16 -1.40
C LYS A 67 3.28 13.46 -2.68
N MET A 68 3.69 12.23 -2.58
CA MET A 68 4.14 11.48 -3.79
C MET A 68 2.93 10.87 -4.50
N PHE A 69 1.78 10.94 -3.88
CA PHE A 69 0.56 10.36 -4.51
C PHE A 69 0.22 11.08 -5.80
N GLN A 70 -0.11 10.34 -6.81
CA GLN A 70 -0.45 10.96 -8.13
C GLN A 70 -1.95 10.73 -8.39
N GLU A 71 -2.51 9.71 -7.80
CA GLU A 71 -3.97 9.43 -8.01
C GLU A 71 -4.69 9.47 -6.65
N PRO A 72 -5.96 9.77 -6.66
CA PRO A 72 -6.79 9.85 -5.43
C PRO A 72 -6.98 8.48 -4.75
N ARG A 73 -7.69 8.48 -3.66
CA ARG A 73 -7.91 7.21 -2.89
C ARG A 73 -8.71 6.22 -3.74
N LYS A 74 -8.19 5.03 -3.87
CA LYS A 74 -8.87 3.97 -4.66
C LYS A 74 -8.80 2.64 -3.93
N GLY A 75 -9.80 1.83 -4.09
CA GLY A 75 -9.84 0.50 -3.40
C GLY A 75 -9.03 -0.53 -4.17
N TYR A 76 -8.72 -1.62 -3.55
CA TYR A 76 -7.93 -2.71 -4.20
C TYR A 76 -8.72 -3.24 -5.40
N ASP A 77 -9.99 -3.44 -5.23
CA ASP A 77 -10.84 -3.95 -6.35
C ASP A 77 -11.00 -2.87 -7.41
N GLU A 78 -11.00 -1.63 -7.01
CA GLU A 78 -11.17 -0.51 -7.99
C GLU A 78 -9.97 -0.45 -8.93
N ILE A 79 -8.79 -0.54 -8.40
CA ILE A 79 -7.56 -0.48 -9.25
C ILE A 79 -7.51 -1.71 -10.16
N LEU A 80 -7.95 -2.83 -9.66
CA LEU A 80 -7.93 -4.08 -10.48
C LEU A 80 -8.85 -3.92 -11.69
N GLU A 81 -10.00 -3.35 -11.49
CA GLU A 81 -10.95 -3.15 -12.62
C GLU A 81 -10.50 -1.92 -13.44
N HIS A 82 -9.92 -0.97 -12.77
CA HIS A 82 -9.43 0.27 -13.47
C HIS A 82 -10.59 1.00 -14.15
N HIS A 83 -10.80 0.74 -15.40
CA HIS A 83 -11.90 1.41 -16.15
C HIS A 83 -11.91 2.92 -15.88
N HIS A 84 -12.96 3.57 -16.28
CA HIS A 84 -13.07 5.04 -16.08
C HIS A 84 -13.39 5.36 -14.63
N HIS A 85 -12.66 6.29 -14.06
CA HIS A 85 -12.88 6.68 -12.64
C HIS A 85 -14.27 7.30 -12.49
N HIS A 86 -14.91 7.58 -13.59
CA HIS A 86 -16.28 8.19 -13.54
C HIS A 86 -17.26 7.17 -12.92
N HIS A 87 -17.12 5.93 -13.26
CA HIS A 87 -18.04 4.88 -12.70
C HIS A 87 -17.99 4.92 -11.17
N ALA A 1 1.58 -19.09 2.54
CA ALA A 1 1.75 -17.97 3.50
C ALA A 1 0.79 -16.83 3.15
N PHE A 2 -0.18 -16.60 3.99
CA PHE A 2 -1.16 -15.51 3.73
C PHE A 2 -0.43 -14.16 3.70
N PHE A 3 0.70 -14.09 4.33
CA PHE A 3 1.48 -12.82 4.36
C PHE A 3 1.97 -12.47 2.94
N ASN A 4 2.34 -13.46 2.17
CA ASN A 4 2.84 -13.18 0.79
C ASN A 4 1.73 -12.51 -0.04
N GLU A 5 0.53 -12.99 0.10
CA GLU A 5 -0.61 -12.42 -0.68
C GLU A 5 -0.90 -10.97 -0.23
N GLN A 6 -0.82 -10.73 1.05
CA GLN A 6 -1.09 -9.35 1.56
C GLN A 6 -0.04 -8.38 1.02
N LYS A 7 1.20 -8.80 1.00
CA LYS A 7 2.29 -7.91 0.50
C LYS A 7 2.07 -7.60 -0.99
N GLU A 8 1.68 -8.57 -1.75
CA GLU A 8 1.46 -8.33 -3.21
C GLU A 8 0.33 -7.32 -3.41
N LYS A 9 -0.72 -7.43 -2.65
CA LYS A 9 -1.86 -6.47 -2.79
C LYS A 9 -1.41 -5.07 -2.41
N VAL A 10 -0.64 -4.95 -1.36
CA VAL A 10 -0.16 -3.61 -0.93
C VAL A 10 0.78 -3.03 -2.01
N THR A 11 1.65 -3.84 -2.53
CA THR A 11 2.59 -3.35 -3.57
C THR A 11 1.81 -2.85 -4.79
N LEU A 12 0.82 -3.60 -5.21
CA LEU A 12 0.02 -3.17 -6.39
C LEU A 12 -0.69 -1.86 -6.06
N TYR A 13 -1.24 -1.76 -4.89
CA TYR A 13 -1.94 -0.51 -4.49
C TYR A 13 -0.98 0.68 -4.52
N LEU A 14 0.18 0.51 -3.94
CA LEU A 14 1.18 1.62 -3.92
C LEU A 14 1.65 1.92 -5.35
N LYS A 15 1.83 0.90 -6.13
CA LYS A 15 2.30 1.11 -7.53
C LYS A 15 1.30 1.99 -8.29
N HIS A 16 0.04 1.69 -8.17
CA HIS A 16 -1.00 2.50 -8.87
C HIS A 16 -1.17 3.85 -8.17
N ASN A 17 -1.00 3.87 -6.87
CA ASN A 17 -1.16 5.15 -6.12
C ASN A 17 0.17 5.91 -6.10
N ILE A 18 1.20 5.34 -6.68
CA ILE A 18 2.52 6.03 -6.70
C ILE A 18 3.25 5.65 -8.01
N PRO A 19 3.05 6.40 -9.05
CA PRO A 19 3.72 6.14 -10.37
C PRO A 19 5.23 6.08 -10.22
N ASP A 20 5.77 6.80 -9.27
CA ASP A 20 7.24 6.80 -9.05
C ASP A 20 7.62 5.62 -8.15
N PHE A 21 6.73 4.67 -8.02
CA PHE A 21 7.01 3.49 -7.15
C PHE A 21 8.28 2.77 -7.62
N ASN A 22 9.19 2.52 -6.71
CA ASN A 22 10.45 1.81 -7.06
C ASN A 22 10.48 0.45 -6.37
N THR A 23 10.52 0.45 -5.05
CA THR A 23 10.55 -0.83 -4.30
C THR A 23 9.89 -0.66 -2.94
N VAL A 24 9.47 -1.74 -2.34
CA VAL A 24 8.80 -1.66 -1.01
C VAL A 24 9.44 -2.68 -0.06
N THR A 25 9.72 -2.27 1.16
CA THR A 25 10.35 -3.19 2.15
C THR A 25 9.48 -3.23 3.40
N PHE A 26 9.06 -4.42 3.79
CA PHE A 26 8.22 -4.58 5.01
C PHE A 26 9.11 -4.94 6.19
N THR A 27 8.86 -4.35 7.33
CA THR A 27 9.68 -4.66 8.53
C THR A 27 8.79 -4.54 9.77
N ASN A 28 7.87 -3.61 9.77
CA ASN A 28 6.96 -3.43 10.95
C ASN A 28 5.58 -4.02 10.66
N GLU A 29 4.94 -4.58 11.65
CA GLU A 29 3.59 -5.15 11.45
C GLU A 29 2.96 -5.49 12.80
N GLU A 30 1.66 -5.31 12.91
CA GLU A 30 0.97 -5.61 14.20
C GLU A 30 -0.38 -6.30 13.90
N PHE A 31 -0.84 -7.12 14.81
CA PHE A 31 -2.13 -7.84 14.58
C PHE A 31 -3.30 -7.00 15.12
N ASN A 32 -4.20 -6.63 14.26
CA ASN A 32 -5.35 -5.81 14.71
C ASN A 32 -6.52 -6.73 15.11
N PRO A 33 -7.41 -6.21 15.91
CA PRO A 33 -8.61 -6.95 16.39
C PRO A 33 -9.57 -7.21 15.22
N ILE A 34 -9.52 -6.36 14.23
CA ILE A 34 -10.40 -6.50 13.03
C ILE A 34 -9.57 -7.08 11.89
N GLY A 35 -8.27 -7.17 12.07
CA GLY A 35 -7.42 -7.73 10.99
C GLY A 35 -5.94 -7.53 11.35
N ILE A 36 -5.12 -7.27 10.38
CA ILE A 36 -3.66 -7.06 10.63
C ILE A 36 -3.23 -5.71 10.06
N SER A 37 -2.21 -5.13 10.64
CA SER A 37 -1.72 -3.81 10.16
C SER A 37 -0.28 -3.96 9.67
N ILE A 38 -0.02 -3.52 8.47
CA ILE A 38 1.36 -3.63 7.89
C ILE A 38 1.97 -2.24 7.76
N ASP A 39 3.17 -2.07 8.24
CA ASP A 39 3.86 -0.75 8.18
C ASP A 39 5.26 -0.94 7.60
N GLY A 40 5.58 -0.21 6.57
CA GLY A 40 6.93 -0.35 5.95
C GLY A 40 7.32 0.95 5.26
N TYR A 41 8.28 0.88 4.37
CA TYR A 41 8.72 2.12 3.66
C TYR A 41 9.08 1.77 2.22
N ILE A 42 9.11 2.77 1.36
CA ILE A 42 9.45 2.54 -0.08
C ILE A 42 10.70 3.33 -0.48
N ASN A 43 11.24 3.01 -1.64
CA ASN A 43 12.46 3.69 -2.14
C ASN A 43 13.61 3.48 -1.14
N ASN A 44 13.62 2.35 -0.49
CA ASN A 44 14.71 2.06 0.50
C ASN A 44 14.92 3.27 1.41
N ASP A 45 13.86 4.00 1.68
CA ASP A 45 13.99 5.20 2.56
C ASP A 45 12.95 5.11 3.69
N LYS A 46 13.40 4.77 4.88
CA LYS A 46 12.46 4.65 6.03
C LYS A 46 11.70 5.97 6.20
N ASN A 47 12.20 7.03 5.63
CA ASN A 47 11.51 8.34 5.75
C ASN A 47 10.13 8.25 5.08
N LEU A 48 10.06 7.54 3.97
CA LEU A 48 8.77 7.40 3.26
C LEU A 48 8.02 6.19 3.82
N SER A 49 7.49 6.34 5.01
CA SER A 49 6.75 5.20 5.64
C SER A 49 5.28 5.20 5.23
N PHE A 50 4.66 4.04 5.28
CA PHE A 50 3.23 3.93 4.90
C PHE A 50 2.56 2.84 5.73
N THR A 51 1.26 2.88 5.85
CA THR A 51 0.53 1.85 6.65
C THR A 51 -0.69 1.36 5.86
N ALA A 52 -0.91 0.07 5.85
CA ALA A 52 -2.08 -0.50 5.12
C ALA A 52 -2.80 -1.50 6.03
N GLY A 53 -4.11 -1.50 5.98
CA GLY A 53 -4.90 -2.42 6.84
C GLY A 53 -5.31 -3.66 6.05
N LYS A 54 -4.81 -4.80 6.48
CA LYS A 54 -5.13 -6.11 5.81
C LYS A 54 -5.51 -5.92 4.34
N ASP A 55 -6.77 -5.83 4.05
CA ASP A 55 -7.22 -5.65 2.64
C ASP A 55 -7.20 -4.16 2.28
N VAL A 56 -6.15 -3.49 2.65
CA VAL A 56 -6.03 -2.03 2.34
C VAL A 56 -7.28 -1.29 2.82
N LYS A 57 -7.83 -1.72 3.92
CA LYS A 57 -9.05 -1.03 4.46
C LYS A 57 -8.69 0.40 4.82
N ILE A 58 -7.53 0.59 5.41
CA ILE A 58 -7.10 1.97 5.79
C ILE A 58 -5.71 2.24 5.23
N PHE A 59 -5.51 3.41 4.67
CA PHE A 59 -4.19 3.76 4.09
C PHE A 59 -3.68 5.08 4.68
N SER A 60 -2.46 5.08 5.15
CA SER A 60 -1.88 6.33 5.75
C SER A 60 -0.45 6.48 5.25
N SER A 61 0.02 7.70 5.12
CA SER A 61 1.40 7.95 4.64
C SER A 61 2.07 9.07 5.44
N SER A 62 3.37 9.08 5.45
CA SER A 62 4.11 10.12 6.22
C SER A 62 4.09 11.46 5.48
N GLU A 63 4.55 12.50 6.13
CA GLU A 63 4.56 13.85 5.49
C GLU A 63 5.42 13.82 4.22
N GLU A 64 6.53 13.14 4.25
CA GLU A 64 7.40 13.07 3.04
C GLU A 64 6.72 12.24 1.94
N LEU A 65 6.24 11.09 2.31
CA LEU A 65 5.55 10.20 1.32
C LEU A 65 4.29 10.90 0.80
N ASP A 66 3.78 11.83 1.56
CA ASP A 66 2.55 12.55 1.15
C ASP A 66 2.80 13.33 -0.15
N LYS A 67 3.98 13.86 -0.31
CA LYS A 67 4.28 14.64 -1.56
C LYS A 67 4.18 13.74 -2.79
N MET A 68 4.74 12.56 -2.73
CA MET A 68 4.68 11.65 -3.91
C MET A 68 3.24 11.18 -4.11
N PHE A 69 2.54 10.93 -3.04
CA PHE A 69 1.13 10.45 -3.16
C PHE A 69 0.21 11.61 -3.56
N GLN A 70 -0.43 11.50 -4.69
CA GLN A 70 -1.36 12.57 -5.15
C GLN A 70 -2.55 11.91 -5.83
N GLU A 71 -2.59 10.60 -5.85
CA GLU A 71 -3.72 9.89 -6.51
C GLU A 71 -4.70 9.36 -5.43
N PRO A 72 -5.98 9.62 -5.57
CA PRO A 72 -7.00 9.15 -4.58
C PRO A 72 -6.85 7.67 -4.21
N ARG A 73 -7.04 7.35 -2.96
CA ARG A 73 -6.91 5.95 -2.49
C ARG A 73 -8.14 5.14 -2.90
N LYS A 74 -7.93 3.92 -3.32
CA LYS A 74 -9.06 3.05 -3.73
C LYS A 74 -8.86 1.63 -3.19
N GLY A 75 -9.94 0.96 -2.88
CA GLY A 75 -9.84 -0.41 -2.32
C GLY A 75 -9.11 -1.34 -3.29
N TYR A 76 -8.62 -2.45 -2.79
CA TYR A 76 -7.90 -3.42 -3.66
C TYR A 76 -8.84 -3.94 -4.74
N ASP A 77 -10.06 -4.24 -4.37
CA ASP A 77 -11.04 -4.76 -5.37
C ASP A 77 -11.41 -3.64 -6.36
N GLU A 78 -11.39 -2.42 -5.91
CA GLU A 78 -11.75 -1.28 -6.80
C GLU A 78 -10.71 -1.17 -7.93
N ILE A 79 -9.46 -1.19 -7.58
CA ILE A 79 -8.39 -1.09 -8.62
C ILE A 79 -8.40 -2.37 -9.47
N LEU A 80 -8.64 -3.49 -8.85
CA LEU A 80 -8.66 -4.78 -9.59
C LEU A 80 -9.80 -4.76 -10.61
N GLU A 81 -10.93 -4.24 -10.22
CA GLU A 81 -12.09 -4.19 -11.16
C GLU A 81 -11.96 -2.96 -12.06
N HIS A 82 -11.15 -2.00 -11.64
CA HIS A 82 -10.94 -0.76 -12.44
C HIS A 82 -12.23 0.08 -12.46
N HIS A 83 -13.36 -0.56 -12.59
CA HIS A 83 -14.67 0.17 -12.62
C HIS A 83 -14.54 1.48 -13.40
N HIS A 84 -14.66 1.41 -14.70
CA HIS A 84 -14.55 2.64 -15.54
C HIS A 84 -15.45 2.46 -16.77
N HIS A 85 -16.23 1.41 -16.79
CA HIS A 85 -17.13 1.14 -17.95
C HIS A 85 -16.40 1.42 -19.27
N HIS A 86 -15.18 0.95 -19.37
CA HIS A 86 -14.38 1.14 -20.61
C HIS A 86 -14.29 2.63 -20.97
N HIS A 87 -13.47 2.96 -21.94
CA HIS A 87 -13.33 4.39 -22.35
C HIS A 87 -14.69 4.96 -22.74
N ALA A 1 -0.27 -19.18 1.71
CA ALA A 1 0.25 -17.99 0.99
C ALA A 1 -0.63 -16.78 1.29
N PHE A 2 -1.33 -16.82 2.38
CA PHE A 2 -2.21 -15.69 2.76
C PHE A 2 -1.38 -14.41 2.94
N PHE A 3 -0.27 -14.53 3.61
CA PHE A 3 0.62 -13.35 3.85
C PHE A 3 1.16 -12.83 2.51
N ASN A 4 1.52 -13.73 1.63
CA ASN A 4 2.08 -13.33 0.31
C ASN A 4 1.04 -12.53 -0.47
N GLU A 5 -0.20 -12.96 -0.43
CA GLU A 5 -1.27 -12.25 -1.18
C GLU A 5 -1.49 -10.85 -0.59
N GLN A 6 -1.43 -10.72 0.69
CA GLN A 6 -1.65 -9.39 1.34
C GLN A 6 -0.55 -8.42 0.90
N LYS A 7 0.67 -8.90 0.83
CA LYS A 7 1.81 -8.03 0.42
C LYS A 7 1.62 -7.57 -1.03
N GLU A 8 1.17 -8.44 -1.87
CA GLU A 8 0.98 -8.09 -3.31
C GLU A 8 -0.11 -7.02 -3.45
N LYS A 9 -1.17 -7.15 -2.70
CA LYS A 9 -2.28 -6.15 -2.79
C LYS A 9 -1.79 -4.77 -2.37
N VAL A 10 -1.05 -4.71 -1.30
CA VAL A 10 -0.53 -3.39 -0.82
C VAL A 10 0.48 -2.83 -1.80
N THR A 11 1.37 -3.65 -2.29
CA THR A 11 2.41 -3.19 -3.26
C THR A 11 1.73 -2.71 -4.54
N LEU A 12 0.78 -3.45 -5.02
CA LEU A 12 0.08 -3.06 -6.28
C LEU A 12 -0.64 -1.73 -6.11
N TYR A 13 -1.30 -1.55 -5.00
CA TYR A 13 -2.04 -0.27 -4.75
C TYR A 13 -1.05 0.90 -4.73
N LEU A 14 0.02 0.76 -4.01
CA LEU A 14 1.02 1.85 -3.91
C LEU A 14 1.65 2.11 -5.27
N LYS A 15 1.96 1.06 -5.99
CA LYS A 15 2.60 1.22 -7.32
C LYS A 15 1.71 2.05 -8.24
N HIS A 16 0.44 1.77 -8.24
CA HIS A 16 -0.51 2.52 -9.11
C HIS A 16 -0.64 3.96 -8.64
N ASN A 17 -0.64 4.18 -7.35
CA ASN A 17 -0.79 5.56 -6.81
C ASN A 17 0.59 6.18 -6.63
N ILE A 18 1.62 5.44 -6.95
CA ILE A 18 3.01 5.98 -6.81
C ILE A 18 3.86 5.43 -7.96
N PRO A 19 3.81 6.06 -9.10
CA PRO A 19 4.61 5.65 -10.30
C PRO A 19 6.10 5.57 -9.96
N ASP A 20 6.53 6.33 -9.00
CA ASP A 20 7.97 6.34 -8.61
C ASP A 20 8.26 5.09 -7.75
N PHE A 21 7.26 4.28 -7.52
CA PHE A 21 7.45 3.05 -6.69
C PHE A 21 8.51 2.16 -7.30
N ASN A 22 9.45 1.76 -6.51
CA ASN A 22 10.57 0.88 -6.99
C ASN A 22 10.60 -0.38 -6.12
N THR A 23 10.77 -0.21 -4.83
CA THR A 23 10.82 -1.39 -3.92
C THR A 23 10.23 -1.02 -2.56
N VAL A 24 9.76 -2.01 -1.85
CA VAL A 24 9.16 -1.78 -0.50
C VAL A 24 9.59 -2.89 0.45
N THR A 25 9.88 -2.55 1.67
CA THR A 25 10.32 -3.58 2.68
C THR A 25 9.48 -3.45 3.95
N PHE A 26 8.89 -4.55 4.35
CA PHE A 26 8.05 -4.57 5.57
C PHE A 26 8.91 -5.00 6.76
N THR A 27 8.80 -4.31 7.85
CA THR A 27 9.59 -4.67 9.06
C THR A 27 9.14 -3.82 10.24
N ASN A 28 7.86 -3.85 10.55
CA ASN A 28 7.33 -3.06 11.70
C ASN A 28 5.86 -3.39 11.95
N GLU A 29 5.53 -3.63 13.19
CA GLU A 29 4.12 -3.95 13.58
C GLU A 29 3.64 -5.20 12.85
N GLU A 30 2.92 -6.03 13.54
CA GLU A 30 2.39 -7.28 12.92
C GLU A 30 1.00 -7.58 13.47
N PHE A 31 0.94 -8.33 14.54
CA PHE A 31 -0.38 -8.69 15.14
C PHE A 31 -0.95 -7.50 15.90
N ASN A 32 -2.26 -7.40 15.90
CA ASN A 32 -2.94 -6.28 16.59
C ASN A 32 -4.46 -6.50 16.56
N PRO A 33 -5.19 -5.73 17.34
CA PRO A 33 -6.67 -5.84 17.40
C PRO A 33 -7.31 -5.81 16.01
N ILE A 34 -6.79 -4.98 15.15
CA ILE A 34 -7.33 -4.87 13.76
C ILE A 34 -6.87 -6.08 12.94
N GLY A 35 -6.63 -7.18 13.60
CA GLY A 35 -6.18 -8.41 12.89
C GLY A 35 -4.68 -8.35 12.64
N ILE A 36 -4.30 -7.98 11.44
CA ILE A 36 -2.85 -7.90 11.10
C ILE A 36 -2.49 -6.48 10.69
N SER A 37 -1.30 -6.06 11.04
CA SER A 37 -0.83 -4.68 10.70
C SER A 37 0.41 -4.76 9.84
N ILE A 38 0.35 -4.17 8.67
CA ILE A 38 1.52 -4.18 7.74
C ILE A 38 2.10 -2.76 7.66
N ASP A 39 3.38 -2.65 7.91
CA ASP A 39 4.06 -1.33 7.87
C ASP A 39 5.47 -1.49 7.28
N GLY A 40 5.87 -0.55 6.47
CA GLY A 40 7.23 -0.63 5.86
C GLY A 40 7.57 0.71 5.20
N TYR A 41 8.56 0.69 4.33
CA TYR A 41 8.99 1.95 3.64
C TYR A 41 9.32 1.67 2.18
N ILE A 42 9.36 2.71 1.38
CA ILE A 42 9.66 2.54 -0.08
C ILE A 42 10.93 3.32 -0.45
N ASN A 43 11.55 2.89 -1.52
CA ASN A 43 12.80 3.55 -2.02
C ASN A 43 13.86 3.55 -0.91
N ASN A 44 13.86 2.53 -0.10
CA ASN A 44 14.87 2.42 1.00
C ASN A 44 14.93 3.73 1.77
N ASP A 45 13.84 4.42 1.88
CA ASP A 45 13.80 5.72 2.63
C ASP A 45 12.97 5.55 3.90
N LYS A 46 13.62 5.56 5.03
CA LYS A 46 12.91 5.39 6.33
C LYS A 46 11.84 6.47 6.48
N ASN A 47 12.09 7.64 5.98
CA ASN A 47 11.09 8.75 6.09
C ASN A 47 9.80 8.36 5.36
N LEU A 48 9.93 7.74 4.22
CA LEU A 48 8.71 7.34 3.43
C LEU A 48 8.15 6.04 3.98
N SER A 49 7.47 6.12 5.10
CA SER A 49 6.87 4.90 5.73
C SER A 49 5.35 4.96 5.66
N PHE A 50 4.72 3.82 5.73
CA PHE A 50 3.23 3.76 5.69
C PHE A 50 2.74 2.55 6.48
N THR A 51 1.51 2.58 6.89
CA THR A 51 0.94 1.43 7.68
C THR A 51 -0.47 1.10 7.18
N ALA A 52 -0.71 -0.16 6.96
CA ALA A 52 -2.06 -0.62 6.46
C ALA A 52 -2.48 -1.87 7.21
N GLY A 53 -3.74 -1.95 7.54
CA GLY A 53 -4.27 -3.14 8.29
C GLY A 53 -5.15 -3.99 7.38
N LYS A 54 -5.02 -5.28 7.53
CA LYS A 54 -5.82 -6.25 6.72
C LYS A 54 -5.93 -5.77 5.27
N ASP A 55 -5.14 -6.35 4.40
CA ASP A 55 -5.17 -5.98 2.96
C ASP A 55 -4.89 -4.49 2.81
N VAL A 56 -5.92 -3.69 2.86
CA VAL A 56 -5.73 -2.21 2.72
C VAL A 56 -6.73 -1.50 3.64
N LYS A 57 -7.33 -2.22 4.55
CA LYS A 57 -8.32 -1.61 5.49
C LYS A 57 -7.60 -0.70 6.47
N ILE A 58 -8.10 0.49 6.63
CA ILE A 58 -7.49 1.48 7.56
C ILE A 58 -6.01 1.62 7.26
N PHE A 59 -5.65 2.70 6.61
CA PHE A 59 -4.22 2.92 6.25
C PHE A 59 -3.84 4.39 6.49
N SER A 60 -2.58 4.61 6.73
CA SER A 60 -2.09 6.01 6.99
C SER A 60 -0.79 6.24 6.24
N SER A 61 -0.54 7.47 5.87
CA SER A 61 0.70 7.81 5.11
C SER A 61 1.35 9.06 5.70
N SER A 62 2.64 9.14 5.60
CA SER A 62 3.39 10.31 6.16
C SER A 62 3.21 11.52 5.25
N GLU A 63 3.57 12.67 5.74
CA GLU A 63 3.44 13.92 4.95
C GLU A 63 4.25 13.81 3.66
N GLU A 64 5.46 13.33 3.76
CA GLU A 64 6.32 13.20 2.55
C GLU A 64 5.72 12.18 1.60
N LEU A 65 5.30 11.05 2.11
CA LEU A 65 4.69 10.00 1.25
C LEU A 65 3.33 10.50 0.75
N ASP A 66 2.70 11.35 1.51
CA ASP A 66 1.36 11.88 1.11
C ASP A 66 1.52 12.75 -0.15
N LYS A 67 2.60 13.47 -0.22
CA LYS A 67 2.83 14.37 -1.40
C LYS A 67 3.25 13.54 -2.62
N MET A 68 3.47 12.27 -2.43
CA MET A 68 3.87 11.38 -3.57
C MET A 68 2.61 10.96 -4.31
N PHE A 69 1.47 11.27 -3.76
CA PHE A 69 0.18 10.89 -4.41
C PHE A 69 -0.01 11.72 -5.67
N GLN A 70 -0.47 11.10 -6.72
CA GLN A 70 -0.70 11.81 -8.01
C GLN A 70 -2.12 11.55 -8.49
N GLU A 71 -2.56 10.32 -8.43
CA GLU A 71 -3.93 9.99 -8.89
C GLU A 71 -4.83 9.70 -7.67
N PRO A 72 -6.12 9.88 -7.80
CA PRO A 72 -7.08 9.62 -6.70
C PRO A 72 -6.94 8.22 -6.11
N ARG A 73 -7.17 8.11 -4.83
CA ARG A 73 -7.03 6.79 -4.15
C ARG A 73 -8.26 5.93 -4.44
N LYS A 74 -8.05 4.68 -4.70
CA LYS A 74 -9.17 3.74 -5.02
C LYS A 74 -8.95 2.40 -4.30
N GLY A 75 -10.03 1.75 -3.97
CA GLY A 75 -9.94 0.44 -3.27
C GLY A 75 -9.22 -0.58 -4.15
N TYR A 76 -8.79 -1.65 -3.55
CA TYR A 76 -8.06 -2.71 -4.31
C TYR A 76 -8.98 -3.29 -5.40
N ASP A 77 -10.21 -3.55 -5.07
CA ASP A 77 -11.17 -4.11 -6.06
C ASP A 77 -11.49 -3.06 -7.12
N GLU A 78 -11.50 -1.81 -6.74
CA GLU A 78 -11.83 -0.72 -7.71
C GLU A 78 -10.74 -0.61 -8.78
N ILE A 79 -9.50 -0.63 -8.38
CA ILE A 79 -8.38 -0.52 -9.37
C ILE A 79 -8.39 -1.75 -10.29
N LEU A 80 -8.72 -2.90 -9.74
CA LEU A 80 -8.73 -4.14 -10.57
C LEU A 80 -9.78 -4.01 -11.68
N GLU A 81 -10.92 -3.48 -11.36
CA GLU A 81 -11.99 -3.33 -12.39
C GLU A 81 -11.56 -2.25 -13.40
N HIS A 82 -10.98 -1.19 -12.90
CA HIS A 82 -10.52 -0.08 -13.77
C HIS A 82 -11.53 0.20 -14.87
N HIS A 83 -11.12 0.92 -15.89
CA HIS A 83 -12.04 1.27 -17.01
C HIS A 83 -11.51 0.67 -18.31
N HIS A 84 -12.30 -0.18 -18.91
CA HIS A 84 -11.90 -0.82 -20.21
C HIS A 84 -13.01 -0.63 -21.24
N HIS A 85 -12.67 0.00 -22.34
CA HIS A 85 -13.67 0.23 -23.44
C HIS A 85 -13.27 -0.58 -24.67
N HIS A 86 -14.04 -1.59 -24.96
CA HIS A 86 -13.76 -2.45 -26.15
C HIS A 86 -14.01 -1.64 -27.42
N HIS A 87 -15.09 -0.91 -27.45
CA HIS A 87 -15.43 -0.09 -28.66
C HIS A 87 -14.65 1.23 -28.63
N ALA A 1 0.63 -18.08 2.88
CA ALA A 1 -0.13 -17.90 1.62
C ALA A 1 -0.95 -16.61 1.68
N PHE A 2 -1.76 -16.48 2.70
CA PHE A 2 -2.61 -15.26 2.86
C PHE A 2 -1.73 -14.02 3.02
N PHE A 3 -0.69 -14.11 3.79
CA PHE A 3 0.23 -12.95 4.01
C PHE A 3 0.88 -12.55 2.69
N ASN A 4 1.30 -13.51 1.92
CA ASN A 4 1.97 -13.22 0.62
C ASN A 4 0.99 -12.50 -0.31
N GLU A 5 -0.24 -12.94 -0.32
CA GLU A 5 -1.26 -12.31 -1.20
C GLU A 5 -1.54 -10.88 -0.73
N GLN A 6 -1.58 -10.66 0.56
CA GLN A 6 -1.84 -9.29 1.09
C GLN A 6 -0.69 -8.37 0.66
N LYS A 7 0.51 -8.88 0.69
CA LYS A 7 1.70 -8.06 0.29
C LYS A 7 1.60 -7.67 -1.17
N GLU A 8 1.18 -8.58 -2.01
CA GLU A 8 1.06 -8.30 -3.46
C GLU A 8 -0.05 -7.26 -3.69
N LYS A 9 -1.13 -7.38 -2.97
CA LYS A 9 -2.24 -6.41 -3.13
C LYS A 9 -1.77 -5.01 -2.72
N VAL A 10 -1.06 -4.92 -1.63
CA VAL A 10 -0.55 -3.60 -1.16
C VAL A 10 0.45 -3.04 -2.16
N THR A 11 1.32 -3.86 -2.68
CA THR A 11 2.33 -3.38 -3.65
C THR A 11 1.62 -2.81 -4.87
N LEU A 12 0.63 -3.50 -5.36
CA LEU A 12 -0.11 -3.01 -6.54
C LEU A 12 -0.81 -1.70 -6.18
N TYR A 13 -1.39 -1.66 -5.02
CA TYR A 13 -2.09 -0.43 -4.55
C TYR A 13 -1.08 0.71 -4.47
N LEU A 14 0.05 0.47 -3.88
CA LEU A 14 1.09 1.54 -3.75
C LEU A 14 1.59 1.93 -5.15
N LYS A 15 1.75 0.98 -6.01
CA LYS A 15 2.25 1.28 -7.37
C LYS A 15 1.29 2.22 -8.08
N HIS A 16 0.01 1.96 -7.97
CA HIS A 16 -1.00 2.82 -8.64
C HIS A 16 -1.05 4.19 -7.95
N ASN A 17 -0.99 4.22 -6.65
CA ASN A 17 -1.05 5.51 -5.92
C ASN A 17 0.19 6.33 -6.25
N ILE A 18 1.32 5.68 -6.30
CA ILE A 18 2.59 6.39 -6.59
C ILE A 18 3.15 5.91 -7.94
N PRO A 19 3.23 6.78 -8.92
CA PRO A 19 3.75 6.42 -10.28
C PRO A 19 5.26 6.25 -10.23
N ASP A 20 5.88 6.77 -9.20
CA ASP A 20 7.36 6.66 -9.06
C ASP A 20 7.68 5.47 -8.17
N PHE A 21 6.69 4.67 -7.85
CA PHE A 21 6.91 3.49 -6.97
C PHE A 21 8.06 2.66 -7.50
N ASN A 22 9.02 2.38 -6.67
CA ASN A 22 10.21 1.57 -7.06
C ASN A 22 10.19 0.24 -6.31
N THR A 23 10.34 0.28 -5.02
CA THR A 23 10.34 -0.98 -4.22
C THR A 23 9.74 -0.73 -2.84
N VAL A 24 9.32 -1.79 -2.19
CA VAL A 24 8.70 -1.67 -0.84
C VAL A 24 9.17 -2.82 0.05
N THR A 25 9.45 -2.52 1.29
CA THR A 25 9.91 -3.57 2.25
C THR A 25 9.07 -3.51 3.51
N PHE A 26 8.49 -4.62 3.88
CA PHE A 26 7.64 -4.67 5.10
C PHE A 26 8.48 -5.06 6.31
N THR A 27 8.19 -4.48 7.44
CA THR A 27 8.97 -4.78 8.67
C THR A 27 8.32 -4.10 9.86
N ASN A 28 7.97 -4.88 10.85
CA ASN A 28 7.34 -4.34 12.09
C ASN A 28 5.84 -4.12 11.91
N GLU A 29 5.12 -4.11 12.99
CA GLU A 29 3.64 -3.88 12.95
C GLU A 29 2.97 -5.10 12.32
N GLU A 30 2.40 -5.94 13.12
CA GLU A 30 1.70 -7.16 12.62
C GLU A 30 0.48 -7.43 13.49
N PHE A 31 0.48 -6.93 14.69
CA PHE A 31 -0.67 -7.14 15.62
C PHE A 31 -1.34 -5.79 15.94
N ASN A 32 -2.64 -5.77 15.86
CA ASN A 32 -3.40 -4.53 16.17
C ASN A 32 -4.90 -4.86 16.22
N PRO A 33 -5.68 -4.08 16.94
CA PRO A 33 -7.14 -4.31 17.06
C PRO A 33 -7.79 -4.61 15.70
N ILE A 34 -7.32 -3.98 14.67
CA ILE A 34 -7.89 -4.21 13.31
C ILE A 34 -7.34 -5.52 12.75
N GLY A 35 -7.12 -6.48 13.60
CA GLY A 35 -6.59 -7.80 13.17
C GLY A 35 -5.08 -7.71 12.98
N ILE A 36 -4.64 -7.70 11.76
CA ILE A 36 -3.18 -7.62 11.46
C ILE A 36 -2.88 -6.35 10.69
N SER A 37 -1.70 -5.81 10.87
CA SER A 37 -1.31 -4.56 10.16
C SER A 37 0.02 -4.74 9.45
N ILE A 38 0.24 -3.95 8.43
CA ILE A 38 1.51 -4.02 7.65
C ILE A 38 2.19 -2.66 7.66
N ASP A 39 3.42 -2.62 8.08
CA ASP A 39 4.19 -1.34 8.12
C ASP A 39 5.53 -1.52 7.41
N GLY A 40 5.84 -0.61 6.53
CA GLY A 40 7.12 -0.70 5.77
C GLY A 40 7.47 0.65 5.18
N TYR A 41 8.37 0.67 4.23
CA TYR A 41 8.78 1.94 3.57
C TYR A 41 9.02 1.69 2.09
N ILE A 42 9.05 2.76 1.32
CA ILE A 42 9.27 2.61 -0.16
C ILE A 42 10.49 3.43 -0.60
N ASN A 43 10.99 3.12 -1.76
CA ASN A 43 12.19 3.83 -2.31
C ASN A 43 13.37 3.69 -1.34
N ASN A 44 13.41 2.61 -0.61
CA ASN A 44 14.52 2.37 0.36
C ASN A 44 14.73 3.60 1.23
N ASP A 45 13.66 4.30 1.51
CA ASP A 45 13.74 5.53 2.36
C ASP A 45 13.01 5.29 3.68
N LYS A 46 13.75 5.22 4.75
CA LYS A 46 13.15 4.99 6.09
C LYS A 46 12.15 6.12 6.39
N ASN A 47 12.43 7.29 5.93
CA ASN A 47 11.54 8.45 6.17
C ASN A 47 10.17 8.19 5.53
N LEU A 48 10.16 7.58 4.37
CA LEU A 48 8.87 7.31 3.67
C LEU A 48 8.29 6.00 4.18
N SER A 49 7.60 6.05 5.29
CA SER A 49 6.97 4.83 5.89
C SER A 49 5.52 4.72 5.45
N PHE A 50 5.04 3.51 5.32
CA PHE A 50 3.63 3.30 4.89
C PHE A 50 2.95 2.28 5.81
N THR A 51 1.74 2.56 6.20
CA THR A 51 0.97 1.64 7.08
C THR A 51 -0.39 1.34 6.48
N ALA A 52 -0.72 0.08 6.39
CA ALA A 52 -2.05 -0.33 5.83
C ALA A 52 -2.59 -1.51 6.63
N GLY A 53 -3.88 -1.62 6.72
CA GLY A 53 -4.52 -2.73 7.49
C GLY A 53 -4.79 -3.92 6.58
N LYS A 54 -4.47 -5.10 7.08
CA LYS A 54 -4.69 -6.36 6.32
C LYS A 54 -4.32 -6.16 4.84
N ASP A 55 -5.30 -6.15 3.99
CA ASP A 55 -5.06 -5.98 2.53
C ASP A 55 -4.90 -4.50 2.22
N VAL A 56 -5.95 -3.73 2.35
CA VAL A 56 -5.87 -2.27 2.06
C VAL A 56 -6.81 -1.52 3.02
N LYS A 57 -7.30 -2.19 4.04
CA LYS A 57 -8.22 -1.52 5.01
C LYS A 57 -7.50 -0.42 5.77
N ILE A 58 -7.96 0.78 5.61
CA ILE A 58 -7.35 1.95 6.31
C ILE A 58 -5.87 2.04 5.97
N PHE A 59 -5.44 3.18 5.48
CA PHE A 59 -4.02 3.37 5.11
C PHE A 59 -3.53 4.74 5.54
N SER A 60 -2.41 4.78 6.22
CA SER A 60 -1.84 6.08 6.68
C SER A 60 -0.38 6.17 6.22
N SER A 61 0.11 7.37 6.08
CA SER A 61 1.51 7.57 5.62
C SER A 61 2.06 8.90 6.15
N SER A 62 3.35 9.03 6.10
CA SER A 62 4.00 10.28 6.60
C SER A 62 3.65 11.46 5.69
N GLU A 63 3.87 12.65 6.18
CA GLU A 63 3.55 13.87 5.40
C GLU A 63 4.30 13.84 4.06
N GLU A 64 5.58 13.57 4.11
CA GLU A 64 6.40 13.53 2.87
C GLU A 64 5.90 12.40 1.96
N LEU A 65 5.56 11.27 2.52
CA LEU A 65 5.06 10.13 1.70
C LEU A 65 3.61 10.37 1.28
N ASP A 66 2.91 11.19 2.00
CA ASP A 66 1.49 11.49 1.65
C ASP A 66 1.44 12.34 0.39
N LYS A 67 2.37 13.24 0.24
CA LYS A 67 2.40 14.14 -0.94
C LYS A 67 2.98 13.41 -2.15
N MET A 68 3.50 12.23 -1.96
CA MET A 68 4.09 11.46 -3.09
C MET A 68 3.00 11.13 -4.11
N PHE A 69 1.85 10.73 -3.66
CA PHE A 69 0.74 10.38 -4.59
C PHE A 69 -0.28 11.52 -4.63
N GLN A 70 -0.56 12.01 -5.81
CA GLN A 70 -1.52 13.13 -5.98
C GLN A 70 -2.90 12.56 -6.35
N GLU A 71 -2.98 11.29 -6.59
CA GLU A 71 -4.29 10.65 -6.97
C GLU A 71 -4.49 9.36 -6.15
N PRO A 72 -5.00 9.48 -4.95
CA PRO A 72 -5.25 8.32 -4.05
C PRO A 72 -6.14 7.24 -4.69
N ARG A 73 -5.78 6.00 -4.49
CA ARG A 73 -6.55 4.88 -5.10
C ARG A 73 -7.51 4.28 -4.06
N LYS A 74 -8.48 3.53 -4.53
CA LYS A 74 -9.49 2.92 -3.61
C LYS A 74 -9.05 1.53 -3.14
N GLY A 75 -9.94 0.57 -3.22
CA GLY A 75 -9.63 -0.82 -2.74
C GLY A 75 -8.87 -1.62 -3.79
N TYR A 76 -8.39 -2.78 -3.39
CA TYR A 76 -7.60 -3.67 -4.30
C TYR A 76 -8.46 -4.10 -5.49
N ASP A 77 -9.68 -4.45 -5.26
CA ASP A 77 -10.56 -4.92 -6.37
C ASP A 77 -10.77 -3.78 -7.35
N GLU A 78 -10.93 -2.58 -6.85
CA GLU A 78 -11.16 -1.42 -7.75
C GLU A 78 -9.99 -1.25 -8.71
N ILE A 79 -8.77 -1.23 -8.19
CA ILE A 79 -7.58 -1.07 -9.08
C ILE A 79 -7.41 -2.32 -9.94
N LEU A 80 -7.81 -3.44 -9.43
CA LEU A 80 -7.68 -4.72 -10.19
C LEU A 80 -8.57 -4.64 -11.42
N GLU A 81 -9.75 -4.12 -11.26
CA GLU A 81 -10.70 -3.99 -12.41
C GLU A 81 -10.15 -2.98 -13.41
N HIS A 82 -9.54 -1.93 -12.92
CA HIS A 82 -8.99 -0.87 -13.82
C HIS A 82 -7.50 -1.13 -14.06
N HIS A 83 -7.15 -1.48 -15.27
CA HIS A 83 -5.73 -1.76 -15.62
C HIS A 83 -5.45 -1.39 -17.08
N HIS A 84 -4.28 -0.88 -17.34
CA HIS A 84 -3.91 -0.47 -18.73
C HIS A 84 -3.05 -1.57 -19.37
N HIS A 85 -3.45 -2.80 -19.21
CA HIS A 85 -2.69 -3.94 -19.80
C HIS A 85 -2.67 -3.82 -21.33
N HIS A 86 -3.70 -4.29 -21.97
CA HIS A 86 -3.78 -4.22 -23.47
C HIS A 86 -2.42 -4.55 -24.09
N HIS A 87 -2.27 -4.27 -25.35
CA HIS A 87 -1.00 -4.56 -26.06
C HIS A 87 0.09 -3.57 -25.63
N ALA A 1 -0.30 -18.83 3.92
CA ALA A 1 0.43 -17.53 3.98
C ALA A 1 -0.50 -16.40 3.53
N PHE A 2 -1.51 -16.12 4.31
CA PHE A 2 -2.47 -15.03 3.97
C PHE A 2 -1.72 -13.69 3.93
N PHE A 3 -0.74 -13.54 4.77
CA PHE A 3 0.04 -12.27 4.80
C PHE A 3 0.73 -12.05 3.44
N ASN A 4 1.13 -13.13 2.81
CA ASN A 4 1.82 -12.99 1.48
C ASN A 4 0.86 -12.36 0.47
N GLU A 5 -0.38 -12.76 0.51
CA GLU A 5 -1.38 -12.19 -0.45
C GLU A 5 -1.60 -10.70 -0.14
N GLN A 6 -1.64 -10.36 1.12
CA GLN A 6 -1.86 -8.93 1.51
C GLN A 6 -0.68 -8.08 1.00
N LYS A 7 0.51 -8.61 1.08
CA LYS A 7 1.71 -7.86 0.61
C LYS A 7 1.59 -7.62 -0.90
N GLU A 8 1.14 -8.61 -1.63
CA GLU A 8 1.01 -8.47 -3.10
C GLU A 8 -0.07 -7.43 -3.43
N LYS A 9 -1.16 -7.47 -2.72
CA LYS A 9 -2.28 -6.51 -2.98
C LYS A 9 -1.81 -5.07 -2.70
N VAL A 10 -1.12 -4.89 -1.61
CA VAL A 10 -0.63 -3.53 -1.24
C VAL A 10 0.44 -3.09 -2.24
N THR A 11 1.31 -3.98 -2.62
CA THR A 11 2.40 -3.63 -3.57
C THR A 11 1.80 -3.04 -4.85
N LEU A 12 0.78 -3.67 -5.38
CA LEU A 12 0.16 -3.14 -6.62
C LEU A 12 -0.46 -1.76 -6.34
N TYR A 13 -1.12 -1.64 -5.23
CA TYR A 13 -1.77 -0.35 -4.86
C TYR A 13 -0.71 0.74 -4.78
N LEU A 14 0.40 0.44 -4.16
CA LEU A 14 1.49 1.45 -4.02
C LEU A 14 2.02 1.85 -5.41
N LYS A 15 2.21 0.89 -6.27
CA LYS A 15 2.74 1.21 -7.63
C LYS A 15 1.76 2.10 -8.40
N HIS A 16 0.50 1.80 -8.32
CA HIS A 16 -0.53 2.61 -9.05
C HIS A 16 -0.78 3.94 -8.34
N ASN A 17 -0.66 3.97 -7.05
CA ASN A 17 -0.91 5.23 -6.29
C ASN A 17 0.40 6.02 -6.18
N ILE A 18 1.48 5.43 -6.60
CA ILE A 18 2.80 6.13 -6.53
C ILE A 18 3.57 5.88 -7.85
N PRO A 19 3.67 6.86 -8.72
CA PRO A 19 4.37 6.71 -10.03
C PRO A 19 5.89 6.63 -9.83
N ASP A 20 6.37 7.02 -8.68
CA ASP A 20 7.84 6.97 -8.41
C ASP A 20 8.18 5.67 -7.67
N PHE A 21 7.25 4.75 -7.61
CA PHE A 21 7.50 3.47 -6.89
C PHE A 21 8.73 2.78 -7.50
N ASN A 22 9.62 2.33 -6.66
CA ASN A 22 10.86 1.65 -7.14
C ASN A 22 11.08 0.37 -6.32
N THR A 23 11.00 0.46 -5.02
CA THR A 23 11.20 -0.73 -4.17
C THR A 23 10.35 -0.63 -2.91
N VAL A 24 10.03 -1.76 -2.33
CA VAL A 24 9.20 -1.77 -1.09
C VAL A 24 9.80 -2.74 -0.07
N THR A 25 9.85 -2.35 1.17
CA THR A 25 10.42 -3.23 2.23
C THR A 25 9.42 -3.33 3.39
N PHE A 26 9.01 -4.52 3.70
CA PHE A 26 8.03 -4.73 4.81
C PHE A 26 8.78 -5.12 6.08
N THR A 27 8.61 -4.37 7.12
CA THR A 27 9.30 -4.67 8.41
C THR A 27 8.31 -5.24 9.42
N ASN A 28 7.04 -4.97 9.23
CA ASN A 28 6.01 -5.51 10.19
C ASN A 28 5.15 -6.59 9.51
N GLU A 29 4.75 -7.58 10.28
CA GLU A 29 3.90 -8.67 9.72
C GLU A 29 3.30 -9.47 10.88
N GLU A 30 2.24 -8.97 11.46
CA GLU A 30 1.60 -9.68 12.61
C GLU A 30 0.12 -9.30 12.68
N PHE A 31 -0.50 -9.54 13.82
CA PHE A 31 -1.95 -9.21 13.97
C PHE A 31 -2.11 -7.92 14.77
N ASN A 32 -2.84 -6.99 14.23
CA ASN A 32 -3.05 -5.70 14.93
C ASN A 32 -4.39 -5.72 15.70
N PRO A 33 -4.58 -4.80 16.61
CA PRO A 33 -5.83 -4.72 17.40
C PRO A 33 -7.07 -4.74 16.50
N ILE A 34 -7.00 -4.04 15.40
CA ILE A 34 -8.16 -4.00 14.45
C ILE A 34 -8.15 -5.25 13.58
N GLY A 35 -7.15 -6.08 13.72
CA GLY A 35 -7.08 -7.34 12.91
C GLY A 35 -5.66 -7.56 12.42
N ILE A 36 -5.43 -7.31 11.15
CA ILE A 36 -4.06 -7.50 10.57
C ILE A 36 -3.62 -6.23 9.86
N SER A 37 -2.40 -5.82 10.11
CA SER A 37 -1.88 -4.58 9.45
C SER A 37 -0.44 -4.81 9.03
N ILE A 38 -0.04 -4.16 7.96
CA ILE A 38 1.35 -4.30 7.44
C ILE A 38 1.98 -2.91 7.33
N ASP A 39 3.20 -2.78 7.80
CA ASP A 39 3.89 -1.45 7.75
C ASP A 39 5.27 -1.61 7.10
N GLY A 40 5.70 -0.60 6.41
CA GLY A 40 7.02 -0.66 5.73
C GLY A 40 7.35 0.68 5.08
N TYR A 41 8.33 0.69 4.21
CA TYR A 41 8.73 1.95 3.52
C TYR A 41 9.15 1.64 2.09
N ILE A 42 9.24 2.65 1.26
CA ILE A 42 9.61 2.45 -0.17
C ILE A 42 10.83 3.30 -0.56
N ASN A 43 11.42 2.97 -1.68
CA ASN A 43 12.62 3.71 -2.18
C ASN A 43 13.75 3.68 -1.14
N ASN A 44 13.82 2.61 -0.39
CA ASN A 44 14.88 2.47 0.64
C ASN A 44 14.94 3.73 1.51
N ASP A 45 13.83 4.39 1.66
CA ASP A 45 13.80 5.64 2.49
C ASP A 45 12.96 5.43 3.75
N LYS A 46 13.61 5.41 4.88
CA LYS A 46 12.88 5.21 6.17
C LYS A 46 11.84 6.31 6.35
N ASN A 47 12.11 7.49 5.84
CA ASN A 47 11.15 8.62 5.96
C ASN A 47 9.84 8.26 5.23
N LEU A 48 9.95 7.62 4.10
CA LEU A 48 8.74 7.26 3.32
C LEU A 48 8.13 5.98 3.87
N SER A 49 7.41 6.09 4.97
CA SER A 49 6.77 4.89 5.58
C SER A 49 5.27 4.88 5.29
N PHE A 50 4.68 3.72 5.31
CA PHE A 50 3.23 3.59 5.03
C PHE A 50 2.65 2.40 5.79
N THR A 51 1.36 2.41 6.00
CA THR A 51 0.70 1.30 6.73
C THR A 51 -0.57 0.88 5.97
N ALA A 52 -0.81 -0.40 5.88
CA ALA A 52 -2.02 -0.90 5.15
C ALA A 52 -2.77 -1.90 6.03
N GLY A 53 -4.08 -1.76 6.08
CA GLY A 53 -4.92 -2.67 6.90
C GLY A 53 -5.79 -3.54 6.01
N LYS A 54 -5.90 -4.80 6.35
CA LYS A 54 -6.74 -5.75 5.56
C LYS A 54 -6.58 -5.52 4.06
N ASP A 55 -7.51 -6.01 3.28
CA ASP A 55 -7.42 -5.85 1.80
C ASP A 55 -7.40 -4.37 1.46
N VAL A 56 -6.26 -3.74 1.63
CA VAL A 56 -6.11 -2.30 1.31
C VAL A 56 -7.33 -1.53 1.81
N LYS A 57 -8.01 -2.07 2.79
CA LYS A 57 -9.20 -1.37 3.33
C LYS A 57 -8.77 -0.05 3.95
N ILE A 58 -7.70 -0.07 4.70
CA ILE A 58 -7.19 1.16 5.36
C ILE A 58 -5.78 1.43 4.90
N PHE A 59 -5.51 2.62 4.43
CA PHE A 59 -4.14 2.97 3.94
C PHE A 59 -3.71 4.31 4.53
N SER A 60 -2.54 4.35 5.10
CA SER A 60 -2.01 5.61 5.71
C SER A 60 -0.59 5.86 5.20
N SER A 61 -0.19 7.09 5.15
CA SER A 61 1.19 7.43 4.66
C SER A 61 1.77 8.59 5.45
N SER A 62 3.08 8.66 5.48
CA SER A 62 3.77 9.75 6.24
C SER A 62 3.66 11.08 5.49
N GLU A 63 4.03 12.15 6.13
CA GLU A 63 3.96 13.49 5.50
C GLU A 63 4.85 13.53 4.25
N GLU A 64 6.03 12.98 4.35
CA GLU A 64 6.96 12.98 3.19
C GLU A 64 6.38 12.11 2.07
N LEU A 65 5.72 11.05 2.42
CA LEU A 65 5.11 10.15 1.40
C LEU A 65 3.72 10.69 1.03
N ASP A 66 3.16 11.50 1.90
CA ASP A 66 1.81 12.08 1.62
C ASP A 66 1.88 13.05 0.43
N LYS A 67 2.88 13.88 0.41
CA LYS A 67 3.03 14.86 -0.70
C LYS A 67 3.43 14.15 -1.99
N MET A 68 3.94 12.95 -1.86
CA MET A 68 4.38 12.18 -3.07
C MET A 68 3.15 11.65 -3.81
N PHE A 69 2.39 10.81 -3.16
CA PHE A 69 1.18 10.22 -3.83
C PHE A 69 0.09 11.28 -3.98
N GLN A 70 -0.57 11.28 -5.10
CA GLN A 70 -1.68 12.25 -5.33
C GLN A 70 -2.84 11.53 -6.00
N GLU A 71 -3.12 10.31 -5.59
CA GLU A 71 -4.25 9.54 -6.21
C GLU A 71 -5.32 9.29 -5.15
N PRO A 72 -6.57 9.18 -5.57
CA PRO A 72 -7.71 8.93 -4.64
C PRO A 72 -7.64 7.54 -3.99
N ARG A 73 -8.28 7.40 -2.86
CA ARG A 73 -8.26 6.10 -2.13
C ARG A 73 -9.08 5.06 -2.91
N LYS A 74 -8.52 3.90 -3.08
CA LYS A 74 -9.23 2.81 -3.82
C LYS A 74 -8.69 1.46 -3.37
N GLY A 75 -9.55 0.47 -3.33
CA GLY A 75 -9.13 -0.89 -2.89
C GLY A 75 -8.44 -1.65 -4.03
N TYR A 76 -7.81 -2.75 -3.70
CA TYR A 76 -7.11 -3.58 -4.72
C TYR A 76 -8.12 -4.10 -5.75
N ASP A 77 -9.24 -4.59 -5.28
CA ASP A 77 -10.27 -5.11 -6.22
C ASP A 77 -10.83 -3.97 -7.07
N GLU A 78 -10.90 -2.79 -6.52
CA GLU A 78 -11.44 -1.63 -7.27
C GLU A 78 -10.53 -1.33 -8.48
N ILE A 79 -9.26 -1.20 -8.26
CA ILE A 79 -8.33 -0.92 -9.39
C ILE A 79 -8.26 -2.13 -10.30
N LEU A 80 -8.44 -3.30 -9.76
CA LEU A 80 -8.38 -4.54 -10.59
C LEU A 80 -9.48 -4.50 -11.66
N GLU A 81 -10.67 -4.10 -11.27
CA GLU A 81 -11.79 -4.04 -12.25
C GLU A 81 -11.81 -2.64 -12.89
N HIS A 82 -11.43 -1.66 -12.12
CA HIS A 82 -11.42 -0.25 -12.62
C HIS A 82 -12.68 0.03 -13.45
N HIS A 83 -13.67 0.60 -12.81
CA HIS A 83 -14.95 0.92 -13.51
C HIS A 83 -14.70 2.01 -14.56
N HIS A 84 -13.68 2.80 -14.37
CA HIS A 84 -13.36 3.89 -15.35
C HIS A 84 -14.56 4.83 -15.50
N HIS A 85 -14.63 5.83 -14.65
CA HIS A 85 -15.75 6.81 -14.72
C HIS A 85 -15.66 7.62 -16.02
N HIS A 86 -14.47 7.99 -16.39
CA HIS A 86 -14.28 8.78 -17.65
C HIS A 86 -12.87 8.51 -18.20
N HIS A 87 -11.93 8.30 -17.31
CA HIS A 87 -10.52 8.02 -17.72
C HIS A 87 -10.04 9.12 -18.68
N ALA A 1 1.09 -18.90 3.03
CA ALA A 1 1.23 -17.66 3.85
C ALA A 1 0.33 -16.56 3.28
N PHE A 2 -0.77 -16.29 3.95
CA PHE A 2 -1.71 -15.24 3.48
C PHE A 2 -1.02 -13.88 3.49
N PHE A 3 -0.07 -13.70 4.38
CA PHE A 3 0.64 -12.40 4.46
C PHE A 3 1.29 -12.08 3.11
N ASN A 4 1.76 -13.09 2.43
CA ASN A 4 2.41 -12.85 1.10
C ASN A 4 1.40 -12.24 0.14
N GLU A 5 0.18 -12.72 0.17
CA GLU A 5 -0.87 -12.20 -0.74
C GLU A 5 -1.18 -10.73 -0.39
N GLN A 6 -1.20 -10.40 0.87
CA GLN A 6 -1.49 -9.00 1.28
C GLN A 6 -0.36 -8.07 0.80
N LYS A 7 0.86 -8.52 0.89
CA LYS A 7 2.00 -7.69 0.45
C LYS A 7 1.92 -7.42 -1.05
N GLU A 8 1.54 -8.40 -1.82
CA GLU A 8 1.44 -8.23 -3.29
C GLU A 8 0.36 -7.19 -3.61
N LYS A 9 -0.75 -7.24 -2.93
CA LYS A 9 -1.85 -6.27 -3.19
C LYS A 9 -1.40 -4.84 -2.84
N VAL A 10 -0.70 -4.69 -1.75
CA VAL A 10 -0.22 -3.33 -1.36
C VAL A 10 0.78 -2.81 -2.38
N THR A 11 1.67 -3.64 -2.83
CA THR A 11 2.69 -3.21 -3.83
C THR A 11 2.00 -2.75 -5.12
N LEU A 12 1.03 -3.49 -5.58
CA LEU A 12 0.33 -3.10 -6.83
C LEU A 12 -0.37 -1.75 -6.64
N TYR A 13 -1.00 -1.56 -5.52
CA TYR A 13 -1.71 -0.28 -5.26
C TYR A 13 -0.72 0.88 -5.29
N LEU A 14 0.42 0.70 -4.69
CA LEU A 14 1.44 1.78 -4.65
C LEU A 14 1.91 2.13 -6.06
N LYS A 15 2.13 1.15 -6.89
CA LYS A 15 2.59 1.43 -8.27
C LYS A 15 1.55 2.26 -9.03
N HIS A 16 0.28 1.96 -8.85
CA HIS A 16 -0.78 2.72 -9.58
C HIS A 16 -0.81 4.16 -9.10
N ASN A 17 -0.66 4.39 -7.82
CA ASN A 17 -0.70 5.79 -7.30
C ASN A 17 0.71 6.35 -7.22
N ILE A 18 1.70 5.53 -7.51
CA ILE A 18 3.11 6.01 -7.48
C ILE A 18 3.91 5.34 -8.62
N PRO A 19 3.97 5.96 -9.79
CA PRO A 19 4.69 5.40 -10.97
C PRO A 19 6.21 5.44 -10.76
N ASP A 20 6.67 6.22 -9.83
CA ASP A 20 8.13 6.31 -9.57
C ASP A 20 8.52 5.30 -8.49
N PHE A 21 7.59 4.50 -8.05
CA PHE A 21 7.90 3.49 -7.01
C PHE A 21 9.15 2.70 -7.38
N ASN A 22 10.01 2.47 -6.42
CA ASN A 22 11.26 1.70 -6.68
C ASN A 22 11.20 0.35 -5.97
N THR A 23 11.13 0.34 -4.67
CA THR A 23 11.09 -0.95 -3.92
C THR A 23 10.30 -0.78 -2.62
N VAL A 24 9.77 -1.87 -2.10
CA VAL A 24 8.97 -1.80 -0.84
C VAL A 24 9.52 -2.81 0.16
N THR A 25 9.71 -2.39 1.38
CA THR A 25 10.24 -3.32 2.43
C THR A 25 9.21 -3.44 3.55
N PHE A 26 8.73 -4.63 3.78
CA PHE A 26 7.71 -4.84 4.83
C PHE A 26 8.40 -5.21 6.15
N THR A 27 8.16 -4.44 7.17
CA THR A 27 8.78 -4.71 8.50
C THR A 27 7.68 -5.19 9.46
N ASN A 28 6.47 -5.28 8.98
CA ASN A 28 5.34 -5.74 9.84
C ASN A 28 5.20 -4.83 11.05
N GLU A 29 5.77 -5.19 12.16
CA GLU A 29 5.69 -4.34 13.39
C GLU A 29 4.23 -4.15 13.82
N GLU A 30 3.59 -3.16 13.29
CA GLU A 30 2.18 -2.87 13.69
C GLU A 30 1.30 -4.09 13.42
N PHE A 31 0.28 -4.27 14.21
CA PHE A 31 -0.64 -5.44 14.01
C PHE A 31 -2.03 -5.08 14.51
N ASN A 32 -2.90 -4.67 13.63
CA ASN A 32 -4.28 -4.30 14.03
C ASN A 32 -4.84 -5.35 15.02
N PRO A 33 -4.98 -5.02 16.28
CA PRO A 33 -5.54 -5.96 17.30
C PRO A 33 -6.86 -6.58 16.83
N ILE A 34 -7.64 -5.82 16.10
CA ILE A 34 -8.96 -6.35 15.62
C ILE A 34 -8.73 -7.10 14.31
N GLY A 35 -7.53 -7.08 13.80
CA GLY A 35 -7.24 -7.81 12.53
C GLY A 35 -5.73 -7.90 12.33
N ILE A 36 -5.25 -7.49 11.18
CA ILE A 36 -3.78 -7.56 10.91
C ILE A 36 -3.31 -6.26 10.27
N SER A 37 -2.08 -5.88 10.51
CA SER A 37 -1.54 -4.62 9.91
C SER A 37 -0.09 -4.83 9.53
N ILE A 38 0.33 -4.28 8.42
CA ILE A 38 1.74 -4.43 7.98
C ILE A 38 2.36 -3.06 7.75
N ASP A 39 3.43 -2.77 8.43
CA ASP A 39 4.11 -1.46 8.27
C ASP A 39 5.38 -1.66 7.46
N GLY A 40 5.83 -0.63 6.79
CA GLY A 40 7.07 -0.77 5.98
C GLY A 40 7.46 0.58 5.38
N TYR A 41 8.41 0.58 4.49
CA TYR A 41 8.85 1.86 3.85
C TYR A 41 9.23 1.60 2.40
N ILE A 42 9.30 2.64 1.61
CA ILE A 42 9.66 2.49 0.16
C ILE A 42 10.89 3.33 -0.20
N ASN A 43 11.51 3.02 -1.30
CA ASN A 43 12.71 3.78 -1.75
C ASN A 43 13.80 3.73 -0.67
N ASN A 44 13.85 2.65 0.05
CA ASN A 44 14.89 2.51 1.12
C ASN A 44 14.92 3.76 1.99
N ASP A 45 13.79 4.44 2.12
CA ASP A 45 13.74 5.66 2.96
C ASP A 45 12.88 5.40 4.21
N LYS A 46 13.50 5.31 5.35
CA LYS A 46 12.75 5.05 6.61
C LYS A 46 11.72 6.15 6.83
N ASN A 47 12.03 7.35 6.43
CA ASN A 47 11.06 8.47 6.62
C ASN A 47 9.79 8.19 5.82
N LEU A 48 9.93 7.63 4.65
CA LEU A 48 8.72 7.33 3.82
C LEU A 48 8.12 5.99 4.27
N SER A 49 7.32 6.04 5.32
CA SER A 49 6.70 4.79 5.85
C SER A 49 5.25 4.67 5.38
N PHE A 50 4.71 3.48 5.43
CA PHE A 50 3.31 3.26 5.01
C PHE A 50 2.68 2.17 5.88
N THR A 51 1.38 2.20 6.03
CA THR A 51 0.69 1.16 6.86
C THR A 51 -0.53 0.63 6.12
N ALA A 52 -0.68 -0.67 6.09
CA ALA A 52 -1.84 -1.30 5.39
C ALA A 52 -2.55 -2.25 6.35
N GLY A 53 -3.86 -2.23 6.33
CA GLY A 53 -4.65 -3.12 7.25
C GLY A 53 -5.37 -4.20 6.46
N LYS A 54 -5.25 -5.43 6.90
CA LYS A 54 -5.93 -6.57 6.21
C LYS A 54 -5.79 -6.46 4.69
N ASP A 55 -6.79 -6.87 3.98
CA ASP A 55 -6.75 -6.81 2.50
C ASP A 55 -6.79 -5.36 2.05
N VAL A 56 -5.80 -4.60 2.42
CA VAL A 56 -5.76 -3.16 2.04
C VAL A 56 -7.08 -2.48 2.42
N LYS A 57 -7.81 -3.07 3.31
CA LYS A 57 -9.11 -2.48 3.73
C LYS A 57 -8.86 -1.14 4.43
N ILE A 58 -7.86 -1.08 5.27
CA ILE A 58 -7.55 0.20 5.98
C ILE A 58 -6.07 0.49 5.88
N PHE A 59 -5.72 1.59 5.26
CA PHE A 59 -4.27 1.95 5.11
C PHE A 59 -4.10 3.45 5.33
N SER A 60 -2.94 3.86 5.79
CA SER A 60 -2.68 5.31 6.03
C SER A 60 -1.27 5.66 5.58
N SER A 61 -1.06 6.87 5.12
CA SER A 61 0.29 7.31 4.66
C SER A 61 0.63 8.66 5.27
N SER A 62 1.89 8.89 5.54
CA SER A 62 2.32 10.17 6.16
C SER A 62 2.33 11.29 5.11
N GLU A 63 2.51 12.51 5.58
CA GLU A 63 2.53 13.67 4.65
C GLU A 63 3.70 13.54 3.67
N GLU A 64 4.84 13.14 4.17
CA GLU A 64 6.03 12.99 3.28
C GLU A 64 5.73 11.93 2.23
N LEU A 65 5.10 10.87 2.60
CA LEU A 65 4.77 9.79 1.62
C LEU A 65 3.53 10.21 0.82
N ASP A 66 2.70 11.03 1.39
CA ASP A 66 1.46 11.46 0.69
C ASP A 66 1.81 12.23 -0.58
N LYS A 67 2.84 13.03 -0.55
CA LYS A 67 3.22 13.82 -1.75
C LYS A 67 3.52 12.87 -2.93
N MET A 68 3.96 11.68 -2.63
CA MET A 68 4.31 10.72 -3.70
C MET A 68 3.05 10.36 -4.49
N PHE A 69 1.93 10.27 -3.82
CA PHE A 69 0.67 9.89 -4.52
C PHE A 69 0.32 10.97 -5.55
N GLN A 70 -0.07 10.54 -6.73
CA GLN A 70 -0.45 11.51 -7.81
C GLN A 70 -1.94 11.40 -8.08
N GLU A 71 -2.54 10.28 -7.76
CA GLU A 71 -3.99 10.09 -8.00
C GLU A 71 -4.73 9.98 -6.66
N PRO A 72 -6.05 10.09 -6.66
CA PRO A 72 -6.87 9.99 -5.42
C PRO A 72 -6.66 8.67 -4.67
N ARG A 73 -6.74 8.70 -3.36
CA ARG A 73 -6.54 7.46 -2.57
C ARG A 73 -7.71 6.50 -2.83
N LYS A 74 -7.41 5.29 -3.26
CA LYS A 74 -8.48 4.30 -3.55
C LYS A 74 -8.10 2.95 -2.97
N GLY A 75 -9.09 2.14 -2.68
CA GLY A 75 -8.82 0.81 -2.07
C GLY A 75 -8.37 -0.18 -3.15
N TYR A 76 -7.84 -1.29 -2.70
CA TYR A 76 -7.36 -2.35 -3.65
C TYR A 76 -8.54 -2.83 -4.51
N ASP A 77 -9.68 -3.02 -3.90
CA ASP A 77 -10.87 -3.52 -4.67
C ASP A 77 -11.30 -2.48 -5.70
N GLU A 78 -11.16 -1.22 -5.40
CA GLU A 78 -11.57 -0.16 -6.36
C GLU A 78 -10.70 -0.22 -7.62
N ILE A 79 -9.41 -0.31 -7.45
CA ILE A 79 -8.51 -0.36 -8.63
C ILE A 79 -8.67 -1.69 -9.36
N LEU A 80 -8.89 -2.76 -8.64
CA LEU A 80 -9.04 -4.09 -9.30
C LEU A 80 -10.27 -4.07 -10.21
N GLU A 81 -11.35 -3.51 -9.75
CA GLU A 81 -12.58 -3.46 -10.58
C GLU A 81 -12.34 -2.54 -11.78
N HIS A 82 -11.63 -1.47 -11.59
CA HIS A 82 -11.39 -0.53 -12.71
C HIS A 82 -10.22 -1.03 -13.56
N HIS A 83 -10.44 -1.25 -14.82
CA HIS A 83 -9.36 -1.71 -15.71
C HIS A 83 -9.81 -1.61 -17.16
N HIS A 84 -9.94 -0.41 -17.67
CA HIS A 84 -10.38 -0.21 -19.08
C HIS A 84 -11.69 -0.99 -19.32
N HIS A 85 -12.26 -1.55 -18.28
CA HIS A 85 -13.53 -2.31 -18.43
C HIS A 85 -14.66 -1.36 -18.83
N HIS A 86 -14.68 -0.18 -18.28
CA HIS A 86 -15.76 0.79 -18.60
C HIS A 86 -15.62 1.32 -20.04
N HIS A 87 -16.72 1.40 -20.74
CA HIS A 87 -16.68 1.91 -22.14
C HIS A 87 -18.11 2.28 -22.57
N ALA A 1 -0.07 -18.65 4.37
CA ALA A 1 0.69 -17.37 4.55
C ALA A 1 -0.12 -16.21 3.98
N PHE A 2 -1.11 -15.77 4.72
CA PHE A 2 -1.96 -14.64 4.27
C PHE A 2 -1.10 -13.39 4.09
N PHE A 3 -0.02 -13.29 4.82
CA PHE A 3 0.87 -12.09 4.73
C PHE A 3 1.39 -11.96 3.30
N ASN A 4 1.70 -13.05 2.66
CA ASN A 4 2.23 -12.99 1.27
C ASN A 4 1.19 -12.37 0.35
N GLU A 5 -0.06 -12.73 0.53
CA GLU A 5 -1.15 -12.17 -0.31
C GLU A 5 -1.30 -10.68 -0.04
N GLN A 6 -1.19 -10.29 1.19
CA GLN A 6 -1.33 -8.85 1.56
C GLN A 6 -0.21 -8.03 0.92
N LYS A 7 0.98 -8.57 0.92
CA LYS A 7 2.16 -7.86 0.32
C LYS A 7 1.95 -7.64 -1.18
N GLU A 8 1.44 -8.64 -1.86
CA GLU A 8 1.21 -8.51 -3.33
C GLU A 8 0.14 -7.45 -3.61
N LYS A 9 -0.93 -7.51 -2.88
CA LYS A 9 -2.04 -6.53 -3.08
C LYS A 9 -1.57 -5.12 -2.71
N VAL A 10 -0.87 -5.00 -1.62
CA VAL A 10 -0.38 -3.66 -1.16
C VAL A 10 0.62 -3.12 -2.18
N THR A 11 1.51 -3.96 -2.64
CA THR A 11 2.55 -3.51 -3.62
C THR A 11 1.86 -3.07 -4.90
N LEU A 12 0.91 -3.83 -5.37
CA LEU A 12 0.20 -3.47 -6.62
C LEU A 12 -0.56 -2.16 -6.41
N TYR A 13 -1.23 -2.04 -5.29
CA TYR A 13 -2.01 -0.80 -5.01
C TYR A 13 -1.05 0.40 -4.96
N LEU A 14 0.03 0.26 -4.26
CA LEU A 14 1.01 1.38 -4.14
C LEU A 14 1.62 1.68 -5.51
N LYS A 15 1.90 0.66 -6.28
CA LYS A 15 2.52 0.86 -7.62
C LYS A 15 1.60 1.71 -8.50
N HIS A 16 0.33 1.41 -8.52
CA HIS A 16 -0.62 2.17 -9.37
C HIS A 16 -0.86 3.57 -8.78
N ASN A 17 -0.85 3.69 -7.48
CA ASN A 17 -1.11 5.02 -6.84
C ASN A 17 0.21 5.78 -6.74
N ILE A 18 1.29 5.16 -7.14
CA ILE A 18 2.62 5.84 -7.08
C ILE A 18 3.40 5.57 -8.39
N PRO A 19 3.48 6.56 -9.26
CA PRO A 19 4.20 6.41 -10.56
C PRO A 19 5.71 6.40 -10.36
N ASP A 20 6.15 6.84 -9.21
CA ASP A 20 7.61 6.86 -8.91
C ASP A 20 7.98 5.57 -8.18
N PHE A 21 7.06 4.65 -8.11
CA PHE A 21 7.32 3.36 -7.40
C PHE A 21 8.53 2.66 -8.00
N ASN A 22 9.41 2.19 -7.15
CA ASN A 22 10.64 1.50 -7.60
C ASN A 22 10.85 0.25 -6.74
N THR A 23 10.82 0.41 -5.44
CA THR A 23 11.02 -0.76 -4.53
C THR A 23 10.22 -0.56 -3.24
N VAL A 24 9.90 -1.65 -2.58
CA VAL A 24 9.12 -1.58 -1.31
C VAL A 24 9.68 -2.59 -0.31
N THR A 25 9.73 -2.21 0.94
CA THR A 25 10.25 -3.12 2.00
C THR A 25 9.23 -3.23 3.12
N PHE A 26 8.74 -4.43 3.34
CA PHE A 26 7.74 -4.69 4.42
C PHE A 26 8.43 -5.15 5.68
N THR A 27 8.17 -4.50 6.77
CA THR A 27 8.79 -4.87 8.07
C THR A 27 7.81 -5.74 8.86
N ASN A 28 6.55 -5.72 8.48
CA ASN A 28 5.51 -6.55 9.16
C ASN A 28 5.45 -6.17 10.63
N GLU A 29 5.66 -4.91 10.92
CA GLU A 29 5.62 -4.44 12.34
C GLU A 29 4.23 -3.92 12.69
N GLU A 30 4.06 -3.48 13.90
CA GLU A 30 2.75 -2.95 14.38
C GLU A 30 1.67 -4.02 14.25
N PHE A 31 0.69 -3.95 15.10
CA PHE A 31 -0.43 -4.94 15.07
C PHE A 31 -1.67 -4.33 15.71
N ASN A 32 -2.70 -4.15 14.90
CA ASN A 32 -3.96 -3.56 15.41
C ASN A 32 -4.91 -4.69 15.86
N PRO A 33 -5.70 -4.43 16.87
CA PRO A 33 -6.67 -5.44 17.39
C PRO A 33 -7.80 -5.71 16.38
N ILE A 34 -8.02 -4.79 15.48
CA ILE A 34 -9.12 -4.96 14.48
C ILE A 34 -8.68 -5.95 13.40
N GLY A 35 -7.46 -6.40 13.45
CA GLY A 35 -6.98 -7.38 12.44
C GLY A 35 -5.46 -7.44 12.44
N ILE A 36 -4.86 -7.20 11.30
CA ILE A 36 -3.37 -7.24 11.19
C ILE A 36 -2.87 -5.97 10.52
N SER A 37 -1.75 -5.47 11.00
CA SER A 37 -1.16 -4.21 10.44
C SER A 37 0.19 -4.51 9.82
N ILE A 38 0.39 -4.08 8.60
CA ILE A 38 1.68 -4.30 7.89
C ILE A 38 2.37 -2.96 7.65
N ASP A 39 3.60 -2.87 8.06
CA ASP A 39 4.37 -1.60 7.89
C ASP A 39 5.53 -1.82 6.92
N GLY A 40 5.89 -0.79 6.21
CA GLY A 40 7.00 -0.88 5.23
C GLY A 40 7.30 0.50 4.66
N TYR A 41 8.27 0.58 3.78
CA TYR A 41 8.64 1.88 3.16
C TYR A 41 9.01 1.69 1.70
N ILE A 42 9.09 2.77 0.97
CA ILE A 42 9.44 2.71 -0.48
C ILE A 42 10.70 3.52 -0.76
N ASN A 43 11.30 3.27 -1.88
CA ASN A 43 12.54 3.99 -2.28
C ASN A 43 13.62 3.79 -1.22
N ASN A 44 13.62 2.64 -0.60
CA ASN A 44 14.62 2.31 0.46
C ASN A 44 14.78 3.50 1.40
N ASP A 45 13.74 4.28 1.58
CA ASP A 45 13.80 5.47 2.49
C ASP A 45 12.95 5.20 3.73
N LYS A 46 13.60 5.08 4.85
CA LYS A 46 12.89 4.83 6.14
C LYS A 46 11.87 5.93 6.40
N ASN A 47 12.17 7.14 6.01
CA ASN A 47 11.24 8.27 6.24
C ASN A 47 9.94 8.02 5.48
N LEU A 48 10.04 7.49 4.29
CA LEU A 48 8.82 7.23 3.47
C LEU A 48 8.20 5.91 3.91
N SER A 49 7.53 5.92 5.03
CA SER A 49 6.89 4.67 5.56
C SER A 49 5.38 4.69 5.29
N PHE A 50 4.79 3.52 5.33
CA PHE A 50 3.32 3.40 5.09
C PHE A 50 2.77 2.24 5.92
N THR A 51 1.49 2.30 6.22
CA THR A 51 0.84 1.22 7.03
C THR A 51 -0.49 0.81 6.42
N ALA A 52 -0.71 -0.47 6.32
CA ALA A 52 -2.00 -1.00 5.75
C ALA A 52 -2.57 -2.05 6.70
N GLY A 53 -3.87 -2.00 6.89
CA GLY A 53 -4.56 -2.95 7.81
C GLY A 53 -5.35 -4.00 7.02
N LYS A 54 -5.22 -5.23 7.40
CA LYS A 54 -5.93 -6.35 6.73
C LYS A 54 -6.02 -6.12 5.22
N ASP A 55 -7.19 -6.32 4.66
CA ASP A 55 -7.36 -6.14 3.20
C ASP A 55 -7.37 -4.64 2.87
N VAL A 56 -6.27 -3.98 3.14
CA VAL A 56 -6.15 -2.52 2.87
C VAL A 56 -7.42 -1.81 3.35
N LYS A 57 -8.11 -2.40 4.29
CA LYS A 57 -9.35 -1.80 4.83
C LYS A 57 -9.00 -0.48 5.51
N ILE A 58 -7.92 -0.47 6.26
CA ILE A 58 -7.48 0.78 6.97
C ILE A 58 -6.01 1.04 6.65
N PHE A 59 -5.71 2.22 6.20
CA PHE A 59 -4.31 2.58 5.85
C PHE A 59 -3.98 4.00 6.29
N SER A 60 -2.73 4.24 6.56
CA SER A 60 -2.28 5.59 6.99
C SER A 60 -0.94 5.93 6.33
N SER A 61 -0.69 7.19 6.15
CA SER A 61 0.59 7.62 5.50
C SER A 61 1.16 8.85 6.23
N SER A 62 2.44 9.02 6.15
CA SER A 62 3.13 10.16 6.81
C SER A 62 3.04 11.41 5.95
N GLU A 63 3.40 12.52 6.52
CA GLU A 63 3.36 13.81 5.78
C GLU A 63 4.37 13.77 4.65
N GLU A 64 5.43 13.03 4.82
CA GLU A 64 6.47 12.94 3.76
C GLU A 64 5.95 12.08 2.60
N LEU A 65 5.46 10.91 2.91
CA LEU A 65 4.94 10.00 1.84
C LEU A 65 3.71 10.62 1.19
N ASP A 66 3.08 11.55 1.87
CA ASP A 66 1.86 12.21 1.34
C ASP A 66 2.21 12.99 0.06
N LYS A 67 3.39 13.54 0.00
CA LYS A 67 3.78 14.34 -1.20
C LYS A 67 3.81 13.44 -2.43
N MET A 68 4.38 12.27 -2.29
CA MET A 68 4.47 11.33 -3.45
C MET A 68 3.07 10.85 -3.80
N PHE A 69 2.26 10.62 -2.79
CA PHE A 69 0.87 10.14 -3.02
C PHE A 69 0.08 11.23 -3.71
N GLN A 70 -0.51 10.91 -4.84
CA GLN A 70 -1.30 11.90 -5.62
C GLN A 70 -2.52 11.21 -6.23
N GLU A 71 -2.64 9.93 -6.02
CA GLU A 71 -3.80 9.18 -6.59
C GLU A 71 -4.82 8.92 -5.48
N PRO A 72 -6.00 9.52 -5.58
CA PRO A 72 -7.06 9.35 -4.55
C PRO A 72 -7.32 7.89 -4.19
N ARG A 73 -7.71 7.65 -2.97
CA ARG A 73 -7.97 6.26 -2.51
C ARG A 73 -9.19 5.69 -3.22
N LYS A 74 -9.13 4.43 -3.52
CA LYS A 74 -10.26 3.75 -4.22
C LYS A 74 -10.47 2.36 -3.63
N GLY A 75 -9.62 1.43 -3.99
CA GLY A 75 -9.75 0.04 -3.44
C GLY A 75 -9.01 -0.96 -4.35
N TYR A 76 -8.72 -2.11 -3.81
CA TYR A 76 -8.00 -3.17 -4.58
C TYR A 76 -8.86 -3.61 -5.77
N ASP A 77 -10.13 -3.82 -5.54
CA ASP A 77 -11.05 -4.27 -6.63
C ASP A 77 -11.20 -3.15 -7.67
N GLU A 78 -11.19 -1.91 -7.25
CA GLU A 78 -11.37 -0.79 -8.22
C GLU A 78 -10.19 -0.71 -9.19
N ILE A 79 -8.99 -0.83 -8.69
CA ILE A 79 -7.80 -0.75 -9.58
C ILE A 79 -7.76 -1.92 -10.54
N LEU A 80 -8.13 -3.08 -10.08
CA LEU A 80 -8.11 -4.28 -10.97
C LEU A 80 -9.11 -4.09 -12.11
N GLU A 81 -10.26 -3.54 -11.82
CA GLU A 81 -11.28 -3.32 -12.87
C GLU A 81 -10.79 -2.25 -13.86
N HIS A 82 -10.11 -1.26 -13.37
CA HIS A 82 -9.59 -0.17 -14.26
C HIS A 82 -8.46 -0.70 -15.14
N HIS A 83 -8.82 -1.23 -16.28
CA HIS A 83 -7.83 -1.79 -17.25
C HIS A 83 -6.66 -2.43 -16.52
N HIS A 84 -6.80 -3.71 -16.22
CA HIS A 84 -5.72 -4.45 -15.50
C HIS A 84 -4.58 -4.77 -16.47
N HIS A 85 -4.90 -5.41 -17.57
CA HIS A 85 -3.85 -5.76 -18.57
C HIS A 85 -4.53 -6.08 -19.92
N HIS A 86 -5.30 -7.14 -19.95
CA HIS A 86 -6.00 -7.55 -21.20
C HIS A 86 -5.00 -7.59 -22.35
N HIS A 87 -3.73 -7.50 -22.04
CA HIS A 87 -2.67 -7.54 -23.09
C HIS A 87 -2.98 -6.50 -24.17
N ALA A 1 1.58 -18.22 2.56
CA ALA A 1 0.93 -17.82 1.28
C ALA A 1 -0.09 -16.71 1.56
N PHE A 2 -0.76 -16.78 2.67
CA PHE A 2 -1.77 -15.73 3.01
C PHE A 2 -1.08 -14.37 3.11
N PHE A 3 0.04 -14.33 3.79
CA PHE A 3 0.79 -13.05 3.93
C PHE A 3 1.32 -12.62 2.56
N ASN A 4 1.76 -13.55 1.76
CA ASN A 4 2.30 -13.20 0.42
C ASN A 4 1.19 -12.54 -0.42
N GLU A 5 -0.01 -13.06 -0.35
CA GLU A 5 -1.11 -12.46 -1.14
C GLU A 5 -1.37 -11.05 -0.63
N GLN A 6 -1.41 -10.87 0.66
CA GLN A 6 -1.64 -9.52 1.24
C GLN A 6 -0.48 -8.60 0.87
N LYS A 7 0.72 -9.12 0.89
CA LYS A 7 1.92 -8.29 0.56
C LYS A 7 1.84 -7.83 -0.89
N GLU A 8 1.40 -8.69 -1.77
CA GLU A 8 1.30 -8.31 -3.21
C GLU A 8 0.26 -7.21 -3.39
N LYS A 9 -0.82 -7.30 -2.66
CA LYS A 9 -1.88 -6.26 -2.78
C LYS A 9 -1.35 -4.90 -2.34
N VAL A 10 -0.58 -4.87 -1.29
CA VAL A 10 -0.02 -3.58 -0.81
C VAL A 10 0.94 -3.01 -1.87
N THR A 11 1.76 -3.84 -2.43
CA THR A 11 2.71 -3.39 -3.48
C THR A 11 1.92 -2.83 -4.66
N LEU A 12 0.89 -3.53 -5.07
CA LEU A 12 0.08 -3.05 -6.22
C LEU A 12 -0.56 -1.71 -5.86
N TYR A 13 -1.06 -1.59 -4.67
CA TYR A 13 -1.69 -0.30 -4.24
C TYR A 13 -0.65 0.82 -4.31
N LEU A 14 0.51 0.59 -3.76
CA LEU A 14 1.57 1.62 -3.77
C LEU A 14 1.97 1.93 -5.22
N LYS A 15 2.10 0.93 -6.03
CA LYS A 15 2.50 1.14 -7.45
C LYS A 15 1.45 2.00 -8.16
N HIS A 16 0.20 1.72 -7.93
CA HIS A 16 -0.87 2.50 -8.61
C HIS A 16 -0.90 3.93 -8.06
N ASN A 17 -0.70 4.10 -6.78
CA ASN A 17 -0.72 5.47 -6.19
C ASN A 17 0.67 6.09 -6.33
N ILE A 18 1.65 5.29 -6.65
CA ILE A 18 3.04 5.81 -6.80
C ILE A 18 3.68 5.19 -8.05
N PRO A 19 3.38 5.72 -9.20
CA PRO A 19 3.95 5.22 -10.49
C PRO A 19 5.49 5.22 -10.44
N ASP A 20 6.05 6.11 -9.67
CA ASP A 20 7.53 6.20 -9.56
C ASP A 20 8.00 5.17 -8.53
N PHE A 21 7.13 4.27 -8.14
CA PHE A 21 7.51 3.24 -7.13
C PHE A 21 8.77 2.49 -7.56
N ASN A 22 9.69 2.31 -6.64
CA ASN A 22 10.95 1.59 -6.94
C ASN A 22 10.95 0.25 -6.21
N THR A 23 10.93 0.27 -4.91
CA THR A 23 10.94 -1.01 -4.14
C THR A 23 10.20 -0.82 -2.80
N VAL A 24 9.73 -1.89 -2.23
CA VAL A 24 8.99 -1.81 -0.92
C VAL A 24 9.65 -2.75 0.09
N THR A 25 9.88 -2.28 1.29
CA THR A 25 10.52 -3.13 2.34
C THR A 25 9.59 -3.23 3.54
N PHE A 26 9.18 -4.42 3.89
CA PHE A 26 8.26 -4.61 5.05
C PHE A 26 9.08 -4.91 6.30
N THR A 27 8.69 -4.36 7.42
CA THR A 27 9.43 -4.60 8.70
C THR A 27 8.51 -5.33 9.67
N ASN A 28 7.23 -5.06 9.60
CA ASN A 28 6.26 -5.74 10.53
C ASN A 28 4.99 -6.14 9.76
N GLU A 29 4.47 -7.30 10.05
CA GLU A 29 3.24 -7.78 9.36
C GLU A 29 2.33 -8.45 10.41
N GLU A 30 1.96 -7.72 11.43
CA GLU A 30 1.09 -8.30 12.49
C GLU A 30 0.71 -7.20 13.48
N PHE A 31 0.10 -7.59 14.57
CA PHE A 31 -0.31 -6.62 15.63
C PHE A 31 -1.36 -5.66 15.06
N ASN A 32 -2.61 -5.98 15.22
CA ASN A 32 -3.69 -5.09 14.72
C ASN A 32 -5.05 -5.60 15.25
N PRO A 33 -5.77 -4.79 16.00
CA PRO A 33 -7.11 -5.20 16.55
C PRO A 33 -8.00 -5.84 15.48
N ILE A 34 -8.03 -5.27 14.31
CA ILE A 34 -8.88 -5.83 13.22
C ILE A 34 -8.29 -7.15 12.74
N GLY A 35 -7.00 -7.26 12.68
CA GLY A 35 -6.37 -8.52 12.20
C GLY A 35 -4.84 -8.39 12.25
N ILE A 36 -4.25 -7.89 11.19
CA ILE A 36 -2.76 -7.71 11.14
C ILE A 36 -2.41 -6.34 10.57
N SER A 37 -1.28 -5.80 10.97
CA SER A 37 -0.85 -4.46 10.47
C SER A 37 0.45 -4.61 9.66
N ILE A 38 0.49 -4.02 8.50
CA ILE A 38 1.73 -4.11 7.64
C ILE A 38 2.44 -2.75 7.67
N ASP A 39 3.63 -2.72 8.20
CA ASP A 39 4.41 -1.45 8.26
C ASP A 39 5.72 -1.61 7.48
N GLY A 40 6.10 -0.59 6.76
CA GLY A 40 7.36 -0.67 5.96
C GLY A 40 7.62 0.66 5.28
N TYR A 41 8.56 0.69 4.37
CA TYR A 41 8.88 1.97 3.65
C TYR A 41 9.27 1.67 2.21
N ILE A 42 9.30 2.68 1.38
CA ILE A 42 9.65 2.49 -0.07
C ILE A 42 10.88 3.32 -0.43
N ASN A 43 11.50 2.99 -1.54
CA ASN A 43 12.72 3.72 -2.00
C ASN A 43 13.78 3.68 -0.89
N ASN A 44 13.83 2.61 -0.14
CA ASN A 44 14.84 2.47 0.95
C ASN A 44 14.92 3.78 1.74
N ASP A 45 13.83 4.50 1.82
CA ASP A 45 13.82 5.78 2.59
C ASP A 45 13.01 5.61 3.87
N LYS A 46 13.67 5.66 5.00
CA LYS A 46 12.97 5.48 6.30
C LYS A 46 11.88 6.55 6.45
N ASN A 47 12.11 7.71 5.92
CA ASN A 47 11.10 8.81 6.02
C ASN A 47 9.81 8.39 5.31
N LEU A 48 9.93 7.72 4.19
CA LEU A 48 8.72 7.29 3.44
C LEU A 48 8.18 5.99 4.01
N SER A 49 7.46 6.07 5.11
CA SER A 49 6.90 4.84 5.75
C SER A 49 5.41 4.74 5.46
N PHE A 50 4.87 3.55 5.56
CA PHE A 50 3.41 3.36 5.30
C PHE A 50 2.86 2.29 6.23
N THR A 51 1.63 2.43 6.66
CA THR A 51 1.00 1.43 7.57
C THR A 51 -0.36 1.03 7.02
N ALA A 52 -0.62 -0.25 6.94
CA ALA A 52 -1.94 -0.73 6.42
C ALA A 52 -2.51 -1.78 7.37
N GLY A 53 -3.79 -1.71 7.62
CA GLY A 53 -4.43 -2.70 8.55
C GLY A 53 -5.05 -3.84 7.74
N LYS A 54 -4.36 -4.94 7.66
CA LYS A 54 -4.90 -6.13 6.91
C LYS A 54 -5.52 -5.70 5.58
N ASP A 55 -6.75 -5.27 5.59
CA ASP A 55 -7.42 -4.85 4.33
C ASP A 55 -6.88 -3.49 3.87
N VAL A 56 -6.39 -3.42 2.66
CA VAL A 56 -5.84 -2.14 2.13
C VAL A 56 -6.95 -1.07 2.13
N LYS A 57 -8.13 -1.44 2.54
CA LYS A 57 -9.25 -0.45 2.57
C LYS A 57 -8.90 0.68 3.55
N ILE A 58 -8.34 0.34 4.68
CA ILE A 58 -7.98 1.39 5.69
C ILE A 58 -6.46 1.41 5.88
N PHE A 59 -5.83 2.51 5.52
CA PHE A 59 -4.35 2.62 5.67
C PHE A 59 -3.97 4.01 6.14
N SER A 60 -2.81 4.14 6.75
CA SER A 60 -2.34 5.47 7.24
C SER A 60 -1.03 5.82 6.56
N SER A 61 -0.88 7.06 6.14
CA SER A 61 0.38 7.49 5.45
C SER A 61 0.82 8.85 5.96
N SER A 62 2.11 9.08 6.03
CA SER A 62 2.63 10.37 6.53
C SER A 62 2.57 11.43 5.42
N GLU A 63 2.87 12.65 5.76
CA GLU A 63 2.84 13.76 4.76
C GLU A 63 3.94 13.53 3.71
N GLU A 64 5.07 13.01 4.13
CA GLU A 64 6.20 12.78 3.19
C GLU A 64 5.79 11.74 2.15
N LEU A 65 4.99 10.79 2.52
CA LEU A 65 4.55 9.73 1.56
C LEU A 65 3.24 10.18 0.90
N ASP A 66 2.51 11.04 1.55
CA ASP A 66 1.21 11.52 0.98
C ASP A 66 1.49 12.33 -0.30
N LYS A 67 2.53 13.10 -0.31
CA LYS A 67 2.84 13.93 -1.50
C LYS A 67 3.30 13.04 -2.66
N MET A 68 3.60 11.81 -2.40
CA MET A 68 4.05 10.89 -3.48
C MET A 68 2.84 10.40 -4.28
N PHE A 69 1.66 10.67 -3.81
CA PHE A 69 0.44 10.20 -4.55
C PHE A 69 0.29 11.00 -5.84
N GLN A 70 0.12 10.31 -6.95
CA GLN A 70 -0.04 11.01 -8.26
C GLN A 70 -1.48 10.86 -8.74
N GLU A 71 -2.03 9.67 -8.64
CA GLU A 71 -3.43 9.44 -9.12
C GLU A 71 -4.41 9.55 -7.95
N PRO A 72 -5.70 9.66 -8.25
CA PRO A 72 -6.76 9.76 -7.19
C PRO A 72 -6.74 8.55 -6.25
N ARG A 73 -7.07 8.76 -5.00
CA ARG A 73 -7.08 7.64 -4.03
C ARG A 73 -8.13 6.60 -4.41
N LYS A 74 -7.71 5.38 -4.56
CA LYS A 74 -8.66 4.28 -4.92
C LYS A 74 -8.32 3.03 -4.11
N GLY A 75 -9.32 2.32 -3.66
CA GLY A 75 -9.07 1.10 -2.85
C GLY A 75 -8.57 -0.05 -3.74
N TYR A 76 -8.20 -1.15 -3.13
CA TYR A 76 -7.71 -2.33 -3.89
C TYR A 76 -8.79 -2.83 -4.84
N ASP A 77 -10.01 -2.91 -4.38
CA ASP A 77 -11.12 -3.39 -5.25
C ASP A 77 -11.43 -2.35 -6.33
N GLU A 78 -11.28 -1.09 -6.02
CA GLU A 78 -11.58 -0.03 -7.03
C GLU A 78 -10.58 -0.11 -8.19
N ILE A 79 -9.31 -0.27 -7.90
CA ILE A 79 -8.31 -0.35 -8.99
C ILE A 79 -8.54 -1.60 -9.85
N LEU A 80 -8.91 -2.70 -9.24
CA LEU A 80 -9.14 -3.94 -10.03
C LEU A 80 -10.30 -3.71 -11.00
N GLU A 81 -11.34 -3.06 -10.55
CA GLU A 81 -12.50 -2.80 -11.44
C GLU A 81 -12.08 -1.82 -12.53
N HIS A 82 -11.27 -0.86 -12.18
CA HIS A 82 -10.81 0.15 -13.19
C HIS A 82 -9.62 -0.41 -13.97
N HIS A 83 -9.86 -0.88 -15.17
CA HIS A 83 -8.76 -1.45 -15.98
C HIS A 83 -7.98 -0.34 -16.67
N HIS A 84 -6.78 -0.65 -17.10
CA HIS A 84 -5.94 0.38 -17.78
C HIS A 84 -6.37 0.53 -19.24
N HIS A 85 -6.66 1.74 -19.65
CA HIS A 85 -7.07 1.99 -21.06
C HIS A 85 -5.89 1.70 -21.98
N HIS A 86 -4.72 2.15 -21.60
CA HIS A 86 -3.51 1.92 -22.44
C HIS A 86 -3.25 0.42 -22.58
N HIS A 87 -3.38 -0.31 -21.50
CA HIS A 87 -3.14 -1.79 -21.54
C HIS A 87 -4.39 -2.51 -21.02
N ALA A 1 -0.76 -18.74 3.16
CA ALA A 1 -0.24 -17.75 2.18
C ALA A 1 -1.09 -16.48 2.26
N PHE A 2 -1.79 -16.30 3.35
CA PHE A 2 -2.65 -15.08 3.51
C PHE A 2 -1.77 -13.82 3.49
N PHE A 3 -0.66 -13.87 4.16
CA PHE A 3 0.25 -12.69 4.20
C PHE A 3 0.88 -12.45 2.83
N ASN A 4 1.18 -13.50 2.11
CA ASN A 4 1.82 -13.34 0.77
C ASN A 4 0.90 -12.58 -0.18
N GLU A 5 -0.36 -12.91 -0.19
CA GLU A 5 -1.32 -12.21 -1.09
C GLU A 5 -1.53 -10.77 -0.59
N GLN A 6 -1.55 -10.58 0.70
CA GLN A 6 -1.75 -9.22 1.25
C GLN A 6 -0.60 -8.31 0.82
N LYS A 7 0.60 -8.81 0.86
CA LYS A 7 1.77 -7.98 0.45
C LYS A 7 1.66 -7.67 -1.04
N GLU A 8 1.25 -8.63 -1.81
CA GLU A 8 1.11 -8.41 -3.29
C GLU A 8 0.08 -7.32 -3.56
N LYS A 9 -1.02 -7.34 -2.87
CA LYS A 9 -2.07 -6.29 -3.09
C LYS A 9 -1.53 -4.92 -2.70
N VAL A 10 -0.83 -4.84 -1.60
CA VAL A 10 -0.27 -3.53 -1.16
C VAL A 10 0.78 -3.06 -2.15
N THR A 11 1.61 -3.95 -2.61
CA THR A 11 2.67 -3.56 -3.59
C THR A 11 2.01 -3.00 -4.86
N LEU A 12 1.03 -3.68 -5.35
CA LEU A 12 0.34 -3.21 -6.59
C LEU A 12 -0.34 -1.86 -6.31
N TYR A 13 -0.96 -1.75 -5.17
CA TYR A 13 -1.65 -0.48 -4.81
C TYR A 13 -0.64 0.67 -4.75
N LEU A 14 0.46 0.45 -4.10
CA LEU A 14 1.50 1.52 -3.99
C LEU A 14 2.09 1.83 -5.36
N LYS A 15 2.30 0.82 -6.17
CA LYS A 15 2.91 1.06 -7.51
C LYS A 15 2.02 1.98 -8.35
N HIS A 16 0.74 1.73 -8.35
CA HIS A 16 -0.19 2.59 -9.16
C HIS A 16 -0.28 3.99 -8.54
N ASN A 17 -0.30 4.07 -7.25
CA ASN A 17 -0.42 5.40 -6.57
C ASN A 17 0.82 6.23 -6.90
N ILE A 18 1.98 5.62 -6.88
CA ILE A 18 3.23 6.38 -7.16
C ILE A 18 3.88 5.86 -8.46
N PRO A 19 4.03 6.71 -9.46
CA PRO A 19 4.64 6.30 -10.77
C PRO A 19 6.15 6.07 -10.63
N ASP A 20 6.74 6.60 -9.61
CA ASP A 20 8.20 6.43 -9.39
C ASP A 20 8.44 5.26 -8.44
N PHE A 21 7.39 4.52 -8.13
CA PHE A 21 7.54 3.37 -7.20
C PHE A 21 8.71 2.50 -7.63
N ASN A 22 9.67 2.33 -6.75
CA ASN A 22 10.85 1.49 -7.05
C ASN A 22 10.72 0.13 -6.37
N THR A 23 10.79 0.11 -5.07
CA THR A 23 10.67 -1.18 -4.33
C THR A 23 10.01 -0.94 -2.97
N VAL A 24 9.55 -1.98 -2.34
CA VAL A 24 8.89 -1.83 -1.01
C VAL A 24 9.43 -2.88 -0.04
N THR A 25 9.70 -2.49 1.18
CA THR A 25 10.23 -3.45 2.19
C THR A 25 9.34 -3.42 3.44
N PHE A 26 8.82 -4.57 3.81
CA PHE A 26 7.94 -4.65 5.00
C PHE A 26 8.77 -4.88 6.25
N THR A 27 8.53 -4.12 7.29
CA THR A 27 9.30 -4.28 8.55
C THR A 27 8.42 -4.94 9.62
N ASN A 28 7.26 -4.39 9.88
CA ASN A 28 6.37 -4.98 10.93
C ASN A 28 5.27 -5.82 10.27
N GLU A 29 4.92 -6.91 10.89
CA GLU A 29 3.84 -7.80 10.34
C GLU A 29 3.35 -8.73 11.43
N GLU A 30 2.17 -8.49 11.95
CA GLU A 30 1.63 -9.36 13.03
C GLU A 30 0.16 -9.03 13.28
N PHE A 31 -0.47 -9.75 14.17
CA PHE A 31 -1.90 -9.49 14.49
C PHE A 31 -2.09 -8.08 15.05
N ASN A 32 -3.30 -7.75 15.39
CA ASN A 32 -3.57 -6.40 15.96
C ASN A 32 -5.05 -6.32 16.38
N PRO A 33 -5.43 -5.32 17.12
CA PRO A 33 -6.85 -5.13 17.56
C PRO A 33 -7.81 -5.16 16.38
N ILE A 34 -7.43 -4.55 15.29
CA ILE A 34 -8.31 -4.52 14.09
C ILE A 34 -8.05 -5.75 13.23
N GLY A 35 -7.10 -6.56 13.61
CA GLY A 35 -6.79 -7.80 12.83
C GLY A 35 -5.27 -7.92 12.64
N ILE A 36 -4.77 -7.45 11.53
CA ILE A 36 -3.31 -7.53 11.25
C ILE A 36 -2.76 -6.15 10.91
N SER A 37 -1.52 -5.90 11.24
CA SER A 37 -0.90 -4.58 10.94
C SER A 37 0.41 -4.81 10.18
N ILE A 38 0.56 -4.09 9.10
CA ILE A 38 1.80 -4.22 8.26
C ILE A 38 2.40 -2.84 8.03
N ASP A 39 3.69 -2.71 8.24
CA ASP A 39 4.35 -1.38 8.05
C ASP A 39 5.65 -1.57 7.29
N GLY A 40 6.00 -0.60 6.47
CA GLY A 40 7.26 -0.70 5.69
C GLY A 40 7.59 0.64 5.06
N TYR A 41 8.48 0.65 4.10
CA TYR A 41 8.87 1.94 3.43
C TYR A 41 9.14 1.69 1.94
N ILE A 42 9.12 2.74 1.16
CA ILE A 42 9.36 2.59 -0.31
C ILE A 42 10.56 3.42 -0.77
N ASN A 43 11.11 3.06 -1.90
CA ASN A 43 12.28 3.78 -2.47
C ASN A 43 13.43 3.77 -1.46
N ASN A 44 13.53 2.72 -0.70
CA ASN A 44 14.64 2.61 0.30
C ASN A 44 14.70 3.89 1.13
N ASP A 45 13.58 4.53 1.33
CA ASP A 45 13.55 5.79 2.13
C ASP A 45 12.78 5.55 3.43
N LYS A 46 13.49 5.51 4.53
CA LYS A 46 12.84 5.28 5.85
C LYS A 46 11.83 6.38 6.12
N ASN A 47 12.08 7.56 5.63
CA ASN A 47 11.12 8.68 5.86
C ASN A 47 9.78 8.34 5.20
N LEU A 48 9.82 7.73 4.05
CA LEU A 48 8.56 7.37 3.34
C LEU A 48 8.01 6.04 3.89
N SER A 49 7.39 6.10 5.04
CA SER A 49 6.83 4.85 5.67
C SER A 49 5.31 4.81 5.50
N PHE A 50 4.74 3.63 5.66
CA PHE A 50 3.27 3.48 5.51
C PHE A 50 2.77 2.35 6.43
N THR A 51 1.51 2.39 6.80
CA THR A 51 0.95 1.32 7.68
C THR A 51 -0.44 0.90 7.19
N ALA A 52 -0.73 -0.38 7.23
CA ALA A 52 -2.07 -0.88 6.75
C ALA A 52 -2.72 -1.70 7.87
N GLY A 53 -4.04 -1.69 7.91
CA GLY A 53 -4.77 -2.45 8.97
C GLY A 53 -5.80 -3.40 8.34
N LYS A 54 -5.42 -4.63 8.14
CA LYS A 54 -6.33 -5.64 7.55
C LYS A 54 -6.94 -5.14 6.23
N ASP A 55 -6.61 -5.81 5.16
CA ASP A 55 -7.13 -5.42 3.81
C ASP A 55 -6.72 -3.99 3.45
N VAL A 56 -6.35 -3.78 2.21
CA VAL A 56 -5.93 -2.42 1.76
C VAL A 56 -7.08 -1.43 2.02
N LYS A 57 -8.17 -1.90 2.56
CA LYS A 57 -9.32 -1.00 2.85
C LYS A 57 -8.83 0.14 3.74
N ILE A 58 -7.99 -0.15 4.68
CA ILE A 58 -7.44 0.92 5.58
C ILE A 58 -5.95 1.09 5.33
N PHE A 59 -5.55 2.27 4.91
CA PHE A 59 -4.11 2.51 4.63
C PHE A 59 -3.72 3.90 5.16
N SER A 60 -2.70 3.94 5.98
CA SER A 60 -2.23 5.25 6.55
C SER A 60 -0.92 5.65 5.89
N SER A 61 -0.67 6.93 5.80
CA SER A 61 0.60 7.40 5.16
C SER A 61 1.00 8.75 5.76
N SER A 62 2.28 9.03 5.76
CA SER A 62 2.78 10.31 6.31
C SER A 62 2.62 11.45 5.30
N GLU A 63 2.89 12.65 5.74
CA GLU A 63 2.77 13.84 4.84
C GLU A 63 3.67 13.67 3.62
N GLU A 64 4.89 13.26 3.83
CA GLU A 64 5.83 13.09 2.67
C GLU A 64 5.29 12.02 1.71
N LEU A 65 4.91 10.90 2.21
CA LEU A 65 4.37 9.82 1.33
C LEU A 65 3.07 10.31 0.68
N ASP A 66 2.29 11.06 1.41
CA ASP A 66 1.00 11.58 0.87
C ASP A 66 1.29 12.48 -0.34
N LYS A 67 2.30 13.30 -0.25
CA LYS A 67 2.65 14.20 -1.40
C LYS A 67 3.13 13.35 -2.58
N MET A 68 3.80 12.28 -2.31
CA MET A 68 4.32 11.41 -3.42
C MET A 68 3.12 10.86 -4.20
N PHE A 69 2.07 10.52 -3.52
CA PHE A 69 0.89 9.95 -4.21
C PHE A 69 0.39 10.92 -5.29
N GLN A 70 -0.02 10.38 -6.41
CA GLN A 70 -0.53 11.23 -7.53
C GLN A 70 -2.04 11.09 -7.61
N GLU A 71 -2.59 10.08 -7.00
CA GLU A 71 -4.08 9.87 -7.03
C GLU A 71 -4.60 9.58 -5.62
N PRO A 72 -5.85 9.86 -5.37
CA PRO A 72 -6.49 9.62 -4.03
C PRO A 72 -6.58 8.12 -3.69
N ARG A 73 -6.79 7.83 -2.43
CA ARG A 73 -6.87 6.42 -1.99
C ARG A 73 -8.06 5.72 -2.65
N LYS A 74 -7.85 4.52 -3.13
CA LYS A 74 -8.94 3.75 -3.79
C LYS A 74 -8.87 2.29 -3.36
N GLY A 75 -9.98 1.63 -3.34
CA GLY A 75 -10.02 0.20 -2.93
C GLY A 75 -9.19 -0.66 -3.89
N TYR A 76 -8.67 -1.75 -3.40
CA TYR A 76 -7.86 -2.66 -4.24
C TYR A 76 -8.72 -3.16 -5.41
N ASP A 77 -9.94 -3.52 -5.15
CA ASP A 77 -10.83 -4.03 -6.24
C ASP A 77 -11.05 -2.92 -7.27
N GLU A 78 -11.18 -1.70 -6.83
CA GLU A 78 -11.41 -0.57 -7.79
C GLU A 78 -10.25 -0.44 -8.78
N ILE A 79 -9.04 -0.47 -8.30
CA ILE A 79 -7.87 -0.35 -9.23
C ILE A 79 -7.72 -1.63 -10.04
N LEU A 80 -8.08 -2.75 -9.48
CA LEU A 80 -7.96 -4.03 -10.22
C LEU A 80 -8.88 -4.00 -11.44
N GLU A 81 -10.08 -3.53 -11.26
CA GLU A 81 -11.05 -3.47 -12.39
C GLU A 81 -10.55 -2.45 -13.42
N HIS A 82 -10.08 -1.33 -12.96
CA HIS A 82 -9.59 -0.27 -13.88
C HIS A 82 -10.65 0.08 -14.93
N HIS A 83 -10.44 -0.30 -16.16
CA HIS A 83 -11.42 0.02 -17.25
C HIS A 83 -12.54 -1.06 -17.27
N HIS A 84 -12.38 -2.05 -16.41
CA HIS A 84 -13.36 -3.18 -16.26
C HIS A 84 -13.67 -3.93 -17.56
N HIS A 85 -13.10 -5.11 -17.69
CA HIS A 85 -13.35 -5.98 -18.89
C HIS A 85 -14.74 -6.63 -18.77
N HIS A 86 -15.48 -6.63 -19.83
CA HIS A 86 -16.85 -7.22 -19.82
C HIS A 86 -16.79 -8.74 -19.98
N HIS A 87 -17.94 -9.37 -20.03
CA HIS A 87 -18.00 -10.85 -20.19
C HIS A 87 -17.19 -11.53 -19.07
N ALA A 1 0.95 -17.95 3.48
CA ALA A 1 0.09 -17.78 2.26
C ALA A 1 -0.82 -16.57 2.46
N PHE A 2 -1.38 -16.42 3.63
CA PHE A 2 -2.30 -15.27 3.88
C PHE A 2 -1.52 -13.95 3.75
N PHE A 3 -0.34 -13.91 4.32
CA PHE A 3 0.49 -12.68 4.24
C PHE A 3 0.91 -12.42 2.79
N ASN A 4 1.19 -13.46 2.07
CA ASN A 4 1.61 -13.30 0.64
C ASN A 4 0.47 -12.63 -0.14
N GLU A 5 -0.76 -13.04 0.12
CA GLU A 5 -1.92 -12.44 -0.60
C GLU A 5 -1.98 -10.93 -0.29
N GLN A 6 -1.91 -10.59 0.96
CA GLN A 6 -1.96 -9.14 1.36
C GLN A 6 -0.69 -8.44 0.90
N LYS A 7 0.41 -9.14 0.89
CA LYS A 7 1.70 -8.55 0.45
C LYS A 7 1.61 -8.11 -1.02
N GLU A 8 1.05 -8.96 -1.84
CA GLU A 8 0.92 -8.63 -3.29
C GLU A 8 -0.06 -7.47 -3.50
N LYS A 9 -1.13 -7.45 -2.74
CA LYS A 9 -2.14 -6.36 -2.87
C LYS A 9 -1.54 -5.00 -2.50
N VAL A 10 -0.76 -4.96 -1.46
CA VAL A 10 -0.14 -3.68 -1.03
C VAL A 10 0.86 -3.21 -2.10
N THR A 11 1.63 -4.11 -2.64
CA THR A 11 2.64 -3.72 -3.66
C THR A 11 1.92 -3.11 -4.88
N LEU A 12 0.88 -3.74 -5.34
CA LEU A 12 0.13 -3.21 -6.52
C LEU A 12 -0.50 -1.86 -6.16
N TYR A 13 -1.03 -1.76 -4.98
CA TYR A 13 -1.68 -0.49 -4.55
C TYR A 13 -0.66 0.66 -4.57
N LEU A 14 0.51 0.42 -4.07
CA LEU A 14 1.56 1.48 -4.05
C LEU A 14 1.95 1.88 -5.46
N LYS A 15 2.08 0.93 -6.33
CA LYS A 15 2.48 1.25 -7.73
C LYS A 15 1.42 2.12 -8.41
N HIS A 16 0.18 1.83 -8.17
CA HIS A 16 -0.93 2.62 -8.80
C HIS A 16 -0.95 4.05 -8.24
N ASN A 17 -0.64 4.22 -6.99
CA ASN A 17 -0.66 5.58 -6.36
C ASN A 17 0.74 6.18 -6.41
N ILE A 18 1.69 5.45 -6.93
CA ILE A 18 3.09 5.96 -7.00
C ILE A 18 3.72 5.53 -8.33
N PRO A 19 3.50 6.28 -9.37
CA PRO A 19 4.07 5.97 -10.72
C PRO A 19 5.59 5.88 -10.66
N ASP A 20 6.20 6.60 -9.75
CA ASP A 20 7.68 6.58 -9.61
C ASP A 20 8.08 5.44 -8.67
N PHE A 21 7.19 4.52 -8.41
CA PHE A 21 7.49 3.38 -7.50
C PHE A 21 8.82 2.75 -7.90
N ASN A 22 9.68 2.55 -6.95
CA ASN A 22 11.01 1.93 -7.21
C ASN A 22 11.09 0.60 -6.47
N THR A 23 11.15 0.66 -5.16
CA THR A 23 11.25 -0.61 -4.35
C THR A 23 10.44 -0.46 -3.07
N VAL A 24 10.11 -1.57 -2.45
CA VAL A 24 9.31 -1.54 -1.20
C VAL A 24 9.91 -2.53 -0.19
N THR A 25 9.96 -2.16 1.05
CA THR A 25 10.52 -3.05 2.11
C THR A 25 9.46 -3.26 3.19
N PHE A 26 9.17 -4.49 3.49
CA PHE A 26 8.15 -4.80 4.53
C PHE A 26 8.80 -4.94 5.89
N THR A 27 8.19 -4.38 6.89
CA THR A 27 8.73 -4.47 8.28
C THR A 27 7.72 -5.22 9.15
N ASN A 28 6.45 -5.05 8.86
CA ASN A 28 5.38 -5.75 9.63
C ASN A 28 5.73 -5.81 11.12
N GLU A 29 5.20 -4.90 11.88
CA GLU A 29 5.48 -4.87 13.34
C GLU A 29 4.36 -4.10 14.05
N GLU A 30 3.14 -4.23 13.59
CA GLU A 30 2.01 -3.51 14.25
C GLU A 30 0.75 -4.38 14.20
N PHE A 31 0.21 -4.69 15.35
CA PHE A 31 -1.03 -5.53 15.41
C PHE A 31 -2.21 -4.67 15.85
N ASN A 32 -3.22 -4.60 15.05
CA ASN A 32 -4.41 -3.79 15.39
C ASN A 32 -5.56 -4.75 15.77
N PRO A 33 -6.30 -4.45 16.80
CA PRO A 33 -7.46 -5.29 17.25
C PRO A 33 -8.40 -5.65 16.08
N ILE A 34 -8.50 -4.77 15.12
CA ILE A 34 -9.40 -5.02 13.95
C ILE A 34 -8.71 -5.95 12.95
N GLY A 35 -7.43 -6.19 13.15
CA GLY A 35 -6.69 -7.10 12.22
C GLY A 35 -5.20 -6.77 12.23
N ILE A 36 -4.44 -7.45 11.41
CA ILE A 36 -2.96 -7.22 11.35
C ILE A 36 -2.65 -6.04 10.43
N SER A 37 -1.70 -5.23 10.82
CA SER A 37 -1.32 -4.04 10.01
C SER A 37 0.08 -4.25 9.44
N ILE A 38 0.21 -4.11 8.15
CA ILE A 38 1.54 -4.29 7.49
C ILE A 38 2.23 -2.94 7.35
N ASP A 39 3.44 -2.85 7.84
CA ASP A 39 4.20 -1.56 7.77
C ASP A 39 5.44 -1.74 6.90
N GLY A 40 5.85 -0.69 6.25
CA GLY A 40 7.04 -0.75 5.37
C GLY A 40 7.34 0.62 4.78
N TYR A 41 8.34 0.71 3.96
CA TYR A 41 8.71 2.02 3.32
C TYR A 41 9.16 1.79 1.89
N ILE A 42 9.19 2.84 1.12
CA ILE A 42 9.60 2.74 -0.32
C ILE A 42 10.80 3.64 -0.61
N ASN A 43 11.45 3.39 -1.72
CA ASN A 43 12.64 4.18 -2.13
C ASN A 43 13.74 4.11 -1.05
N ASN A 44 13.80 3.00 -0.37
CA ASN A 44 14.85 2.81 0.70
C ASN A 44 14.87 4.04 1.60
N ASP A 45 13.75 4.68 1.77
CA ASP A 45 13.67 5.88 2.65
C ASP A 45 12.79 5.57 3.87
N LYS A 46 13.41 5.48 5.01
CA LYS A 46 12.67 5.17 6.27
C LYS A 46 11.62 6.26 6.52
N ASN A 47 11.90 7.47 6.12
CA ASN A 47 10.93 8.58 6.33
C ASN A 47 9.65 8.27 5.54
N LEU A 48 9.80 7.73 4.37
CA LEU A 48 8.62 7.40 3.51
C LEU A 48 8.04 6.06 3.93
N SER A 49 7.33 6.04 5.04
CA SER A 49 6.74 4.77 5.54
C SER A 49 5.26 4.70 5.18
N PHE A 50 4.69 3.53 5.25
CA PHE A 50 3.25 3.34 4.92
C PHE A 50 2.67 2.21 5.75
N THR A 51 1.38 2.23 5.97
CA THR A 51 0.71 1.17 6.78
C THR A 51 -0.54 0.67 6.06
N ALA A 52 -0.73 -0.62 6.04
CA ALA A 52 -1.93 -1.22 5.35
C ALA A 52 -2.58 -2.23 6.29
N GLY A 53 -3.89 -2.20 6.37
CA GLY A 53 -4.63 -3.15 7.26
C GLY A 53 -5.24 -4.28 6.44
N LYS A 54 -5.12 -5.48 6.94
CA LYS A 54 -5.69 -6.70 6.26
C LYS A 54 -5.63 -6.56 4.74
N ASP A 55 -6.75 -6.63 4.09
CA ASP A 55 -6.79 -6.52 2.61
C ASP A 55 -6.85 -5.04 2.23
N VAL A 56 -5.74 -4.36 2.34
CA VAL A 56 -5.69 -2.90 2.00
C VAL A 56 -6.98 -2.21 2.47
N LYS A 57 -7.59 -2.73 3.49
CA LYS A 57 -8.86 -2.13 4.01
C LYS A 57 -8.57 -0.71 4.48
N ILE A 58 -7.49 -0.51 5.18
CA ILE A 58 -7.14 0.85 5.68
C ILE A 58 -5.70 1.17 5.29
N PHE A 59 -5.51 2.28 4.64
CA PHE A 59 -4.13 2.69 4.21
C PHE A 59 -3.80 4.07 4.77
N SER A 60 -2.65 4.20 5.37
CA SER A 60 -2.23 5.51 5.94
C SER A 60 -0.85 5.89 5.41
N SER A 61 -0.59 7.16 5.30
CA SER A 61 0.73 7.64 4.76
C SER A 61 1.26 8.79 5.61
N SER A 62 2.55 8.95 5.59
CA SER A 62 3.19 10.05 6.38
C SER A 62 3.10 11.36 5.61
N GLU A 63 3.52 12.44 6.22
CA GLU A 63 3.46 13.77 5.56
C GLU A 63 4.36 13.77 4.32
N GLU A 64 5.52 13.19 4.42
CA GLU A 64 6.45 13.15 3.26
C GLU A 64 5.91 12.20 2.19
N LEU A 65 5.43 11.07 2.61
CA LEU A 65 4.89 10.08 1.64
C LEU A 65 3.66 10.68 0.93
N ASP A 66 2.88 11.43 1.64
CA ASP A 66 1.67 12.05 1.04
C ASP A 66 2.07 12.86 -0.21
N LYS A 67 3.23 13.45 -0.18
CA LYS A 67 3.69 14.27 -1.35
C LYS A 67 3.84 13.37 -2.59
N MET A 68 4.37 12.19 -2.43
CA MET A 68 4.54 11.27 -3.59
C MET A 68 3.17 10.87 -4.11
N PHE A 69 2.24 10.66 -3.23
CA PHE A 69 0.86 10.25 -3.66
C PHE A 69 0.22 11.38 -4.47
N GLN A 70 -0.37 11.02 -5.58
CA GLN A 70 -1.05 12.03 -6.45
C GLN A 70 -2.54 11.71 -6.51
N GLU A 71 -2.90 10.48 -6.23
CA GLU A 71 -4.33 10.06 -6.27
C GLU A 71 -4.79 9.68 -4.86
N PRO A 72 -6.07 9.81 -4.58
CA PRO A 72 -6.64 9.48 -3.24
C PRO A 72 -6.58 7.98 -2.94
N ARG A 73 -6.94 7.62 -1.74
CA ARG A 73 -6.90 6.19 -1.33
C ARG A 73 -7.90 5.39 -2.16
N LYS A 74 -7.50 4.21 -2.56
CA LYS A 74 -8.38 3.33 -3.38
C LYS A 74 -8.27 1.88 -2.92
N GLY A 75 -9.35 1.17 -2.99
CA GLY A 75 -9.35 -0.26 -2.56
C GLY A 75 -8.65 -1.14 -3.59
N TYR A 76 -8.14 -2.24 -3.15
CA TYR A 76 -7.42 -3.18 -4.07
C TYR A 76 -8.38 -3.69 -5.15
N ASP A 77 -9.57 -4.04 -4.76
CA ASP A 77 -10.57 -4.56 -5.75
C ASP A 77 -10.90 -3.47 -6.78
N GLU A 78 -10.95 -2.25 -6.35
CA GLU A 78 -11.28 -1.13 -7.28
C GLU A 78 -10.21 -1.01 -8.38
N ILE A 79 -8.97 -0.95 -8.00
CA ILE A 79 -7.88 -0.82 -9.02
C ILE A 79 -7.84 -2.09 -9.88
N LEU A 80 -8.07 -3.21 -9.28
CA LEU A 80 -8.04 -4.50 -10.02
C LEU A 80 -9.13 -4.51 -11.09
N GLU A 81 -10.31 -4.07 -10.74
CA GLU A 81 -11.44 -4.05 -11.72
C GLU A 81 -11.18 -2.96 -12.75
N HIS A 82 -10.64 -1.85 -12.31
CA HIS A 82 -10.36 -0.72 -13.25
C HIS A 82 -9.23 -1.11 -14.22
N HIS A 83 -8.24 -1.81 -13.73
CA HIS A 83 -7.11 -2.23 -14.61
C HIS A 83 -7.63 -3.11 -15.74
N HIS A 84 -8.14 -2.49 -16.78
CA HIS A 84 -8.67 -3.27 -17.94
C HIS A 84 -7.52 -3.56 -18.92
N HIS A 85 -6.41 -2.91 -18.74
CA HIS A 85 -5.24 -3.13 -19.65
C HIS A 85 -3.94 -2.90 -18.89
N HIS A 86 -2.85 -3.33 -19.45
CA HIS A 86 -1.52 -3.15 -18.80
C HIS A 86 -1.16 -1.67 -18.76
N HIS A 87 -1.41 -0.97 -19.83
CA HIS A 87 -1.10 0.50 -19.87
C HIS A 87 -1.91 1.16 -20.98
N ALA A 1 1.45 -19.89 3.89
CA ALA A 1 1.81 -18.44 4.07
C ALA A 1 0.79 -17.55 3.38
N PHE A 2 -0.37 -17.42 3.96
CA PHE A 2 -1.44 -16.58 3.36
C PHE A 2 -1.00 -15.11 3.43
N PHE A 3 0.01 -14.82 4.20
CA PHE A 3 0.52 -13.43 4.34
C PHE A 3 0.97 -12.93 2.97
N ASN A 4 1.42 -13.82 2.13
CA ASN A 4 1.91 -13.42 0.78
C ASN A 4 0.77 -12.78 -0.02
N GLU A 5 -0.43 -13.29 0.15
CA GLU A 5 -1.59 -12.74 -0.61
C GLU A 5 -1.78 -11.27 -0.27
N GLN A 6 -1.72 -10.92 0.99
CA GLN A 6 -1.89 -9.49 1.39
C GLN A 6 -0.69 -8.68 0.88
N LYS A 7 0.46 -9.28 0.92
CA LYS A 7 1.70 -8.57 0.48
C LYS A 7 1.58 -8.22 -1.01
N GLU A 8 1.07 -9.13 -1.79
CA GLU A 8 0.92 -8.89 -3.25
C GLU A 8 -0.08 -7.75 -3.47
N LYS A 9 -1.14 -7.74 -2.70
CA LYS A 9 -2.18 -6.67 -2.84
C LYS A 9 -1.58 -5.31 -2.50
N VAL A 10 -0.76 -5.25 -1.48
CA VAL A 10 -0.15 -3.96 -1.06
C VAL A 10 0.78 -3.46 -2.18
N THR A 11 1.54 -4.35 -2.77
CA THR A 11 2.49 -3.94 -3.85
C THR A 11 1.71 -3.29 -5.01
N LEU A 12 0.63 -3.89 -5.41
CA LEU A 12 -0.17 -3.34 -6.53
C LEU A 12 -0.74 -1.98 -6.13
N TYR A 13 -1.18 -1.86 -4.91
CA TYR A 13 -1.78 -0.59 -4.43
C TYR A 13 -0.76 0.54 -4.57
N LEU A 14 0.43 0.32 -4.13
CA LEU A 14 1.48 1.38 -4.20
C LEU A 14 1.79 1.70 -5.66
N LYS A 15 1.86 0.70 -6.48
CA LYS A 15 2.19 0.92 -7.91
C LYS A 15 1.34 2.02 -8.52
N HIS A 16 0.05 1.82 -8.54
CA HIS A 16 -0.86 2.83 -9.17
C HIS A 16 -0.95 4.08 -8.30
N ASN A 17 -0.92 3.91 -7.01
CA ASN A 17 -1.02 5.07 -6.09
C ASN A 17 0.19 5.97 -6.27
N ILE A 18 1.35 5.38 -6.41
CA ILE A 18 2.60 6.17 -6.58
C ILE A 18 3.35 5.72 -7.84
N PRO A 19 3.46 6.56 -8.83
CA PRO A 19 4.16 6.23 -10.10
C PRO A 19 5.68 6.20 -9.89
N ASP A 20 6.13 6.76 -8.79
CA ASP A 20 7.59 6.80 -8.50
C ASP A 20 7.96 5.57 -7.68
N PHE A 21 7.01 4.69 -7.47
CA PHE A 21 7.26 3.47 -6.65
C PHE A 21 8.43 2.68 -7.23
N ASN A 22 9.37 2.35 -6.40
CA ASN A 22 10.57 1.58 -6.85
C ASN A 22 10.61 0.24 -6.12
N THR A 23 10.67 0.28 -4.82
CA THR A 23 10.73 -0.98 -4.02
C THR A 23 9.99 -0.79 -2.69
N VAL A 24 9.75 -1.88 -2.01
CA VAL A 24 9.03 -1.84 -0.70
C VAL A 24 9.78 -2.68 0.33
N THR A 25 9.96 -2.15 1.51
CA THR A 25 10.67 -2.89 2.60
C THR A 25 9.70 -3.15 3.75
N PHE A 26 9.27 -4.37 3.87
CA PHE A 26 8.31 -4.75 4.95
C PHE A 26 9.07 -4.95 6.25
N THR A 27 8.49 -4.49 7.33
CA THR A 27 9.14 -4.64 8.67
C THR A 27 8.23 -5.46 9.59
N ASN A 28 6.94 -5.31 9.43
CA ASN A 28 5.97 -6.07 10.27
C ASN A 28 6.28 -5.86 11.75
N GLU A 29 5.83 -4.77 12.30
CA GLU A 29 6.08 -4.47 13.74
C GLU A 29 4.87 -3.78 14.33
N GLU A 30 3.71 -4.06 13.80
CA GLU A 30 2.46 -3.42 14.32
C GLU A 30 1.24 -4.24 13.90
N PHE A 31 0.34 -4.45 14.82
CA PHE A 31 -0.90 -5.23 14.53
C PHE A 31 -2.13 -4.39 14.87
N ASN A 32 -3.17 -4.55 14.09
CA ASN A 32 -4.43 -3.78 14.34
C ASN A 32 -5.43 -4.65 15.10
N PRO A 33 -6.27 -4.03 15.90
CA PRO A 33 -7.30 -4.75 16.71
C PRO A 33 -8.39 -5.35 15.81
N ILE A 34 -8.52 -4.84 14.62
CA ILE A 34 -9.55 -5.33 13.67
C ILE A 34 -8.92 -6.31 12.69
N GLY A 35 -7.62 -6.46 12.75
CA GLY A 35 -6.93 -7.41 11.83
C GLY A 35 -5.42 -7.18 11.85
N ILE A 36 -4.72 -7.79 10.92
CA ILE A 36 -3.25 -7.66 10.85
C ILE A 36 -2.87 -6.36 10.16
N SER A 37 -1.68 -5.89 10.42
CA SER A 37 -1.21 -4.62 9.80
C SER A 37 0.24 -4.75 9.38
N ILE A 38 0.58 -4.18 8.26
CA ILE A 38 1.98 -4.27 7.74
C ILE A 38 2.64 -2.89 7.77
N ASP A 39 3.79 -2.82 8.38
CA ASP A 39 4.53 -1.52 8.48
C ASP A 39 5.86 -1.62 7.74
N GLY A 40 6.33 -0.50 7.26
CA GLY A 40 7.62 -0.47 6.51
C GLY A 40 7.74 0.85 5.74
N TYR A 41 8.55 0.84 4.71
CA TYR A 41 8.73 2.07 3.89
C TYR A 41 9.06 1.71 2.44
N ILE A 42 8.99 2.68 1.58
CA ILE A 42 9.27 2.45 0.12
C ILE A 42 10.41 3.36 -0.35
N ASN A 43 10.91 3.08 -1.53
CA ASN A 43 12.02 3.88 -2.12
C ASN A 43 13.24 3.85 -1.18
N ASN A 44 13.43 2.76 -0.50
CA ASN A 44 14.59 2.61 0.43
C ASN A 44 14.79 3.89 1.23
N ASP A 45 13.72 4.56 1.56
CA ASP A 45 13.82 5.83 2.35
C ASP A 45 13.16 5.64 3.72
N LYS A 46 13.96 5.56 4.75
CA LYS A 46 13.42 5.36 6.13
C LYS A 46 12.46 6.50 6.50
N ASN A 47 12.74 7.70 6.06
CA ASN A 47 11.86 8.86 6.39
C ASN A 47 10.47 8.64 5.78
N LEU A 48 10.40 8.06 4.61
CA LEU A 48 9.07 7.84 3.96
C LEU A 48 8.43 6.57 4.51
N SER A 49 7.77 6.68 5.64
CA SER A 49 7.13 5.49 6.26
C SER A 49 5.81 5.18 5.58
N PHE A 50 5.49 3.92 5.49
CA PHE A 50 4.22 3.46 4.84
C PHE A 50 3.62 2.31 5.64
N THR A 51 2.37 2.40 5.95
CA THR A 51 1.67 1.32 6.71
C THR A 51 0.32 1.01 6.07
N ALA A 52 0.00 -0.25 5.95
CA ALA A 52 -1.30 -0.67 5.35
C ALA A 52 -1.94 -1.77 6.20
N GLY A 53 -3.25 -1.74 6.30
CA GLY A 53 -3.99 -2.74 7.12
C GLY A 53 -4.41 -3.95 6.27
N LYS A 54 -4.99 -4.92 6.91
CA LYS A 54 -5.44 -6.16 6.20
C LYS A 54 -6.34 -5.82 5.01
N ASP A 55 -6.07 -6.44 3.90
CA ASP A 55 -6.87 -6.22 2.66
C ASP A 55 -6.85 -4.73 2.29
N VAL A 56 -5.76 -4.08 2.54
CA VAL A 56 -5.61 -2.63 2.21
C VAL A 56 -6.69 -1.83 2.95
N LYS A 57 -7.89 -1.86 2.45
CA LYS A 57 -9.02 -1.12 3.09
C LYS A 57 -8.53 0.24 3.60
N ILE A 58 -8.07 0.26 4.81
CA ILE A 58 -7.55 1.52 5.42
C ILE A 58 -6.03 1.43 5.55
N PHE A 59 -5.35 2.49 5.21
CA PHE A 59 -3.87 2.50 5.30
C PHE A 59 -3.39 3.85 5.82
N SER A 60 -2.15 3.91 6.20
CA SER A 60 -1.56 5.17 6.73
C SER A 60 -0.22 5.44 6.06
N SER A 61 0.14 6.69 5.96
CA SER A 61 1.43 7.07 5.32
C SER A 61 1.94 8.38 5.90
N SER A 62 3.21 8.63 5.74
CA SER A 62 3.82 9.87 6.28
C SER A 62 3.45 11.09 5.43
N GLU A 63 3.66 12.25 5.96
CA GLU A 63 3.33 13.50 5.23
C GLU A 63 4.14 13.58 3.93
N GLU A 64 5.40 13.24 4.02
CA GLU A 64 6.27 13.28 2.81
C GLU A 64 5.80 12.23 1.80
N LEU A 65 5.31 11.12 2.28
CA LEU A 65 4.82 10.05 1.37
C LEU A 65 3.40 10.38 0.91
N ASP A 66 2.68 11.13 1.69
CA ASP A 66 1.26 11.48 1.34
C ASP A 66 1.25 12.38 0.09
N LYS A 67 2.13 13.34 0.05
CA LYS A 67 2.15 14.29 -1.11
C LYS A 67 2.68 13.60 -2.37
N MET A 68 3.21 12.41 -2.23
CA MET A 68 3.76 11.69 -3.42
C MET A 68 2.61 11.00 -4.16
N PHE A 69 1.44 10.99 -3.59
CA PHE A 69 0.28 10.31 -4.26
C PHE A 69 -0.12 11.10 -5.50
N GLN A 70 -0.37 10.40 -6.57
CA GLN A 70 -0.75 11.07 -7.85
C GLN A 70 -2.27 11.17 -7.95
N GLU A 71 -2.93 10.08 -8.20
CA GLU A 71 -4.41 10.10 -8.34
C GLU A 71 -5.06 9.88 -6.97
N PRO A 72 -6.28 10.35 -6.80
CA PRO A 72 -7.03 10.19 -5.53
C PRO A 72 -6.93 8.77 -4.96
N ARG A 73 -7.30 8.61 -3.73
CA ARG A 73 -7.22 7.28 -3.07
C ARG A 73 -8.24 6.33 -3.69
N LYS A 74 -7.82 5.12 -3.94
CA LYS A 74 -8.73 4.10 -4.55
C LYS A 74 -8.58 2.76 -3.81
N GLY A 75 -9.68 2.09 -3.61
CA GLY A 75 -9.65 0.78 -2.91
C GLY A 75 -9.04 -0.28 -3.80
N TYR A 76 -8.69 -1.40 -3.22
CA TYR A 76 -8.07 -2.51 -4.01
C TYR A 76 -9.05 -2.99 -5.08
N ASP A 77 -10.30 -3.13 -4.71
CA ASP A 77 -11.33 -3.61 -5.68
C ASP A 77 -11.50 -2.61 -6.83
N GLU A 78 -11.42 -1.33 -6.55
CA GLU A 78 -11.62 -0.31 -7.61
C GLU A 78 -10.48 -0.40 -8.65
N ILE A 79 -9.26 -0.54 -8.20
CA ILE A 79 -8.11 -0.61 -9.16
C ILE A 79 -8.11 -1.96 -9.88
N LEU A 80 -8.54 -3.00 -9.22
CA LEU A 80 -8.54 -4.35 -9.86
C LEU A 80 -9.50 -4.35 -11.05
N GLU A 81 -10.63 -3.71 -10.90
CA GLU A 81 -11.63 -3.66 -12.01
C GLU A 81 -10.93 -3.23 -13.29
N HIS A 82 -9.87 -2.47 -13.17
CA HIS A 82 -9.13 -1.99 -14.38
C HIS A 82 -7.83 -2.79 -14.55
N HIS A 83 -7.66 -3.37 -15.70
CA HIS A 83 -6.42 -4.16 -16.00
C HIS A 83 -6.12 -4.09 -17.50
N HIS A 84 -7.09 -4.41 -18.32
CA HIS A 84 -6.88 -4.37 -19.80
C HIS A 84 -6.67 -2.93 -20.26
N HIS A 85 -7.33 -2.00 -19.61
CA HIS A 85 -7.19 -0.56 -19.97
C HIS A 85 -7.55 -0.33 -21.43
N HIS A 86 -7.92 0.88 -21.75
CA HIS A 86 -8.30 1.22 -23.15
C HIS A 86 -8.04 2.71 -23.40
N HIS A 87 -7.99 3.07 -24.65
CA HIS A 87 -7.74 4.50 -25.02
C HIS A 87 -8.86 5.38 -24.47
N ALA A 1 0.99 -18.86 4.16
CA ALA A 1 1.49 -17.50 4.52
C ALA A 1 0.64 -16.43 3.84
N PHE A 2 -0.49 -16.14 4.41
CA PHE A 2 -1.39 -15.10 3.82
C PHE A 2 -0.70 -13.73 3.87
N PHE A 3 0.37 -13.64 4.60
CA PHE A 3 1.10 -12.34 4.70
C PHE A 3 1.66 -11.98 3.31
N ASN A 4 2.13 -12.96 2.59
CA ASN A 4 2.70 -12.70 1.24
C ASN A 4 1.61 -12.12 0.33
N GLU A 5 0.42 -12.64 0.41
CA GLU A 5 -0.68 -12.14 -0.45
C GLU A 5 -1.02 -10.71 -0.07
N GLN A 6 -1.02 -10.41 1.19
CA GLN A 6 -1.35 -9.02 1.64
C GLN A 6 -0.27 -8.05 1.15
N LYS A 7 0.97 -8.45 1.22
CA LYS A 7 2.07 -7.56 0.75
C LYS A 7 1.92 -7.32 -0.75
N GLU A 8 1.58 -8.34 -1.50
CA GLU A 8 1.43 -8.18 -2.97
C GLU A 8 0.34 -7.14 -3.26
N LYS A 9 -0.77 -7.22 -2.56
CA LYS A 9 -1.88 -6.25 -2.80
C LYS A 9 -1.42 -4.83 -2.48
N VAL A 10 -0.72 -4.67 -1.40
CA VAL A 10 -0.23 -3.30 -1.01
C VAL A 10 0.77 -2.81 -2.05
N THR A 11 1.66 -3.66 -2.47
CA THR A 11 2.67 -3.25 -3.48
C THR A 11 1.98 -2.80 -4.77
N LEU A 12 1.00 -3.54 -5.20
CA LEU A 12 0.28 -3.16 -6.46
C LEU A 12 -0.42 -1.82 -6.26
N TYR A 13 -1.03 -1.64 -5.11
CA TYR A 13 -1.75 -0.36 -4.83
C TYR A 13 -0.79 0.82 -4.89
N LEU A 14 0.37 0.69 -4.30
CA LEU A 14 1.34 1.83 -4.30
C LEU A 14 1.79 2.15 -5.72
N LYS A 15 2.04 1.15 -6.52
CA LYS A 15 2.50 1.42 -7.92
C LYS A 15 1.43 2.20 -8.69
N HIS A 16 0.18 1.86 -8.51
CA HIS A 16 -0.90 2.58 -9.25
C HIS A 16 -0.99 4.03 -8.76
N ASN A 17 -0.83 4.26 -7.49
CA ASN A 17 -0.91 5.65 -6.96
C ASN A 17 0.48 6.27 -6.93
N ILE A 18 1.49 5.48 -7.21
CA ILE A 18 2.89 6.00 -7.21
C ILE A 18 3.68 5.35 -8.35
N PRO A 19 3.54 5.86 -9.55
CA PRO A 19 4.26 5.33 -10.73
C PRO A 19 5.78 5.36 -10.52
N ASP A 20 6.24 6.27 -9.71
CA ASP A 20 7.71 6.37 -9.45
C ASP A 20 8.08 5.36 -8.37
N PHE A 21 7.18 4.48 -8.03
CA PHE A 21 7.45 3.46 -6.99
C PHE A 21 8.70 2.66 -7.35
N ASN A 22 9.62 2.53 -6.43
CA ASN A 22 10.87 1.76 -6.69
C ASN A 22 10.74 0.37 -6.05
N THR A 23 10.73 0.29 -4.75
CA THR A 23 10.62 -1.03 -4.08
C THR A 23 9.95 -0.86 -2.71
N VAL A 24 9.57 -1.95 -2.09
CA VAL A 24 8.91 -1.87 -0.75
C VAL A 24 9.61 -2.83 0.21
N THR A 25 9.83 -2.40 1.43
CA THR A 25 10.52 -3.27 2.43
C THR A 25 9.64 -3.39 3.68
N PHE A 26 9.34 -4.60 4.06
CA PHE A 26 8.49 -4.83 5.27
C PHE A 26 9.38 -5.30 6.42
N THR A 27 9.43 -4.55 7.48
CA THR A 27 10.27 -4.93 8.64
C THR A 27 9.51 -4.58 9.91
N ASN A 28 8.22 -4.39 9.80
CA ASN A 28 7.39 -4.05 10.99
C ASN A 28 5.96 -4.58 10.78
N GLU A 29 5.59 -5.63 11.47
CA GLU A 29 4.22 -6.21 11.31
C GLU A 29 3.60 -6.43 12.70
N GLU A 30 2.32 -6.16 12.84
CA GLU A 30 1.64 -6.34 14.16
C GLU A 30 0.29 -7.01 13.95
N PHE A 31 -0.21 -7.67 14.96
CA PHE A 31 -1.52 -8.37 14.83
C PHE A 31 -2.64 -7.49 15.39
N ASN A 32 -3.63 -7.20 14.60
CA ASN A 32 -4.76 -6.36 15.06
C ASN A 32 -5.91 -7.26 15.53
N PRO A 33 -6.75 -6.78 16.42
CA PRO A 33 -7.91 -7.57 16.94
C PRO A 33 -8.95 -7.81 15.84
N ILE A 34 -8.95 -6.97 14.83
CA ILE A 34 -9.92 -7.13 13.70
C ILE A 34 -9.20 -7.78 12.52
N GLY A 35 -7.92 -8.00 12.65
CA GLY A 35 -7.16 -8.63 11.53
C GLY A 35 -5.66 -8.40 11.75
N ILE A 36 -4.94 -7.99 10.73
CA ILE A 36 -3.47 -7.75 10.88
C ILE A 36 -3.09 -6.35 10.38
N SER A 37 -1.96 -5.87 10.82
CA SER A 37 -1.47 -4.53 10.40
C SER A 37 -0.06 -4.67 9.85
N ILE A 38 0.23 -4.01 8.75
CA ILE A 38 1.59 -4.10 8.13
C ILE A 38 2.17 -2.69 7.98
N ASP A 39 3.38 -2.50 8.42
CA ASP A 39 4.04 -1.15 8.32
C ASP A 39 5.42 -1.31 7.71
N GLY A 40 5.78 -0.43 6.81
CA GLY A 40 7.11 -0.53 6.17
C GLY A 40 7.42 0.77 5.42
N TYR A 41 8.34 0.74 4.51
CA TYR A 41 8.68 1.98 3.75
C TYR A 41 9.11 1.62 2.32
N ILE A 42 9.19 2.60 1.46
CA ILE A 42 9.59 2.32 0.03
C ILE A 42 10.85 3.11 -0.34
N ASN A 43 11.53 2.68 -1.38
CA ASN A 43 12.77 3.36 -1.83
C ASN A 43 13.81 3.36 -0.70
N ASN A 44 13.81 2.34 0.10
CA ASN A 44 14.79 2.24 1.22
C ASN A 44 14.86 3.57 1.97
N ASP A 45 13.77 4.30 1.99
CA ASP A 45 13.76 5.61 2.72
C ASP A 45 12.89 5.49 3.97
N LYS A 46 13.50 5.55 5.13
CA LYS A 46 12.73 5.44 6.40
C LYS A 46 11.68 6.54 6.47
N ASN A 47 11.98 7.68 5.93
CA ASN A 47 11.00 8.80 5.95
C ASN A 47 9.74 8.39 5.19
N LEU A 48 9.90 7.71 4.10
CA LEU A 48 8.71 7.28 3.30
C LEU A 48 8.11 6.03 3.93
N SER A 49 7.44 6.18 5.04
CA SER A 49 6.82 5.02 5.74
C SER A 49 5.32 4.95 5.44
N PHE A 50 4.74 3.79 5.56
CA PHE A 50 3.28 3.65 5.30
C PHE A 50 2.72 2.51 6.15
N THR A 51 1.45 2.55 6.44
CA THR A 51 0.81 1.47 7.26
C THR A 51 -0.48 1.02 6.58
N ALA A 52 -0.68 -0.27 6.45
CA ALA A 52 -1.92 -0.78 5.78
C ALA A 52 -2.49 -1.95 6.58
N GLY A 53 -3.79 -2.06 6.63
CA GLY A 53 -4.44 -3.16 7.41
C GLY A 53 -4.75 -4.35 6.51
N LYS A 54 -5.31 -5.39 7.09
CA LYS A 54 -5.64 -6.61 6.31
C LYS A 54 -6.45 -6.26 5.05
N ASP A 55 -6.06 -6.81 3.94
CA ASP A 55 -6.78 -6.54 2.66
C ASP A 55 -6.84 -5.02 2.40
N VAL A 56 -5.78 -4.34 2.73
CA VAL A 56 -5.71 -2.86 2.52
C VAL A 56 -6.85 -2.16 3.28
N LYS A 57 -7.88 -1.76 2.59
CA LYS A 57 -9.02 -1.05 3.24
C LYS A 57 -8.52 0.26 3.86
N ILE A 58 -7.72 0.17 4.89
CA ILE A 58 -7.19 1.41 5.55
C ILE A 58 -5.73 1.57 5.18
N PHE A 59 -5.39 2.68 4.59
CA PHE A 59 -3.98 2.94 4.17
C PHE A 59 -3.54 4.30 4.71
N SER A 60 -2.37 4.36 5.27
CA SER A 60 -1.84 5.65 5.82
C SER A 60 -0.42 5.85 5.33
N SER A 61 -0.06 7.07 5.02
CA SER A 61 1.32 7.35 4.52
C SER A 61 1.84 8.65 5.14
N SER A 62 3.13 8.80 5.20
CA SER A 62 3.72 10.04 5.80
C SER A 62 3.46 11.25 4.90
N GLU A 63 3.74 12.43 5.40
CA GLU A 63 3.52 13.67 4.60
C GLU A 63 4.33 13.62 3.31
N GLU A 64 5.59 13.27 3.40
CA GLU A 64 6.44 13.21 2.18
C GLU A 64 5.92 12.13 1.23
N LEU A 65 5.63 10.98 1.75
CA LEU A 65 5.12 9.87 0.90
C LEU A 65 3.75 10.25 0.32
N ASP A 66 2.93 10.89 1.10
CA ASP A 66 1.58 11.28 0.61
C ASP A 66 1.72 12.22 -0.59
N LYS A 67 2.70 13.06 -0.58
CA LYS A 67 2.89 14.02 -1.72
C LYS A 67 3.32 13.26 -2.97
N MET A 68 3.73 12.03 -2.84
CA MET A 68 4.15 11.25 -4.04
C MET A 68 2.91 10.68 -4.74
N PHE A 69 1.77 10.78 -4.11
CA PHE A 69 0.54 10.23 -4.74
C PHE A 69 0.10 11.11 -5.90
N GLN A 70 -0.28 10.52 -6.99
CA GLN A 70 -0.74 11.30 -8.18
C GLN A 70 -2.21 11.00 -8.41
N GLU A 71 -2.73 10.00 -7.73
CA GLU A 71 -4.18 9.64 -7.91
C GLU A 71 -4.87 9.59 -6.54
N PRO A 72 -6.17 9.82 -6.48
CA PRO A 72 -6.94 9.77 -5.20
C PRO A 72 -6.86 8.40 -4.50
N ARG A 73 -6.97 8.38 -3.21
CA ARG A 73 -6.89 7.08 -2.46
C ARG A 73 -8.07 6.20 -2.82
N LYS A 74 -7.83 4.92 -3.00
CA LYS A 74 -8.93 3.98 -3.37
C LYS A 74 -8.68 2.61 -2.72
N GLY A 75 -9.67 1.77 -2.72
CA GLY A 75 -9.50 0.42 -2.12
C GLY A 75 -8.84 -0.54 -3.11
N TYR A 76 -8.40 -1.67 -2.64
CA TYR A 76 -7.74 -2.66 -3.53
C TYR A 76 -8.73 -3.12 -4.62
N ASP A 77 -9.94 -3.42 -4.25
CA ASP A 77 -10.95 -3.87 -5.25
C ASP A 77 -11.33 -2.67 -6.13
N GLU A 78 -11.28 -1.49 -5.59
CA GLU A 78 -11.65 -0.29 -6.38
C GLU A 78 -10.66 -0.08 -7.53
N ILE A 79 -9.40 -0.21 -7.26
CA ILE A 79 -8.38 -0.03 -8.34
C ILE A 79 -8.49 -1.17 -9.36
N LEU A 80 -8.83 -2.35 -8.90
CA LEU A 80 -8.94 -3.51 -9.82
C LEU A 80 -10.07 -3.29 -10.83
N GLU A 81 -11.17 -2.77 -10.38
CA GLU A 81 -12.32 -2.54 -11.31
C GLU A 81 -12.19 -1.18 -11.98
N HIS A 82 -11.31 -0.35 -11.49
CA HIS A 82 -11.12 1.00 -12.09
C HIS A 82 -11.10 0.92 -13.61
N HIS A 83 -12.25 1.06 -14.24
CA HIS A 83 -12.31 1.02 -15.73
C HIS A 83 -11.41 -0.10 -16.26
N HIS A 84 -11.06 -1.04 -15.42
CA HIS A 84 -10.19 -2.16 -15.87
C HIS A 84 -10.94 -3.01 -16.89
N HIS A 85 -12.20 -3.25 -16.65
CA HIS A 85 -12.99 -4.08 -17.60
C HIS A 85 -13.01 -3.39 -18.96
N HIS A 86 -13.25 -2.11 -18.99
CA HIS A 86 -13.29 -1.37 -20.28
C HIS A 86 -11.88 -1.38 -20.90
N HIS A 87 -10.88 -1.22 -20.09
CA HIS A 87 -9.47 -1.21 -20.62
C HIS A 87 -9.39 -0.29 -21.84
N ALA A 1 -0.31 -19.00 2.08
CA ALA A 1 0.50 -17.91 1.49
C ALA A 1 -0.32 -16.61 1.47
N PHE A 2 -1.24 -16.49 2.40
CA PHE A 2 -2.08 -15.26 2.47
C PHE A 2 -1.18 -14.04 2.69
N PHE A 3 -0.23 -14.18 3.57
CA PHE A 3 0.70 -13.04 3.86
C PHE A 3 1.44 -12.64 2.58
N ASN A 4 1.89 -13.62 1.83
CA ASN A 4 2.61 -13.30 0.56
C ASN A 4 1.66 -12.58 -0.39
N GLU A 5 0.44 -13.03 -0.45
CA GLU A 5 -0.56 -12.39 -1.35
C GLU A 5 -0.85 -10.97 -0.85
N GLN A 6 -0.91 -10.79 0.44
CA GLN A 6 -1.20 -9.44 1.01
C GLN A 6 -0.11 -8.46 0.60
N LYS A 7 1.13 -8.87 0.69
CA LYS A 7 2.26 -7.97 0.32
C LYS A 7 2.15 -7.60 -1.16
N GLU A 8 1.80 -8.56 -1.97
CA GLU A 8 1.67 -8.32 -3.43
C GLU A 8 0.55 -7.29 -3.69
N LYS A 9 -0.55 -7.46 -3.01
CA LYS A 9 -1.71 -6.53 -3.20
C LYS A 9 -1.31 -5.11 -2.74
N VAL A 10 -0.64 -5.02 -1.62
CA VAL A 10 -0.23 -3.68 -1.09
C VAL A 10 0.76 -3.02 -2.07
N THR A 11 1.70 -3.77 -2.54
CA THR A 11 2.71 -3.22 -3.49
C THR A 11 2.00 -2.75 -4.77
N LEU A 12 1.08 -3.52 -5.25
CA LEU A 12 0.36 -3.13 -6.50
C LEU A 12 -0.37 -1.81 -6.29
N TYR A 13 -1.02 -1.68 -5.16
CA TYR A 13 -1.78 -0.42 -4.87
C TYR A 13 -0.81 0.77 -4.79
N LEU A 14 0.29 0.60 -4.11
CA LEU A 14 1.28 1.72 -3.98
C LEU A 14 1.86 2.07 -5.35
N LYS A 15 2.12 1.08 -6.16
CA LYS A 15 2.71 1.32 -7.51
C LYS A 15 1.76 2.20 -8.33
N HIS A 16 0.49 1.92 -8.25
CA HIS A 16 -0.51 2.72 -9.03
C HIS A 16 -0.56 4.16 -8.50
N ASN A 17 -0.47 4.31 -7.20
CA ASN A 17 -0.52 5.68 -6.59
C ASN A 17 0.88 6.27 -6.55
N ILE A 18 1.86 5.51 -6.97
CA ILE A 18 3.27 5.99 -6.97
C ILE A 18 3.99 5.46 -8.21
N PRO A 19 3.83 6.12 -9.33
CA PRO A 19 4.49 5.72 -10.60
C PRO A 19 6.01 5.60 -10.42
N ASP A 20 6.56 6.40 -9.56
CA ASP A 20 8.03 6.37 -9.31
C ASP A 20 8.35 5.26 -8.29
N PHE A 21 7.43 4.37 -8.07
CA PHE A 21 7.65 3.27 -7.09
C PHE A 21 8.88 2.46 -7.51
N ASN A 22 9.79 2.27 -6.59
CA ASN A 22 11.02 1.47 -6.88
C ASN A 22 10.95 0.13 -6.16
N THR A 23 10.83 0.13 -4.86
CA THR A 23 10.76 -1.15 -4.11
C THR A 23 10.00 -0.97 -2.80
N VAL A 24 9.60 -2.06 -2.19
CA VAL A 24 8.84 -2.00 -0.91
C VAL A 24 9.50 -2.92 0.11
N THR A 25 9.66 -2.45 1.33
CA THR A 25 10.29 -3.28 2.39
C THR A 25 9.40 -3.31 3.64
N PHE A 26 9.07 -4.48 4.09
CA PHE A 26 8.21 -4.62 5.31
C PHE A 26 9.10 -4.91 6.52
N THR A 27 8.70 -4.44 7.67
CA THR A 27 9.52 -4.66 8.89
C THR A 27 8.59 -4.92 10.09
N ASN A 28 8.01 -3.88 10.60
CA ASN A 28 7.09 -4.02 11.78
C ASN A 28 5.73 -4.57 11.34
N GLU A 29 5.28 -5.61 11.99
CA GLU A 29 3.95 -6.20 11.64
C GLU A 29 3.24 -6.61 12.94
N GLU A 30 2.83 -5.63 13.71
CA GLU A 30 2.13 -5.92 15.00
C GLU A 30 0.66 -6.24 14.75
N PHE A 31 0.02 -6.84 15.71
CA PHE A 31 -1.42 -7.20 15.57
C PHE A 31 -2.30 -6.17 16.26
N ASN A 32 -3.15 -5.53 15.52
CA ASN A 32 -4.05 -4.51 16.12
C ASN A 32 -5.40 -5.16 16.47
N PRO A 33 -6.08 -4.63 17.46
CA PRO A 33 -7.41 -5.17 17.90
C PRO A 33 -8.35 -5.42 16.70
N ILE A 34 -8.33 -4.54 15.74
CA ILE A 34 -9.22 -4.71 14.55
C ILE A 34 -8.74 -5.90 13.71
N GLY A 35 -7.45 -6.03 13.53
CA GLY A 35 -6.94 -7.18 12.71
C GLY A 35 -5.41 -7.15 12.68
N ILE A 36 -4.84 -7.34 11.50
CA ILE A 36 -3.35 -7.34 11.35
C ILE A 36 -2.90 -6.03 10.74
N SER A 37 -1.81 -5.50 11.23
CA SER A 37 -1.28 -4.20 10.70
C SER A 37 0.09 -4.44 10.08
N ILE A 38 0.25 -4.05 8.84
CA ILE A 38 1.55 -4.21 8.14
C ILE A 38 2.16 -2.84 7.88
N ASP A 39 3.37 -2.65 8.32
CA ASP A 39 4.06 -1.34 8.13
C ASP A 39 5.39 -1.53 7.41
N GLY A 40 5.84 -0.52 6.73
CA GLY A 40 7.12 -0.62 5.98
C GLY A 40 7.39 0.69 5.24
N TYR A 41 8.33 0.68 4.35
CA TYR A 41 8.68 1.92 3.58
C TYR A 41 9.02 1.56 2.14
N ILE A 42 9.02 2.55 1.28
CA ILE A 42 9.33 2.32 -0.16
C ILE A 42 10.54 3.17 -0.57
N ASN A 43 11.15 2.81 -1.66
CA ASN A 43 12.35 3.56 -2.15
C ASN A 43 13.45 3.54 -1.10
N ASN A 44 13.52 2.47 -0.33
CA ASN A 44 14.56 2.36 0.73
C ASN A 44 14.64 3.67 1.51
N ASP A 45 13.53 4.35 1.64
CA ASP A 45 13.50 5.64 2.40
C ASP A 45 12.62 5.49 3.65
N LYS A 46 13.23 5.48 4.80
CA LYS A 46 12.47 5.34 6.08
C LYS A 46 11.43 6.45 6.19
N ASN A 47 11.74 7.61 5.69
CA ASN A 47 10.76 8.74 5.76
C ASN A 47 9.48 8.35 5.03
N LEU A 48 9.61 7.67 3.92
CA LEU A 48 8.42 7.26 3.15
C LEU A 48 7.83 5.98 3.75
N SER A 49 7.28 6.09 4.93
CA SER A 49 6.69 4.90 5.61
C SER A 49 5.19 4.81 5.27
N PHE A 50 4.63 3.66 5.47
CA PHE A 50 3.17 3.47 5.17
C PHE A 50 2.62 2.32 6.01
N THR A 51 1.32 2.28 6.16
CA THR A 51 0.69 1.19 6.96
C THR A 51 -0.61 0.73 6.28
N ALA A 52 -0.89 -0.53 6.36
CA ALA A 52 -2.14 -1.08 5.74
C ALA A 52 -2.67 -2.23 6.59
N GLY A 53 -3.97 -2.30 6.73
CA GLY A 53 -4.59 -3.38 7.56
C GLY A 53 -5.22 -4.45 6.66
N LYS A 54 -5.20 -5.67 7.12
CA LYS A 54 -5.80 -6.81 6.35
C LYS A 54 -5.60 -6.63 4.85
N ASP A 55 -6.67 -6.62 4.10
CA ASP A 55 -6.57 -6.46 2.62
C ASP A 55 -6.58 -4.97 2.25
N VAL A 56 -5.42 -4.37 2.26
CA VAL A 56 -5.30 -2.92 1.91
C VAL A 56 -6.39 -2.14 2.64
N LYS A 57 -7.01 -2.74 3.61
CA LYS A 57 -8.08 -2.05 4.36
C LYS A 57 -7.47 -1.08 5.38
N ILE A 58 -8.03 0.08 5.46
CA ILE A 58 -7.54 1.12 6.41
C ILE A 58 -6.03 1.25 6.27
N PHE A 59 -5.59 2.25 5.56
CA PHE A 59 -4.13 2.46 5.37
C PHE A 59 -3.77 3.93 5.54
N SER A 60 -2.56 4.19 5.92
CA SER A 60 -2.11 5.60 6.12
C SER A 60 -0.73 5.78 5.51
N SER A 61 -0.38 7.00 5.18
CA SER A 61 0.95 7.27 4.56
C SER A 61 1.61 8.47 5.24
N SER A 62 2.91 8.50 5.21
CA SER A 62 3.67 9.62 5.85
C SER A 62 3.39 10.94 5.14
N GLU A 63 3.80 12.02 5.74
CA GLU A 63 3.57 13.36 5.13
C GLU A 63 4.20 13.41 3.73
N GLU A 64 5.46 13.05 3.64
CA GLU A 64 6.16 13.08 2.31
C GLU A 64 5.51 12.05 1.38
N LEU A 65 5.24 10.88 1.89
CA LEU A 65 4.63 9.82 1.05
C LEU A 65 3.23 10.28 0.60
N ASP A 66 2.51 10.93 1.47
CA ASP A 66 1.14 11.42 1.12
C ASP A 66 1.24 12.40 -0.05
N LYS A 67 2.26 13.23 -0.05
CA LYS A 67 2.43 14.21 -1.17
C LYS A 67 2.73 13.46 -2.47
N MET A 68 3.47 12.39 -2.39
CA MET A 68 3.82 11.60 -3.62
C MET A 68 2.54 11.02 -4.24
N PHE A 69 1.65 10.54 -3.42
CA PHE A 69 0.38 9.94 -3.95
C PHE A 69 -0.20 10.82 -5.06
N GLN A 70 0.05 10.43 -6.28
CA GLN A 70 -0.49 11.21 -7.43
C GLN A 70 -2.01 11.10 -7.47
N GLU A 71 -2.53 9.95 -7.13
CA GLU A 71 -4.02 9.75 -7.15
C GLU A 71 -4.58 9.74 -5.72
N PRO A 72 -5.82 10.13 -5.56
CA PRO A 72 -6.49 10.16 -4.23
C PRO A 72 -6.71 8.77 -3.64
N ARG A 73 -7.07 8.72 -2.38
CA ARG A 73 -7.29 7.40 -1.70
C ARG A 73 -8.47 6.68 -2.34
N LYS A 74 -8.34 5.38 -2.50
CA LYS A 74 -9.44 4.58 -3.12
C LYS A 74 -9.50 3.20 -2.45
N GLY A 75 -9.16 2.17 -3.17
CA GLY A 75 -9.22 0.79 -2.58
C GLY A 75 -8.69 -0.24 -3.59
N TYR A 76 -8.33 -1.39 -3.07
CA TYR A 76 -7.79 -2.48 -3.93
C TYR A 76 -8.83 -2.90 -4.98
N ASP A 77 -10.06 -3.04 -4.57
CA ASP A 77 -11.14 -3.46 -5.52
C ASP A 77 -11.25 -2.45 -6.67
N GLU A 78 -11.13 -1.18 -6.36
CA GLU A 78 -11.24 -0.14 -7.43
C GLU A 78 -10.18 -0.40 -8.51
N ILE A 79 -8.94 -0.46 -8.12
CA ILE A 79 -7.85 -0.70 -9.12
C ILE A 79 -7.99 -2.11 -9.71
N LEU A 80 -8.59 -3.00 -8.97
CA LEU A 80 -8.76 -4.40 -9.47
C LEU A 80 -9.65 -4.39 -10.72
N GLU A 81 -10.63 -3.54 -10.76
CA GLU A 81 -11.54 -3.50 -11.93
C GLU A 81 -10.72 -3.40 -13.22
N HIS A 82 -9.58 -2.77 -13.15
CA HIS A 82 -8.71 -2.65 -14.36
C HIS A 82 -7.25 -2.46 -13.93
N HIS A 83 -6.41 -3.37 -14.33
CA HIS A 83 -4.96 -3.28 -13.98
C HIS A 83 -4.36 -2.07 -14.69
N HIS A 84 -4.73 -1.88 -15.93
CA HIS A 84 -4.17 -0.73 -16.71
C HIS A 84 -5.12 -0.36 -17.85
N HIS A 85 -5.03 0.86 -18.31
CA HIS A 85 -5.91 1.32 -19.42
C HIS A 85 -5.14 2.31 -20.31
N HIS A 86 -5.23 2.15 -21.60
CA HIS A 86 -4.52 3.05 -22.55
C HIS A 86 -5.46 4.18 -22.98
N HIS A 87 -5.06 5.40 -22.75
CA HIS A 87 -5.91 6.57 -23.14
C HIS A 87 -5.09 7.86 -23.01
N ALA A 1 0.91 -18.51 3.83
CA ALA A 1 0.47 -17.50 4.84
C ALA A 1 -0.38 -16.42 4.18
N PHE A 2 -1.36 -15.92 4.89
CA PHE A 2 -2.24 -14.86 4.34
C PHE A 2 -1.44 -13.58 4.11
N PHE A 3 -0.30 -13.49 4.73
CA PHE A 3 0.56 -12.27 4.57
C PHE A 3 1.10 -12.21 3.14
N ASN A 4 1.36 -13.34 2.55
CA ASN A 4 1.93 -13.36 1.16
C ASN A 4 0.94 -12.71 0.18
N GLU A 5 -0.31 -13.09 0.27
CA GLU A 5 -1.33 -12.50 -0.64
C GLU A 5 -1.60 -11.04 -0.25
N GLN A 6 -1.56 -10.76 1.02
CA GLN A 6 -1.82 -9.37 1.50
C GLN A 6 -0.70 -8.45 1.01
N LYS A 7 0.52 -8.91 1.08
CA LYS A 7 1.67 -8.07 0.63
C LYS A 7 1.56 -7.81 -0.88
N GLU A 8 1.18 -8.82 -1.62
CA GLU A 8 1.07 -8.66 -3.10
C GLU A 8 0.03 -7.57 -3.42
N LYS A 9 -1.07 -7.59 -2.73
CA LYS A 9 -2.13 -6.57 -2.99
C LYS A 9 -1.58 -5.18 -2.66
N VAL A 10 -0.88 -5.08 -1.57
CA VAL A 10 -0.32 -3.76 -1.15
C VAL A 10 0.74 -3.31 -2.17
N THR A 11 1.57 -4.21 -2.59
CA THR A 11 2.65 -3.85 -3.57
C THR A 11 2.03 -3.37 -4.87
N LEU A 12 1.03 -4.06 -5.35
CA LEU A 12 0.38 -3.67 -6.63
C LEU A 12 -0.28 -2.28 -6.47
N TYR A 13 -0.90 -2.05 -5.35
CA TYR A 13 -1.57 -0.75 -5.11
C TYR A 13 -0.52 0.36 -5.02
N LEU A 14 0.59 0.08 -4.41
CA LEU A 14 1.65 1.10 -4.26
C LEU A 14 2.17 1.56 -5.62
N LYS A 15 2.47 0.64 -6.49
CA LYS A 15 3.00 1.01 -7.83
C LYS A 15 1.94 1.76 -8.63
N HIS A 16 0.70 1.41 -8.45
CA HIS A 16 -0.39 2.08 -9.21
C HIS A 16 -0.62 3.50 -8.68
N ASN A 17 -0.48 3.69 -7.39
CA ASN A 17 -0.70 5.04 -6.79
C ASN A 17 0.65 5.75 -6.68
N ILE A 18 1.72 5.12 -7.07
CA ILE A 18 3.07 5.75 -6.99
C ILE A 18 3.88 5.38 -8.24
N PRO A 19 3.74 6.12 -9.30
CA PRO A 19 4.48 5.87 -10.57
C PRO A 19 6.00 5.85 -10.34
N ASP A 20 6.45 6.62 -9.38
CA ASP A 20 7.91 6.68 -9.07
C ASP A 20 8.28 5.50 -8.17
N PHE A 21 7.42 4.54 -8.04
CA PHE A 21 7.71 3.37 -7.18
C PHE A 21 8.99 2.69 -7.63
N ASN A 22 9.87 2.44 -6.70
CA ASN A 22 11.18 1.79 -7.01
C ASN A 22 11.23 0.44 -6.30
N THR A 23 11.28 0.45 -4.99
CA THR A 23 11.34 -0.82 -4.21
C THR A 23 10.48 -0.70 -2.95
N VAL A 24 10.19 -1.82 -2.34
CA VAL A 24 9.36 -1.82 -1.10
C VAL A 24 10.01 -2.70 -0.05
N THR A 25 10.00 -2.26 1.18
CA THR A 25 10.61 -3.05 2.30
C THR A 25 9.57 -3.27 3.39
N PHE A 26 9.21 -4.50 3.61
CA PHE A 26 8.19 -4.83 4.66
C PHE A 26 8.91 -5.00 6.00
N THR A 27 8.36 -4.43 7.04
CA THR A 27 8.97 -4.53 8.39
C THR A 27 8.06 -5.39 9.28
N ASN A 28 6.77 -5.28 9.09
CA ASN A 28 5.81 -6.08 9.92
C ASN A 28 6.07 -5.82 11.40
N GLU A 29 6.49 -4.63 11.73
CA GLU A 29 6.76 -4.28 13.16
C GLU A 29 5.53 -3.62 13.78
N GLU A 30 4.39 -3.76 13.15
CA GLU A 30 3.12 -3.15 13.69
C GLU A 30 1.98 -4.17 13.63
N PHE A 31 1.08 -4.09 14.56
CA PHE A 31 -0.09 -5.03 14.58
C PHE A 31 -1.20 -4.43 15.46
N ASN A 32 -2.38 -4.31 14.90
CA ASN A 32 -3.52 -3.74 15.67
C ASN A 32 -4.29 -4.86 16.38
N PRO A 33 -4.91 -4.55 17.51
CA PRO A 33 -5.69 -5.55 18.29
C PRO A 33 -6.92 -6.04 17.53
N ILE A 34 -7.39 -5.26 16.61
CA ILE A 34 -8.57 -5.66 15.81
C ILE A 34 -8.20 -6.80 14.87
N GLY A 35 -6.95 -6.86 14.49
CA GLY A 35 -6.49 -7.93 13.57
C GLY A 35 -4.99 -7.79 13.34
N ILE A 36 -4.60 -7.60 12.11
CA ILE A 36 -3.14 -7.47 11.78
C ILE A 36 -2.88 -6.18 11.00
N SER A 37 -1.66 -5.73 11.02
CA SER A 37 -1.29 -4.48 10.29
C SER A 37 0.09 -4.66 9.68
N ILE A 38 0.27 -4.19 8.47
CA ILE A 38 1.59 -4.33 7.77
C ILE A 38 2.23 -2.95 7.62
N ASP A 39 3.45 -2.83 8.06
CA ASP A 39 4.18 -1.52 7.98
C ASP A 39 5.44 -1.70 7.14
N GLY A 40 5.76 -0.69 6.37
CA GLY A 40 6.98 -0.77 5.50
C GLY A 40 7.21 0.60 4.84
N TYR A 41 8.20 0.67 3.99
CA TYR A 41 8.51 1.96 3.30
C TYR A 41 8.95 1.70 1.86
N ILE A 42 8.94 2.74 1.07
CA ILE A 42 9.33 2.60 -0.38
C ILE A 42 10.55 3.48 -0.67
N ASN A 43 11.17 3.24 -1.78
CA ASN A 43 12.37 4.02 -2.20
C ASN A 43 13.45 3.90 -1.11
N ASN A 44 13.54 2.77 -0.47
CA ASN A 44 14.55 2.55 0.59
C ASN A 44 14.59 3.77 1.52
N ASP A 45 13.55 4.55 1.52
CA ASP A 45 13.50 5.77 2.40
C ASP A 45 12.63 5.46 3.63
N LYS A 46 13.25 5.35 4.76
CA LYS A 46 12.51 5.05 6.02
C LYS A 46 11.43 6.11 6.26
N ASN A 47 11.69 7.33 5.86
CA ASN A 47 10.69 8.42 6.07
C ASN A 47 9.40 8.11 5.30
N LEU A 48 9.51 7.57 4.12
CA LEU A 48 8.29 7.26 3.32
C LEU A 48 7.70 5.94 3.78
N SER A 49 7.12 5.93 4.96
CA SER A 49 6.51 4.69 5.51
C SER A 49 5.03 4.59 5.12
N PHE A 50 4.48 3.41 5.21
CA PHE A 50 3.05 3.21 4.85
C PHE A 50 2.45 2.08 5.69
N THR A 51 1.16 2.13 5.92
CA THR A 51 0.48 1.09 6.74
C THR A 51 -0.76 0.58 6.03
N ALA A 52 -0.93 -0.72 6.01
CA ALA A 52 -2.13 -1.32 5.34
C ALA A 52 -2.66 -2.47 6.20
N GLY A 53 -3.95 -2.66 6.18
CA GLY A 53 -4.60 -3.73 7.00
C GLY A 53 -5.11 -4.86 6.10
N LYS A 54 -6.08 -5.59 6.60
CA LYS A 54 -6.65 -6.72 5.82
C LYS A 54 -7.31 -6.23 4.53
N ASP A 55 -7.03 -6.90 3.44
CA ASP A 55 -7.61 -6.52 2.13
C ASP A 55 -7.36 -5.02 1.89
N VAL A 56 -6.29 -4.50 2.43
CA VAL A 56 -5.96 -3.06 2.24
C VAL A 56 -7.21 -2.21 2.54
N LYS A 57 -8.04 -2.69 3.42
CA LYS A 57 -9.26 -1.92 3.78
C LYS A 57 -8.87 -0.59 4.39
N ILE A 58 -7.91 -0.61 5.29
CA ILE A 58 -7.47 0.64 5.95
C ILE A 58 -6.05 0.97 5.52
N PHE A 59 -5.84 2.17 5.05
CA PHE A 59 -4.48 2.59 4.58
C PHE A 59 -4.14 3.97 5.13
N SER A 60 -2.91 4.13 5.56
CA SER A 60 -2.46 5.44 6.13
C SER A 60 -1.11 5.82 5.50
N SER A 61 -0.90 7.10 5.31
CA SER A 61 0.37 7.60 4.68
C SER A 61 0.92 8.78 5.47
N SER A 62 2.21 8.90 5.51
CA SER A 62 2.87 10.01 6.25
C SER A 62 2.80 11.30 5.44
N GLU A 63 3.22 12.39 6.02
CA GLU A 63 3.19 13.71 5.32
C GLU A 63 3.99 13.63 4.03
N GLU A 64 5.19 13.13 4.10
CA GLU A 64 6.05 13.04 2.88
C GLU A 64 5.46 12.03 1.90
N LEU A 65 5.04 10.90 2.38
CA LEU A 65 4.46 9.87 1.50
C LEU A 65 3.16 10.40 0.87
N ASP A 66 2.37 11.10 1.65
CA ASP A 66 1.09 11.65 1.13
C ASP A 66 1.39 12.58 -0.04
N LYS A 67 2.42 13.37 0.06
CA LYS A 67 2.78 14.30 -1.05
C LYS A 67 3.21 13.51 -2.29
N MET A 68 3.87 12.40 -2.10
CA MET A 68 4.32 11.57 -3.26
C MET A 68 3.09 11.08 -4.03
N PHE A 69 2.05 10.73 -3.32
CA PHE A 69 0.81 10.23 -3.99
C PHE A 69 0.30 11.29 -4.97
N GLN A 70 -0.12 10.87 -6.12
CA GLN A 70 -0.64 11.82 -7.14
C GLN A 70 -2.16 11.65 -7.25
N GLU A 71 -2.68 10.55 -6.75
CA GLU A 71 -4.16 10.32 -6.82
C GLU A 71 -4.68 9.92 -5.43
N PRO A 72 -5.93 10.24 -5.16
CA PRO A 72 -6.59 9.90 -3.86
C PRO A 72 -6.81 8.40 -3.66
N ARG A 73 -6.99 7.99 -2.43
CA ARG A 73 -7.20 6.56 -2.13
C ARG A 73 -8.54 6.09 -2.71
N LYS A 74 -8.53 4.98 -3.39
CA LYS A 74 -9.77 4.42 -3.99
C LYS A 74 -10.05 3.04 -3.39
N GLY A 75 -9.28 2.05 -3.76
CA GLY A 75 -9.50 0.68 -3.21
C GLY A 75 -8.77 -0.35 -4.07
N TYR A 76 -8.49 -1.49 -3.50
CA TYR A 76 -7.79 -2.58 -4.25
C TYR A 76 -8.64 -3.02 -5.45
N ASP A 77 -9.91 -3.20 -5.23
CA ASP A 77 -10.81 -3.63 -6.34
C ASP A 77 -11.04 -2.45 -7.29
N GLU A 78 -10.87 -1.25 -6.80
CA GLU A 78 -11.08 -0.05 -7.66
C GLU A 78 -9.97 0.05 -8.70
N ILE A 79 -8.75 -0.15 -8.27
CA ILE A 79 -7.59 -0.08 -9.21
C ILE A 79 -7.66 -1.24 -10.21
N LEU A 80 -8.12 -2.38 -9.76
CA LEU A 80 -8.22 -3.56 -10.65
C LEU A 80 -9.22 -3.27 -11.78
N GLU A 81 -10.30 -2.63 -11.46
CA GLU A 81 -11.33 -2.31 -12.49
C GLU A 81 -10.78 -1.28 -13.47
N HIS A 82 -10.09 -0.29 -12.97
CA HIS A 82 -9.52 0.77 -13.85
C HIS A 82 -8.39 0.18 -14.71
N HIS A 83 -7.61 -0.69 -14.14
CA HIS A 83 -6.48 -1.31 -14.91
C HIS A 83 -7.04 -2.08 -16.12
N HIS A 84 -8.10 -2.81 -15.91
CA HIS A 84 -8.71 -3.59 -17.04
C HIS A 84 -10.19 -3.85 -16.72
N HIS A 85 -10.47 -4.84 -15.92
CA HIS A 85 -11.90 -5.15 -15.58
C HIS A 85 -11.96 -5.95 -14.27
N HIS A 86 -12.87 -6.90 -14.21
CA HIS A 86 -13.01 -7.73 -12.97
C HIS A 86 -13.57 -9.10 -13.32
N HIS A 87 -13.26 -10.09 -12.52
CA HIS A 87 -13.77 -11.47 -12.77
C HIS A 87 -13.60 -12.31 -11.49
N ALA A 1 1.03 -18.52 3.47
CA ALA A 1 1.19 -17.53 2.36
C ALA A 1 0.17 -16.41 2.50
N PHE A 2 -0.52 -16.37 3.61
CA PHE A 2 -1.54 -15.30 3.82
C PHE A 2 -0.85 -13.93 3.81
N PHE A 3 0.25 -13.81 4.49
CA PHE A 3 0.97 -12.50 4.53
C PHE A 3 1.48 -12.17 3.12
N ASN A 4 1.90 -13.15 2.39
CA ASN A 4 2.40 -12.90 1.01
C ASN A 4 1.28 -12.30 0.16
N GLU A 5 0.09 -12.79 0.30
CA GLU A 5 -1.05 -12.24 -0.48
C GLU A 5 -1.31 -10.78 -0.07
N GLN A 6 -1.22 -10.49 1.20
CA GLN A 6 -1.48 -9.10 1.67
C GLN A 6 -0.40 -8.16 1.11
N LYS A 7 0.84 -8.60 1.12
CA LYS A 7 1.94 -7.75 0.59
C LYS A 7 1.73 -7.51 -0.90
N GLU A 8 1.32 -8.52 -1.62
CA GLU A 8 1.12 -8.38 -3.09
C GLU A 8 0.07 -7.30 -3.35
N LYS A 9 -1.01 -7.31 -2.62
CA LYS A 9 -2.08 -6.30 -2.83
C LYS A 9 -1.55 -4.90 -2.49
N VAL A 10 -0.79 -4.79 -1.43
CA VAL A 10 -0.25 -3.46 -1.05
C VAL A 10 0.72 -2.96 -2.12
N THR A 11 1.56 -3.83 -2.62
CA THR A 11 2.54 -3.41 -3.66
C THR A 11 1.77 -2.88 -4.87
N LEU A 12 0.75 -3.58 -5.27
CA LEU A 12 -0.04 -3.13 -6.45
C LEU A 12 -0.70 -1.78 -6.12
N TYR A 13 -1.23 -1.65 -4.94
CA TYR A 13 -1.89 -0.37 -4.55
C TYR A 13 -0.88 0.78 -4.67
N LEU A 14 0.30 0.58 -4.16
CA LEU A 14 1.34 1.64 -4.23
C LEU A 14 1.90 1.72 -5.64
N LYS A 15 1.79 0.65 -6.39
CA LYS A 15 2.34 0.65 -7.78
C LYS A 15 1.60 1.67 -8.66
N HIS A 16 0.29 1.67 -8.63
CA HIS A 16 -0.47 2.63 -9.48
C HIS A 16 -0.54 4.00 -8.78
N ASN A 17 -0.64 4.01 -7.49
CA ASN A 17 -0.73 5.30 -6.75
C ASN A 17 0.57 6.08 -6.94
N ILE A 18 1.70 5.41 -6.89
CA ILE A 18 3.01 6.10 -7.03
C ILE A 18 3.79 5.48 -8.21
N PRO A 19 3.58 5.99 -9.41
CA PRO A 19 4.27 5.48 -10.63
C PRO A 19 5.79 5.49 -10.47
N ASP A 20 6.30 6.40 -9.68
CA ASP A 20 7.77 6.47 -9.46
C ASP A 20 8.17 5.41 -8.43
N PHE A 21 7.23 4.61 -8.02
CA PHE A 21 7.53 3.56 -7.01
C PHE A 21 8.68 2.67 -7.50
N ASN A 22 9.65 2.44 -6.65
CA ASN A 22 10.80 1.58 -7.01
C ASN A 22 10.63 0.20 -6.35
N THR A 23 10.68 0.15 -5.05
CA THR A 23 10.51 -1.15 -4.35
C THR A 23 9.87 -0.93 -2.97
N VAL A 24 9.38 -1.98 -2.36
CA VAL A 24 8.74 -1.86 -1.02
C VAL A 24 9.37 -2.87 -0.06
N THR A 25 9.68 -2.45 1.14
CA THR A 25 10.30 -3.38 2.13
C THR A 25 9.48 -3.37 3.42
N PHE A 26 9.03 -4.51 3.85
CA PHE A 26 8.22 -4.59 5.11
C PHE A 26 9.14 -4.95 6.27
N THR A 27 8.89 -4.40 7.43
CA THR A 27 9.75 -4.74 8.61
C THR A 27 8.86 -4.80 9.85
N ASN A 28 7.58 -4.94 9.66
CA ASN A 28 6.67 -5.02 10.84
C ASN A 28 5.39 -5.77 10.44
N GLU A 29 5.15 -6.90 11.03
CA GLU A 29 3.91 -7.68 10.70
C GLU A 29 3.33 -8.23 12.00
N GLU A 30 2.43 -7.49 12.61
CA GLU A 30 1.82 -7.95 13.90
C GLU A 30 0.32 -8.13 13.74
N PHE A 31 -0.24 -9.08 14.44
CA PHE A 31 -1.70 -9.33 14.33
C PHE A 31 -2.41 -8.63 15.50
N ASN A 32 -3.32 -7.74 15.20
CA ASN A 32 -4.06 -7.02 16.28
C ASN A 32 -5.47 -7.62 16.41
N PRO A 33 -6.09 -7.52 17.56
CA PRO A 33 -7.47 -8.05 17.76
C PRO A 33 -8.43 -7.58 16.66
N ILE A 34 -8.32 -6.34 16.26
CA ILE A 34 -9.19 -5.81 15.20
C ILE A 34 -8.84 -6.50 13.87
N GLY A 35 -7.58 -6.68 13.62
CA GLY A 35 -7.18 -7.33 12.34
C GLY A 35 -5.66 -7.47 12.29
N ILE A 36 -5.04 -6.97 11.24
CA ILE A 36 -3.55 -7.06 11.12
C ILE A 36 -2.97 -5.68 10.84
N SER A 37 -1.74 -5.45 11.25
CA SER A 37 -1.08 -4.13 11.01
C SER A 37 0.27 -4.37 10.34
N ILE A 38 0.47 -3.79 9.18
CA ILE A 38 1.76 -3.98 8.44
C ILE A 38 2.38 -2.61 8.17
N ASP A 39 3.65 -2.46 8.47
CA ASP A 39 4.33 -1.15 8.23
C ASP A 39 5.64 -1.38 7.48
N GLY A 40 6.05 -0.44 6.69
CA GLY A 40 7.32 -0.62 5.92
C GLY A 40 7.65 0.68 5.20
N TYR A 41 8.59 0.65 4.28
CA TYR A 41 8.96 1.89 3.55
C TYR A 41 9.27 1.57 2.09
N ILE A 42 9.30 2.58 1.25
CA ILE A 42 9.60 2.36 -0.20
C ILE A 42 10.84 3.16 -0.62
N ASN A 43 11.46 2.77 -1.71
CA ASN A 43 12.67 3.48 -2.19
C ASN A 43 13.74 3.46 -1.09
N ASN A 44 13.78 2.42 -0.30
CA ASN A 44 14.80 2.32 0.78
C ASN A 44 14.87 3.64 1.56
N ASP A 45 13.76 4.33 1.68
CA ASP A 45 13.76 5.62 2.44
C ASP A 45 12.98 5.44 3.74
N LYS A 46 13.68 5.43 4.84
CA LYS A 46 13.01 5.25 6.17
C LYS A 46 11.99 6.37 6.39
N ASN A 47 12.27 7.54 5.90
CA ASN A 47 11.32 8.67 6.08
C ASN A 47 10.01 8.33 5.35
N LEU A 48 10.10 7.71 4.21
CA LEU A 48 8.86 7.36 3.44
C LEU A 48 8.30 6.05 3.97
N SER A 49 7.63 6.10 5.10
CA SER A 49 7.04 4.86 5.69
C SER A 49 5.53 4.89 5.54
N PHE A 50 4.88 3.76 5.68
CA PHE A 50 3.41 3.72 5.55
C PHE A 50 2.86 2.56 6.37
N THR A 51 1.60 2.61 6.71
CA THR A 51 0.96 1.52 7.51
C THR A 51 -0.31 1.06 6.81
N ALA A 52 -0.51 -0.22 6.68
CA ALA A 52 -1.74 -0.74 6.00
C ALA A 52 -2.40 -1.80 6.88
N GLY A 53 -3.70 -1.83 6.92
CA GLY A 53 -4.43 -2.83 7.76
C GLY A 53 -5.41 -3.62 6.90
N LYS A 54 -5.32 -4.91 6.91
CA LYS A 54 -6.24 -5.76 6.12
C LYS A 54 -6.25 -5.33 4.65
N ASP A 55 -5.43 -5.96 3.86
CA ASP A 55 -5.35 -5.62 2.40
C ASP A 55 -5.14 -4.12 2.23
N VAL A 56 -6.19 -3.40 1.88
CA VAL A 56 -6.06 -1.93 1.66
C VAL A 56 -7.26 -1.25 2.32
N LYS A 57 -7.93 -1.94 3.20
CA LYS A 57 -9.12 -1.33 3.86
C LYS A 57 -8.68 -0.11 4.65
N ILE A 58 -7.59 -0.23 5.37
CA ILE A 58 -7.08 0.92 6.18
C ILE A 58 -5.66 1.25 5.74
N PHE A 59 -5.40 2.49 5.39
CA PHE A 59 -4.04 2.87 4.95
C PHE A 59 -3.68 4.23 5.55
N SER A 60 -2.51 4.35 6.13
CA SER A 60 -2.10 5.65 6.74
C SER A 60 -0.63 5.90 6.42
N SER A 61 -0.26 7.13 6.18
CA SER A 61 1.17 7.43 5.86
C SER A 61 1.49 8.88 6.24
N SER A 62 2.75 9.23 6.20
CA SER A 62 3.16 10.62 6.57
C SER A 62 2.85 11.59 5.44
N GLU A 63 3.01 12.87 5.70
CA GLU A 63 2.75 13.90 4.66
C GLU A 63 3.78 13.77 3.53
N GLU A 64 4.99 13.42 3.87
CA GLU A 64 6.04 13.28 2.82
C GLU A 64 5.60 12.24 1.78
N LEU A 65 5.32 11.05 2.22
CA LEU A 65 4.89 9.98 1.27
C LEU A 65 3.60 10.42 0.59
N ASP A 66 2.72 11.04 1.31
CA ASP A 66 1.43 11.48 0.72
C ASP A 66 1.70 12.28 -0.56
N LYS A 67 2.73 13.09 -0.57
CA LYS A 67 3.04 13.91 -1.77
C LYS A 67 3.31 13.00 -2.98
N MET A 68 3.83 11.84 -2.75
CA MET A 68 4.12 10.91 -3.88
C MET A 68 2.82 10.49 -4.56
N PHE A 69 1.77 10.33 -3.81
CA PHE A 69 0.48 9.89 -4.43
C PHE A 69 0.11 10.85 -5.57
N GLN A 70 -0.26 10.30 -6.70
CA GLN A 70 -0.65 11.14 -7.87
C GLN A 70 -2.17 11.32 -7.88
N GLU A 71 -2.88 10.28 -8.21
CA GLU A 71 -4.37 10.38 -8.27
C GLU A 71 -4.96 10.01 -6.90
N PRO A 72 -6.17 10.45 -6.61
CA PRO A 72 -6.84 10.12 -5.31
C PRO A 72 -6.74 8.63 -4.95
N ARG A 73 -6.90 8.32 -3.70
CA ARG A 73 -6.80 6.90 -3.26
C ARG A 73 -7.98 6.12 -3.83
N LYS A 74 -7.75 4.90 -4.24
CA LYS A 74 -8.84 4.06 -4.82
C LYS A 74 -8.84 2.68 -4.16
N GLY A 75 -10.00 2.11 -4.00
CA GLY A 75 -10.09 0.77 -3.36
C GLY A 75 -9.29 -0.25 -4.17
N TYR A 76 -8.87 -1.31 -3.53
CA TYR A 76 -8.09 -2.36 -4.24
C TYR A 76 -8.93 -2.95 -5.37
N ASP A 77 -10.16 -3.26 -5.09
CA ASP A 77 -11.05 -3.84 -6.15
C ASP A 77 -11.35 -2.78 -7.21
N GLU A 78 -11.44 -1.53 -6.80
CA GLU A 78 -11.75 -0.44 -7.78
C GLU A 78 -10.60 -0.28 -8.78
N ILE A 79 -9.38 -0.32 -8.33
CA ILE A 79 -8.24 -0.15 -9.27
C ILE A 79 -8.18 -1.35 -10.21
N LEU A 80 -8.47 -2.53 -9.73
CA LEU A 80 -8.43 -3.73 -10.61
C LEU A 80 -9.48 -3.57 -11.71
N GLU A 81 -10.64 -3.09 -11.37
CA GLU A 81 -11.70 -2.91 -12.39
C GLU A 81 -11.28 -1.82 -13.37
N HIS A 82 -10.68 -0.77 -12.87
CA HIS A 82 -10.22 0.34 -13.76
C HIS A 82 -11.41 0.93 -14.53
N HIS A 83 -11.93 0.21 -15.49
CA HIS A 83 -13.06 0.72 -16.30
C HIS A 83 -14.27 1.01 -15.42
N HIS A 84 -15.11 1.91 -15.83
CA HIS A 84 -16.32 2.25 -15.02
C HIS A 84 -17.45 2.70 -15.95
N HIS A 85 -18.65 2.75 -15.44
CA HIS A 85 -19.80 3.18 -16.29
C HIS A 85 -19.89 4.70 -16.28
N HIS A 86 -19.06 5.35 -17.07
CA HIS A 86 -19.09 6.85 -17.12
C HIS A 86 -19.21 7.43 -15.72
N HIS A 87 -20.41 7.65 -15.27
CA HIS A 87 -20.60 8.21 -13.91
C HIS A 87 -22.08 8.12 -13.54
N ALA A 1 1.78 -17.95 3.70
CA ALA A 1 1.07 -17.70 2.42
C ALA A 1 0.15 -16.48 2.56
N PHE A 2 -0.51 -16.37 3.68
CA PHE A 2 -1.43 -15.21 3.89
C PHE A 2 -0.65 -13.90 3.90
N PHE A 3 0.45 -13.87 4.61
CA PHE A 3 1.25 -12.61 4.68
C PHE A 3 1.78 -12.24 3.29
N ASN A 4 2.21 -13.23 2.54
CA ASN A 4 2.75 -12.95 1.18
C ASN A 4 1.66 -12.36 0.29
N GLU A 5 0.46 -12.86 0.38
CA GLU A 5 -0.65 -12.32 -0.48
C GLU A 5 -0.95 -10.87 -0.09
N GLN A 6 -0.93 -10.58 1.19
CA GLN A 6 -1.23 -9.19 1.65
C GLN A 6 -0.15 -8.23 1.15
N LYS A 7 1.08 -8.66 1.18
CA LYS A 7 2.19 -7.77 0.72
C LYS A 7 2.04 -7.48 -0.78
N GLU A 8 1.67 -8.46 -1.55
CA GLU A 8 1.52 -8.24 -3.01
C GLU A 8 0.37 -7.27 -3.28
N LYS A 9 -0.70 -7.38 -2.56
CA LYS A 9 -1.85 -6.44 -2.78
C LYS A 9 -1.42 -5.02 -2.47
N VAL A 10 -0.68 -4.85 -1.40
CA VAL A 10 -0.22 -3.49 -1.00
C VAL A 10 0.72 -2.93 -2.07
N THR A 11 1.61 -3.74 -2.55
CA THR A 11 2.59 -3.28 -3.58
C THR A 11 1.85 -2.83 -4.85
N LEU A 12 0.88 -3.59 -5.28
CA LEU A 12 0.14 -3.22 -6.52
C LEU A 12 -0.60 -1.89 -6.32
N TYR A 13 -1.24 -1.73 -5.20
CA TYR A 13 -2.00 -0.48 -4.93
C TYR A 13 -1.05 0.71 -4.90
N LEU A 14 0.06 0.58 -4.23
CA LEU A 14 1.04 1.71 -4.15
C LEU A 14 1.58 2.02 -5.53
N LYS A 15 1.86 1.01 -6.32
CA LYS A 15 2.42 1.27 -7.67
C LYS A 15 1.47 2.13 -8.51
N HIS A 16 0.20 1.84 -8.48
CA HIS A 16 -0.76 2.65 -9.29
C HIS A 16 -0.88 4.06 -8.71
N ASN A 17 -0.84 4.19 -7.41
CA ASN A 17 -0.95 5.55 -6.80
C ASN A 17 0.43 6.18 -6.70
N ILE A 18 1.45 5.44 -7.05
CA ILE A 18 2.84 5.98 -6.99
C ILE A 18 3.63 5.53 -8.23
N PRO A 19 3.75 6.37 -9.24
CA PRO A 19 4.49 6.02 -10.49
C PRO A 19 6.01 5.94 -10.26
N ASP A 20 6.46 6.47 -9.15
CA ASP A 20 7.91 6.45 -8.84
C ASP A 20 8.23 5.19 -8.04
N PHE A 21 7.27 4.33 -7.87
CA PHE A 21 7.52 3.08 -7.08
C PHE A 21 8.70 2.32 -7.67
N ASN A 22 9.64 1.94 -6.83
CA ASN A 22 10.84 1.19 -7.29
C ASN A 22 10.96 -0.10 -6.48
N THR A 23 11.02 0.02 -5.18
CA THR A 23 11.13 -1.20 -4.32
C THR A 23 10.39 -0.98 -3.00
N VAL A 24 9.99 -2.04 -2.36
CA VAL A 24 9.25 -1.91 -1.06
C VAL A 24 9.74 -2.97 -0.08
N THR A 25 9.87 -2.60 1.17
CA THR A 25 10.34 -3.56 2.21
C THR A 25 9.31 -3.61 3.34
N PHE A 26 8.87 -4.78 3.70
CA PHE A 26 7.86 -4.91 4.79
C PHE A 26 8.54 -5.24 6.12
N THR A 27 8.30 -4.44 7.13
CA THR A 27 8.93 -4.69 8.46
C THR A 27 7.91 -5.38 9.36
N ASN A 28 6.65 -5.36 8.97
CA ASN A 28 5.59 -6.02 9.79
C ASN A 28 5.56 -5.44 11.21
N GLU A 29 4.39 -5.40 11.81
CA GLU A 29 4.27 -4.86 13.20
C GLU A 29 3.30 -5.72 14.02
N GLU A 30 2.86 -5.20 15.12
CA GLU A 30 1.93 -5.96 16.00
C GLU A 30 0.61 -6.28 15.27
N PHE A 31 -0.42 -6.59 16.01
CA PHE A 31 -1.74 -6.93 15.37
C PHE A 31 -2.74 -5.80 15.60
N ASN A 32 -3.38 -5.37 14.54
CA ASN A 32 -4.36 -4.25 14.67
C ASN A 32 -5.76 -4.82 14.96
N PRO A 33 -6.63 -4.04 15.58
CA PRO A 33 -8.02 -4.48 15.90
C PRO A 33 -8.72 -5.09 14.66
N ILE A 34 -8.46 -4.54 13.51
CA ILE A 34 -9.09 -5.07 12.27
C ILE A 34 -8.55 -6.45 11.96
N GLY A 35 -7.27 -6.65 12.18
CA GLY A 35 -6.66 -7.97 11.90
C GLY A 35 -5.17 -7.93 12.19
N ILE A 36 -4.36 -7.73 11.18
CA ILE A 36 -2.88 -7.67 11.37
C ILE A 36 -2.34 -6.31 10.92
N SER A 37 -1.29 -5.85 11.54
CA SER A 37 -0.70 -4.52 11.16
C SER A 37 0.51 -4.74 10.27
N ILE A 38 0.53 -4.15 9.11
CA ILE A 38 1.67 -4.29 8.18
C ILE A 38 2.34 -2.94 7.98
N ASP A 39 3.64 -2.88 8.15
CA ASP A 39 4.38 -1.60 7.98
C ASP A 39 5.57 -1.82 7.06
N GLY A 40 5.99 -0.79 6.37
CA GLY A 40 7.15 -0.94 5.46
C GLY A 40 7.51 0.41 4.86
N TYR A 41 8.49 0.44 3.99
CA TYR A 41 8.92 1.71 3.35
C TYR A 41 9.32 1.47 1.90
N ILE A 42 9.39 2.52 1.11
CA ILE A 42 9.75 2.37 -0.33
C ILE A 42 11.00 3.21 -0.67
N ASN A 43 11.64 2.88 -1.75
CA ASN A 43 12.85 3.62 -2.18
C ASN A 43 13.90 3.56 -1.07
N ASN A 44 13.93 2.49 -0.34
CA ASN A 44 14.92 2.34 0.77
C ASN A 44 14.96 3.62 1.60
N ASP A 45 13.85 4.29 1.73
CA ASP A 45 13.79 5.54 2.53
C ASP A 45 12.91 5.32 3.76
N LYS A 46 13.50 5.32 4.92
CA LYS A 46 12.73 5.11 6.18
C LYS A 46 11.67 6.21 6.31
N ASN A 47 11.96 7.38 5.83
CA ASN A 47 10.99 8.50 5.93
C ASN A 47 9.72 8.13 5.15
N LEU A 48 9.88 7.49 4.02
CA LEU A 48 8.70 7.10 3.21
C LEU A 48 8.13 5.79 3.76
N SER A 49 7.49 5.85 4.90
CA SER A 49 6.92 4.62 5.52
C SER A 49 5.40 4.60 5.36
N PHE A 50 4.81 3.44 5.47
CA PHE A 50 3.34 3.32 5.33
C PHE A 50 2.83 2.19 6.23
N THR A 51 1.63 2.31 6.72
CA THR A 51 1.04 1.26 7.60
C THR A 51 -0.33 0.86 7.06
N ALA A 52 -0.59 -0.41 6.93
CA ALA A 52 -1.91 -0.88 6.40
C ALA A 52 -2.48 -1.97 7.29
N GLY A 53 -3.77 -1.94 7.53
CA GLY A 53 -4.40 -2.96 8.42
C GLY A 53 -5.06 -4.05 7.59
N LYS A 54 -4.54 -5.25 7.64
CA LYS A 54 -5.11 -6.41 6.90
C LYS A 54 -5.63 -5.98 5.51
N ASP A 55 -6.83 -5.46 5.45
CA ASP A 55 -7.41 -5.07 4.15
C ASP A 55 -6.83 -3.73 3.69
N VAL A 56 -6.27 -3.70 2.51
CA VAL A 56 -5.69 -2.44 1.98
C VAL A 56 -6.78 -1.37 1.90
N LYS A 57 -7.98 -1.71 2.28
CA LYS A 57 -9.09 -0.71 2.24
C LYS A 57 -8.76 0.45 3.18
N ILE A 58 -8.25 0.16 4.34
CA ILE A 58 -7.89 1.24 5.33
C ILE A 58 -6.39 1.22 5.57
N PHE A 59 -5.71 2.26 5.14
CA PHE A 59 -4.24 2.33 5.35
C PHE A 59 -3.83 3.77 5.69
N SER A 60 -2.69 3.91 6.32
CA SER A 60 -2.20 5.27 6.70
C SER A 60 -0.79 5.49 6.14
N SER A 61 -0.41 6.72 5.96
CA SER A 61 0.95 7.02 5.41
C SER A 61 1.43 8.36 5.95
N SER A 62 2.71 8.61 5.86
CA SER A 62 3.28 9.87 6.39
C SER A 62 3.00 11.02 5.42
N GLU A 63 3.29 12.22 5.86
CA GLU A 63 3.07 13.42 5.00
C GLU A 63 4.01 13.38 3.79
N GLU A 64 5.22 12.92 4.00
CA GLU A 64 6.20 12.85 2.87
C GLU A 64 5.71 11.85 1.82
N LEU A 65 5.16 10.75 2.27
CA LEU A 65 4.66 9.72 1.31
C LEU A 65 3.26 10.11 0.83
N ASP A 66 2.58 10.93 1.59
CA ASP A 66 1.20 11.35 1.20
C ASP A 66 1.25 12.21 -0.07
N LYS A 67 2.12 13.19 -0.11
CA LYS A 67 2.19 14.08 -1.30
C LYS A 67 2.63 13.28 -2.53
N MET A 68 3.29 12.18 -2.32
CA MET A 68 3.76 11.37 -3.48
C MET A 68 2.55 10.81 -4.24
N PHE A 69 1.48 10.52 -3.54
CA PHE A 69 0.28 9.95 -4.21
C PHE A 69 -0.16 10.85 -5.37
N GLN A 70 -0.59 10.24 -6.45
CA GLN A 70 -1.04 11.02 -7.63
C GLN A 70 -2.50 11.41 -7.46
N GLU A 71 -3.40 10.48 -7.66
CA GLU A 71 -4.86 10.80 -7.54
C GLU A 71 -5.38 10.35 -6.17
N PRO A 72 -6.44 10.97 -5.68
CA PRO A 72 -7.05 10.63 -4.37
C PRO A 72 -7.11 9.11 -4.11
N ARG A 73 -7.46 8.74 -2.90
CA ARG A 73 -7.53 7.29 -2.55
C ARG A 73 -8.64 6.62 -3.36
N LYS A 74 -8.32 5.50 -3.97
CA LYS A 74 -9.32 4.75 -4.80
C LYS A 74 -9.70 3.46 -4.08
N GLY A 75 -8.86 2.47 -4.13
CA GLY A 75 -9.16 1.19 -3.44
C GLY A 75 -8.53 0.02 -4.22
N TYR A 76 -8.10 -0.98 -3.52
CA TYR A 76 -7.46 -2.16 -4.19
C TYR A 76 -8.47 -2.81 -5.15
N ASP A 77 -9.68 -2.98 -4.71
CA ASP A 77 -10.71 -3.60 -5.59
C ASP A 77 -11.11 -2.61 -6.69
N GLU A 78 -10.97 -1.33 -6.42
CA GLU A 78 -11.34 -0.30 -7.44
C GLU A 78 -10.35 -0.34 -8.61
N ILE A 79 -9.08 -0.45 -8.32
CA ILE A 79 -8.07 -0.50 -9.41
C ILE A 79 -8.21 -1.81 -10.20
N LEU A 80 -8.52 -2.89 -9.53
CA LEU A 80 -8.65 -4.20 -10.25
C LEU A 80 -9.80 -4.11 -11.25
N GLU A 81 -10.89 -3.50 -10.86
CA GLU A 81 -12.05 -3.39 -11.79
C GLU A 81 -11.68 -2.43 -12.93
N HIS A 82 -10.96 -1.39 -12.62
CA HIS A 82 -10.57 -0.41 -13.67
C HIS A 82 -9.43 -0.98 -14.51
N HIS A 83 -9.57 -0.92 -15.81
CA HIS A 83 -8.51 -1.43 -16.73
C HIS A 83 -7.86 -0.26 -17.48
N HIS A 84 -6.56 -0.30 -17.63
CA HIS A 84 -5.86 0.79 -18.35
C HIS A 84 -5.93 0.54 -19.86
N HIS A 85 -6.36 -0.64 -20.24
CA HIS A 85 -6.46 -0.96 -21.70
C HIS A 85 -7.67 -0.26 -22.31
N HIS A 86 -7.53 0.19 -23.53
CA HIS A 86 -8.68 0.88 -24.20
C HIS A 86 -8.55 0.73 -25.72
N HIS A 87 -9.62 0.98 -26.43
CA HIS A 87 -9.59 0.86 -27.91
C HIS A 87 -8.79 2.04 -28.51
#